data_9NR5
#
_entry.id   9NR5
#
_cell.length_a   188.080
_cell.length_b   99.827
_cell.length_c   132.059
_cell.angle_alpha   90.00
_cell.angle_beta   126.19
_cell.angle_gamma   90.00
#
_symmetry.space_group_name_H-M   'C 1 2 1'
#
loop_
_entity.id
_entity.type
_entity.pdbx_description
1 polymer 'Hemagglutinin HA1'
2 polymer 'Hemagglutinin HA2'
3 branched 2-acetamido-2-deoxy-beta-D-glucopyranose-(1-4)-2-acetamido-2-deoxy-beta-D-glucopyranose
4 branched beta-D-mannopyranose-(1-4)-2-acetamido-2-deoxy-beta-D-glucopyranose-(1-4)-2-acetamido-2-deoxy-beta-D-glucopyranose
5 branched 'N-acetyl-alpha-neuraminic acid-(2-6)-beta-D-galactopyranose-(1-4)-2-acetamido-2-deoxy-beta-D-glucopyranose'
6 non-polymer 2-acetamido-2-deoxy-beta-D-glucopyranose
7 water water
#
loop_
_entity_poly.entity_id
_entity_poly.type
_entity_poly.pdbx_seq_one_letter_code
_entity_poly.pdbx_strand_id
1 'polypeptide(L)'
;PGDQICIGYHANNSTEQVDTIMEKNVTVTHAQDILEKTHNGRLCDLNGVKPLILKDCSVAGWLLGNPMCDEFIRVPEWSY
IVERTNPANDLCYPGNLNDYEELKHLLSRINHFEKTLIIPKSSWPNHETSGVSAACPYQGVPSFFRNVVWLTKKNDAYPT
IKMSYNNTNGEDLLILWGIHHSNNAAEQINLYKNPTTYVSVGTSTLNQRLVPKIATRSQVNGLQGRMDFFWTILKPNDAI
HFESNGNFIAPEYAYKIVKKGDSTIMKSEMEYGHCNTKCQTPIGAINSSMPFHNIHPLTIGECPKYVKSNKLVLATGLRN
SPLR
;
A,C,E
2 'polypeptide(L)'
;GLFGAIAGFIEGGWQGMVDGWYGYHHSNEQGSGYAADRESTQKAIDGVTNKVNSIIDKMNTQFEAVGREFNNLERRIENL
NKKMEDGFLDVWTYNAELLVLMENERTLDFHDSNVKNLYDKVRLQLRDNAKELGNGCFEFYHKCDNECMESVRNGTYDYP
QYSEEARLKREEISSGR
;
B,D,F
#
# COMPACT_ATOMS: atom_id res chain seq x y z
N PRO A 1 -18.09 -38.16 -52.46
CA PRO A 1 -16.97 -39.07 -52.70
C PRO A 1 -15.67 -38.34 -53.04
N GLY A 2 -15.55 -37.09 -52.60
CA GLY A 2 -14.36 -36.29 -52.87
C GLY A 2 -13.39 -36.28 -51.70
N ASP A 3 -12.11 -36.12 -52.02
CA ASP A 3 -11.08 -36.08 -51.00
C ASP A 3 -11.23 -34.86 -50.12
N GLN A 4 -10.79 -34.99 -48.87
CA GLN A 4 -10.98 -33.94 -47.88
C GLN A 4 -9.71 -33.76 -47.06
N ILE A 5 -9.37 -32.50 -46.78
CA ILE A 5 -8.37 -32.14 -45.78
C ILE A 5 -9.00 -31.14 -44.83
N CYS A 6 -8.72 -31.28 -43.54
CA CYS A 6 -9.39 -30.52 -42.50
C CYS A 6 -8.35 -29.86 -41.59
N ILE A 7 -8.77 -28.79 -40.92
CA ILE A 7 -7.95 -28.11 -39.93
C ILE A 7 -8.61 -28.27 -38.57
N GLY A 8 -7.82 -28.68 -37.58
CA GLY A 8 -8.36 -28.92 -36.25
C GLY A 8 -7.35 -28.71 -35.15
N TYR A 9 -7.72 -29.05 -33.92
CA TYR A 9 -6.88 -28.75 -32.78
C TYR A 9 -6.96 -29.90 -31.79
N HIS A 10 -5.96 -29.95 -30.91
CA HIS A 10 -5.80 -31.07 -29.99
C HIS A 10 -6.92 -31.09 -28.96
N ALA A 11 -7.28 -32.29 -28.53
CA ALA A 11 -8.20 -32.51 -27.42
C ALA A 11 -7.75 -33.75 -26.66
N ASN A 12 -7.93 -33.74 -25.35
CA ASN A 12 -7.46 -34.85 -24.51
C ASN A 12 -8.51 -35.12 -23.44
N ASN A 13 -8.11 -35.91 -22.43
CA ASN A 13 -9.00 -36.36 -21.38
C ASN A 13 -8.97 -35.46 -20.14
N SER A 14 -8.35 -34.30 -20.22
CA SER A 14 -8.21 -33.43 -19.06
C SER A 14 -9.56 -32.90 -18.61
N THR A 15 -9.76 -32.86 -17.29
CA THR A 15 -10.92 -32.21 -16.68
C THR A 15 -10.52 -30.95 -15.92
N GLU A 16 -9.32 -30.44 -16.15
CA GLU A 16 -8.90 -29.19 -15.53
C GLU A 16 -9.77 -28.04 -16.02
N GLN A 17 -10.15 -27.17 -15.09
CA GLN A 17 -11.06 -26.07 -15.38
C GLN A 17 -10.40 -24.74 -15.03
N VAL A 18 -10.68 -23.73 -15.85
CA VAL A 18 -10.26 -22.36 -15.60
C VAL A 18 -11.46 -21.44 -15.79
N ASP A 19 -11.34 -20.23 -15.26
CA ASP A 19 -12.34 -19.19 -15.43
C ASP A 19 -11.77 -18.10 -16.34
N THR A 20 -12.61 -17.52 -17.17
CA THR A 20 -12.23 -16.34 -17.94
C THR A 20 -13.05 -15.16 -17.49
N ILE A 21 -12.72 -13.98 -18.00
CA ILE A 21 -13.47 -12.78 -17.67
C ILE A 21 -14.92 -12.91 -18.09
N MET A 22 -15.22 -13.71 -19.11
CA MET A 22 -16.58 -13.83 -19.61
C MET A 22 -17.20 -15.20 -19.43
N GLU A 23 -16.40 -16.23 -19.13
CA GLU A 23 -16.92 -17.57 -18.92
C GLU A 23 -16.33 -18.14 -17.63
N LYS A 24 -17.09 -19.02 -17.00
CA LYS A 24 -16.64 -19.72 -15.81
C LYS A 24 -16.63 -21.21 -16.10
N ASN A 25 -15.69 -21.92 -15.46
CA ASN A 25 -15.60 -23.38 -15.53
C ASN A 25 -15.45 -23.85 -16.98
N VAL A 26 -14.37 -23.39 -17.61
CA VAL A 26 -14.01 -23.78 -18.97
C VAL A 26 -12.95 -24.88 -18.89
N THR A 27 -13.25 -26.04 -19.45
CA THR A 27 -12.31 -27.15 -19.45
C THR A 27 -11.22 -26.94 -20.49
N VAL A 28 -9.96 -27.02 -20.07
CA VAL A 28 -8.81 -26.79 -20.93
C VAL A 28 -7.93 -28.05 -20.93
N THR A 29 -7.20 -28.24 -22.04
CA THR A 29 -6.34 -29.41 -22.17
C THR A 29 -5.16 -29.37 -21.20
N HIS A 30 -4.72 -28.18 -20.80
CA HIS A 30 -3.65 -28.06 -19.82
C HIS A 30 -3.78 -26.73 -19.10
N ALA A 31 -3.32 -26.70 -17.86
CA ALA A 31 -3.43 -25.50 -17.03
C ALA A 31 -2.32 -25.53 -15.98
N GLN A 32 -2.06 -24.37 -15.39
CA GLN A 32 -0.99 -24.24 -14.42
C GLN A 32 -1.40 -23.25 -13.34
N ASP A 33 -1.33 -23.68 -12.07
CA ASP A 33 -1.60 -22.81 -10.94
C ASP A 33 -0.36 -21.99 -10.59
N ILE A 34 -0.57 -20.72 -10.26
CA ILE A 34 0.52 -19.83 -9.86
C ILE A 34 0.40 -19.40 -8.40
N LEU A 35 -0.47 -20.04 -7.63
CA LEU A 35 -0.65 -19.74 -6.21
C LEU A 35 0.02 -20.83 -5.38
N GLU A 36 0.98 -20.44 -4.54
CA GLU A 36 1.65 -21.40 -3.66
C GLU A 36 0.75 -21.77 -2.49
N LYS A 37 0.56 -23.06 -2.29
CA LYS A 37 -0.33 -23.55 -1.24
C LYS A 37 0.33 -24.63 -0.38
N THR A 38 1.65 -24.80 -0.48
CA THR A 38 2.34 -25.88 0.20
C THR A 38 3.49 -25.33 1.03
N HIS A 39 3.58 -25.76 2.28
CA HIS A 39 4.71 -25.49 3.14
C HIS A 39 5.28 -26.83 3.62
N ASN A 40 6.40 -26.77 4.33
CA ASN A 40 7.04 -27.96 4.86
C ASN A 40 6.68 -28.23 6.33
N GLY A 41 5.90 -27.35 6.96
CA GLY A 41 5.48 -27.57 8.33
C GLY A 41 6.60 -27.57 9.35
N ARG A 42 7.74 -26.94 9.04
CA ARG A 42 8.92 -27.00 9.89
C ARG A 42 9.51 -25.61 10.07
N LEU A 43 10.24 -25.43 11.17
CA LEU A 43 11.01 -24.22 11.42
C LEU A 43 12.41 -24.43 10.86
N CYS A 44 12.81 -23.60 9.90
CA CYS A 44 14.03 -23.80 9.14
C CYS A 44 15.03 -22.68 9.42
N ASP A 45 16.24 -22.87 8.91
CA ASP A 45 17.22 -21.80 8.86
C ASP A 45 16.81 -20.77 7.81
N LEU A 46 17.29 -19.56 7.98
CA LEU A 46 17.04 -18.48 7.05
C LEU A 46 18.35 -18.11 6.37
N ASN A 47 18.52 -18.57 5.13
CA ASN A 47 19.72 -18.28 4.34
C ASN A 47 20.98 -18.77 5.06
N GLY A 48 20.92 -20.01 5.55
CA GLY A 48 22.06 -20.64 6.18
C GLY A 48 22.33 -20.23 7.62
N VAL A 49 21.42 -19.49 8.24
CA VAL A 49 21.58 -19.04 9.62
C VAL A 49 20.41 -19.58 10.44
N LYS A 50 20.74 -20.28 11.52
CA LYS A 50 19.72 -20.92 12.34
C LYS A 50 18.99 -19.87 13.18
N PRO A 51 17.69 -20.06 13.43
CA PRO A 51 16.98 -19.15 14.33
C PRO A 51 17.25 -19.47 15.79
N LEU A 52 17.20 -18.42 16.61
CA LEU A 52 17.24 -18.58 18.07
C LEU A 52 15.86 -18.99 18.55
N ILE A 53 15.72 -20.24 18.98
CA ILE A 53 14.44 -20.77 19.43
C ILE A 53 14.46 -20.82 20.96
N LEU A 54 13.74 -19.89 21.59
CA LEU A 54 13.58 -19.90 23.04
C LEU A 54 12.44 -20.84 23.37
N LYS A 55 12.78 -22.01 23.94
CA LYS A 55 11.80 -23.07 24.10
C LYS A 55 10.62 -22.60 24.96
N ASP A 56 10.88 -22.32 26.24
CA ASP A 56 9.80 -21.97 27.16
C ASP A 56 10.05 -20.63 27.84
N CYS A 57 10.99 -19.84 27.33
CA CYS A 57 11.36 -18.58 27.95
C CYS A 57 11.10 -17.41 27.00
N SER A 58 10.76 -16.27 27.59
CA SER A 58 10.66 -15.01 26.87
C SER A 58 12.05 -14.41 26.69
N VAL A 59 12.13 -13.41 25.81
CA VAL A 59 13.41 -12.76 25.56
C VAL A 59 13.96 -12.14 26.85
N ALA A 60 13.09 -11.51 27.64
CA ALA A 60 13.54 -10.92 28.90
C ALA A 60 14.09 -11.99 29.83
N GLY A 61 13.36 -13.09 29.99
CA GLY A 61 13.82 -14.15 30.87
C GLY A 61 15.14 -14.75 30.41
N TRP A 62 15.28 -14.96 29.09
CA TRP A 62 16.52 -15.49 28.56
C TRP A 62 17.67 -14.50 28.75
N LEU A 63 17.42 -13.21 28.56
CA LEU A 63 18.46 -12.21 28.70
C LEU A 63 18.93 -12.09 30.16
N LEU A 64 17.97 -12.01 31.09
CA LEU A 64 18.31 -11.79 32.49
C LEU A 64 18.77 -13.05 33.20
N GLY A 65 18.55 -14.22 32.62
CA GLY A 65 18.96 -15.47 33.23
C GLY A 65 18.01 -15.96 34.29
N ASN A 66 16.74 -16.07 33.93
CA ASN A 66 15.77 -16.71 34.81
C ASN A 66 16.24 -18.12 35.13
N PRO A 67 16.32 -18.49 36.41
CA PRO A 67 16.83 -19.83 36.76
C PRO A 67 16.06 -20.96 36.11
N MET A 68 14.75 -20.79 35.88
CA MET A 68 13.98 -21.81 35.18
C MET A 68 14.32 -21.90 33.70
N CYS A 69 14.98 -20.88 33.15
CA CYS A 69 15.42 -20.94 31.75
C CYS A 69 16.60 -21.88 31.63
N ASP A 70 16.52 -22.81 30.67
CA ASP A 70 17.49 -23.89 30.55
C ASP A 70 18.91 -23.34 30.36
N GLU A 71 19.15 -22.72 29.20
CA GLU A 71 20.44 -22.17 28.78
C GLU A 71 20.42 -21.99 27.27
N PHE A 72 19.92 -22.99 26.56
CA PHE A 72 19.92 -23.05 25.10
C PHE A 72 21.32 -22.99 24.50
N ILE A 73 22.33 -23.29 25.31
CA ILE A 73 23.77 -23.27 24.97
C ILE A 73 24.17 -21.96 24.30
N ARG A 74 25.46 -21.80 24.00
CA ARG A 74 25.95 -20.59 23.36
C ARG A 74 25.61 -20.66 21.87
N VAL A 75 24.60 -19.88 21.47
CA VAL A 75 24.31 -19.64 20.06
C VAL A 75 24.86 -18.27 19.71
N PRO A 76 25.94 -18.18 18.93
CA PRO A 76 26.57 -16.88 18.66
C PRO A 76 25.96 -16.09 17.51
N GLU A 77 24.95 -16.63 16.83
CA GLU A 77 24.40 -15.97 15.65
C GLU A 77 23.03 -16.55 15.36
N TRP A 78 22.07 -15.69 15.00
CA TRP A 78 20.76 -16.16 14.58
C TRP A 78 20.16 -15.19 13.57
N SER A 79 19.23 -15.71 12.77
CA SER A 79 18.55 -14.91 11.76
C SER A 79 17.22 -14.35 12.25
N TYR A 80 16.53 -15.05 13.14
CA TYR A 80 15.30 -14.57 13.73
C TYR A 80 15.06 -15.32 15.03
N ILE A 81 14.12 -14.82 15.83
CA ILE A 81 13.81 -15.37 17.14
C ILE A 81 12.44 -16.01 17.11
N VAL A 82 12.33 -17.22 17.64
CA VAL A 82 11.04 -17.90 17.77
C VAL A 82 10.67 -17.94 19.24
N GLU A 83 9.53 -17.34 19.58
CA GLU A 83 8.93 -17.43 20.90
C GLU A 83 7.63 -18.22 20.80
N ARG A 84 7.28 -18.91 21.89
CA ARG A 84 5.95 -19.47 21.96
C ARG A 84 4.93 -18.35 22.17
N THR A 85 3.67 -18.67 21.88
CA THR A 85 2.63 -17.65 21.97
C THR A 85 2.49 -17.11 23.40
N ASN A 86 2.49 -18.00 24.39
CA ASN A 86 2.41 -17.61 25.80
C ASN A 86 3.55 -18.28 26.55
N PRO A 87 4.73 -17.67 26.56
CA PRO A 87 5.88 -18.31 27.23
C PRO A 87 5.63 -18.50 28.71
N ALA A 88 6.12 -19.63 29.23
CA ALA A 88 5.90 -19.95 30.64
C ALA A 88 6.88 -19.22 31.55
N ASN A 89 8.07 -18.89 31.06
CA ASN A 89 9.12 -18.30 31.87
C ASN A 89 9.49 -16.93 31.33
N ASP A 90 9.45 -15.94 32.22
CA ASP A 90 9.79 -14.55 31.95
C ASP A 90 10.38 -14.02 33.26
N LEU A 91 10.34 -12.71 33.47
CA LEU A 91 10.75 -12.18 34.77
C LEU A 91 10.07 -12.96 35.89
N CYS A 92 10.86 -13.74 36.63
CA CYS A 92 10.34 -14.54 37.72
C CYS A 92 10.08 -13.68 38.95
N TYR A 93 10.95 -12.73 39.22
CA TYR A 93 10.60 -11.63 40.11
C TYR A 93 9.75 -10.65 39.32
N PRO A 94 8.54 -10.33 39.76
CA PRO A 94 7.66 -9.47 38.96
C PRO A 94 8.25 -8.08 38.78
N GLY A 95 7.89 -7.45 37.67
CA GLY A 95 8.37 -6.12 37.34
C GLY A 95 8.18 -5.84 35.86
N ASN A 96 9.10 -5.05 35.31
CA ASN A 96 9.07 -4.70 33.90
C ASN A 96 10.50 -4.62 33.38
N LEU A 97 10.63 -4.80 32.07
CA LEU A 97 11.86 -4.49 31.34
C LEU A 97 11.58 -3.28 30.46
N ASN A 98 12.40 -2.24 30.59
CA ASN A 98 12.18 -0.99 29.88
C ASN A 98 12.47 -1.16 28.39
N ASP A 99 11.66 -0.51 27.56
CA ASP A 99 11.79 -0.55 26.11
C ASP A 99 11.90 -1.98 25.61
N TYR A 100 11.04 -2.85 26.16
CA TYR A 100 11.15 -4.28 25.91
C TYR A 100 11.01 -4.59 24.41
N GLU A 101 10.01 -3.99 23.76
CA GLU A 101 9.74 -4.30 22.37
C GLU A 101 10.83 -3.79 21.45
N GLU A 102 11.39 -2.62 21.77
CA GLU A 102 12.54 -2.12 21.01
C GLU A 102 13.76 -3.03 21.19
N LEU A 103 13.98 -3.50 22.42
CA LEU A 103 15.07 -4.44 22.67
C LEU A 103 14.86 -5.74 21.90
N LYS A 104 13.62 -6.24 21.89
CA LYS A 104 13.33 -7.47 21.16
C LYS A 104 13.57 -7.29 19.67
N HIS A 105 13.22 -6.13 19.14
CA HIS A 105 13.47 -5.87 17.72
C HIS A 105 14.97 -5.77 17.44
N LEU A 106 15.72 -5.16 18.36
CA LEU A 106 17.17 -5.04 18.20
C LEU A 106 17.85 -6.40 18.18
N LEU A 107 17.37 -7.34 18.98
CA LEU A 107 17.96 -8.67 19.06
C LEU A 107 17.36 -9.66 18.07
N SER A 108 16.45 -9.21 17.19
CA SER A 108 15.77 -10.14 16.30
C SER A 108 16.77 -10.84 15.38
N ARG A 109 17.77 -10.12 14.89
CA ARG A 109 18.81 -10.69 14.02
C ARG A 109 20.16 -10.18 14.49
N ILE A 110 21.06 -11.09 14.83
CA ILE A 110 22.34 -10.76 15.46
C ILE A 110 23.45 -11.52 14.74
N ASN A 111 24.52 -10.80 14.38
CA ASN A 111 25.65 -11.42 13.69
C ASN A 111 26.56 -12.17 14.66
N HIS A 112 26.89 -11.55 15.79
CA HIS A 112 27.68 -12.21 16.83
C HIS A 112 27.13 -11.86 18.20
N PHE A 113 27.02 -12.87 19.07
CA PHE A 113 26.47 -12.73 20.40
C PHE A 113 27.26 -13.59 21.37
N GLU A 114 27.73 -12.99 22.46
CA GLU A 114 28.54 -13.73 23.43
C GLU A 114 28.34 -13.16 24.82
N LYS A 115 27.89 -14.00 25.74
CA LYS A 115 27.76 -13.61 27.15
C LYS A 115 29.14 -13.43 27.77
N THR A 116 29.34 -12.31 28.47
CA THR A 116 30.62 -11.95 29.07
C THR A 116 30.40 -11.57 30.53
N LEU A 117 31.28 -12.05 31.40
CA LEU A 117 31.28 -11.65 32.80
C LEU A 117 32.04 -10.33 32.91
N ILE A 118 31.33 -9.26 33.27
CA ILE A 118 31.93 -7.94 33.29
C ILE A 118 32.11 -7.40 34.71
N ILE A 119 31.27 -7.80 35.66
CA ILE A 119 31.40 -7.38 37.05
C ILE A 119 31.19 -8.59 37.95
N PRO A 120 32.26 -9.26 38.37
CA PRO A 120 32.10 -10.42 39.25
C PRO A 120 31.62 -10.00 40.64
N LYS A 121 31.03 -10.96 41.34
CA LYS A 121 30.51 -10.69 42.68
C LYS A 121 31.60 -10.27 43.66
N SER A 122 32.85 -10.60 43.38
CA SER A 122 33.97 -10.19 44.23
C SER A 122 34.14 -8.67 44.26
N SER A 123 33.58 -7.95 43.27
CA SER A 123 33.69 -6.50 43.24
C SER A 123 32.79 -5.81 44.26
N TRP A 124 31.96 -6.58 44.98
CA TRP A 124 31.09 -6.01 46.01
C TRP A 124 31.53 -6.49 47.39
N PRO A 125 32.58 -5.89 47.97
CA PRO A 125 33.12 -6.42 49.22
C PRO A 125 32.35 -5.96 50.45
N ASN A 126 31.75 -4.78 50.39
CA ASN A 126 31.02 -4.20 51.51
C ASN A 126 29.52 -4.43 51.42
N HIS A 127 29.07 -5.28 50.50
CA HIS A 127 27.65 -5.55 50.31
C HIS A 127 27.42 -7.05 50.22
N GLU A 128 26.22 -7.46 50.61
CA GLU A 128 25.81 -8.85 50.47
C GLU A 128 25.28 -9.10 49.07
N THR A 129 25.75 -10.16 48.43
CA THR A 129 25.41 -10.47 47.04
C THR A 129 24.68 -11.80 46.90
N SER A 130 24.17 -12.35 48.00
CA SER A 130 23.56 -13.68 48.02
C SER A 130 22.05 -13.64 47.95
N GLY A 131 21.45 -12.50 47.62
CA GLY A 131 20.00 -12.38 47.60
C GLY A 131 19.32 -13.35 46.65
N VAL A 132 18.31 -14.05 47.16
CA VAL A 132 17.49 -14.96 46.36
C VAL A 132 16.03 -14.72 46.71
N SER A 133 15.15 -15.41 45.99
CA SER A 133 13.72 -15.28 46.23
C SER A 133 13.01 -16.56 45.82
N ALA A 134 11.90 -16.85 46.51
CA ALA A 134 11.11 -18.03 46.18
C ALA A 134 10.32 -17.85 44.88
N ALA A 135 10.16 -16.61 44.42
CA ALA A 135 9.52 -16.38 43.12
C ALA A 135 10.44 -16.74 41.97
N CYS A 136 11.73 -16.96 42.23
CA CYS A 136 12.71 -17.34 41.21
C CYS A 136 13.38 -18.65 41.62
N PRO A 137 12.64 -19.74 41.72
CA PRO A 137 13.22 -20.99 42.20
C PRO A 137 14.11 -21.63 41.15
N TYR A 138 15.04 -22.44 41.63
CA TYR A 138 15.83 -23.33 40.78
C TYR A 138 15.79 -24.71 41.42
N GLN A 139 15.16 -25.66 40.74
CA GLN A 139 14.99 -27.01 41.28
C GLN A 139 14.32 -26.97 42.65
N GLY A 140 13.31 -26.12 42.80
CA GLY A 140 12.55 -26.02 44.03
C GLY A 140 13.24 -25.25 45.14
N VAL A 141 14.34 -24.58 44.85
CA VAL A 141 15.14 -23.88 45.85
C VAL A 141 15.18 -22.42 45.45
N PRO A 142 15.02 -21.48 46.40
CA PRO A 142 15.04 -20.05 46.04
C PRO A 142 16.35 -19.66 45.37
N SER A 143 16.23 -18.87 44.32
CA SER A 143 17.38 -18.48 43.51
C SER A 143 17.11 -17.08 42.98
N PHE A 144 17.86 -16.67 41.96
CA PHE A 144 17.74 -15.33 41.39
C PHE A 144 18.20 -15.36 39.94
N PHE A 145 17.99 -14.24 39.26
CA PHE A 145 18.51 -14.08 37.90
C PHE A 145 20.02 -14.31 37.88
N ARG A 146 20.49 -15.08 36.91
CA ARG A 146 21.90 -15.48 36.87
C ARG A 146 22.82 -14.39 36.35
N ASN A 147 22.29 -13.36 35.69
CA ASN A 147 23.13 -12.35 35.06
C ASN A 147 23.12 -11.02 35.78
N VAL A 148 22.36 -10.89 36.87
CA VAL A 148 22.36 -9.70 37.71
C VAL A 148 22.48 -10.14 39.16
N VAL A 149 22.84 -9.19 40.01
CA VAL A 149 23.13 -9.44 41.42
C VAL A 149 22.21 -8.58 42.28
N TRP A 150 21.54 -9.21 43.24
CA TRP A 150 20.70 -8.51 44.21
C TRP A 150 21.58 -8.05 45.36
N LEU A 151 22.04 -6.80 45.31
CA LEU A 151 22.89 -6.25 46.36
C LEU A 151 22.04 -5.84 47.56
N THR A 152 22.46 -6.26 48.75
CA THR A 152 21.79 -5.89 49.98
C THR A 152 22.83 -5.52 51.03
N LYS A 153 22.35 -5.04 52.17
CA LYS A 153 23.23 -4.47 53.18
C LYS A 153 24.10 -5.55 53.83
N LYS A 154 25.25 -5.11 54.35
CA LYS A 154 26.21 -5.97 55.02
C LYS A 154 26.64 -5.30 56.32
N ASN A 155 26.57 -6.05 57.42
CA ASN A 155 26.97 -5.56 58.75
C ASN A 155 26.24 -4.26 59.12
N ASP A 156 24.93 -4.26 58.87
CA ASP A 156 24.08 -3.10 59.15
C ASP A 156 24.58 -1.85 58.43
N ALA A 157 24.92 -2.01 57.16
CA ALA A 157 25.43 -0.89 56.38
C ALA A 157 25.27 -1.18 54.90
N TYR A 158 24.91 -0.13 54.15
CA TYR A 158 24.93 -0.15 52.68
C TYR A 158 25.75 1.07 52.27
N PRO A 159 27.07 0.95 52.19
CA PRO A 159 27.89 2.08 51.72
C PRO A 159 27.51 2.46 50.31
N THR A 160 27.56 3.76 50.02
CA THR A 160 27.25 4.25 48.69
C THR A 160 28.21 3.65 47.67
N ILE A 161 27.65 3.14 46.57
CA ILE A 161 28.42 2.48 45.53
C ILE A 161 28.78 3.50 44.46
N LYS A 162 30.06 3.55 44.07
CA LYS A 162 30.52 4.38 42.97
C LYS A 162 31.45 3.50 42.12
N MET A 163 30.86 2.78 41.16
CA MET A 163 31.59 1.85 40.32
C MET A 163 31.51 2.29 38.86
N SER A 164 32.51 1.89 38.09
CA SER A 164 32.54 2.16 36.66
C SER A 164 33.13 0.96 35.96
N TYR A 165 32.78 0.78 34.69
CA TYR A 165 33.30 -0.32 33.89
C TYR A 165 33.53 0.18 32.48
N ASN A 166 34.77 0.01 31.99
CA ASN A 166 35.14 0.42 30.65
C ASN A 166 34.99 -0.76 29.71
N ASN A 167 34.28 -0.56 28.60
CA ASN A 167 34.04 -1.62 27.63
C ASN A 167 35.32 -1.86 26.84
N THR A 168 36.20 -2.71 27.41
CA THR A 168 37.50 -3.00 26.80
C THR A 168 37.39 -3.97 25.63
N ASN A 169 36.29 -4.71 25.51
CA ASN A 169 36.09 -5.59 24.37
C ASN A 169 35.94 -4.76 23.09
N GLY A 170 36.25 -5.38 21.97
CA GLY A 170 36.17 -4.68 20.70
C GLY A 170 34.80 -4.56 20.11
N GLU A 171 33.78 -5.09 20.79
CA GLU A 171 32.42 -5.14 20.29
C GLU A 171 31.51 -4.30 21.18
N ASP A 172 30.31 -4.03 20.67
CA ASP A 172 29.29 -3.37 21.47
C ASP A 172 28.83 -4.28 22.60
N LEU A 173 28.47 -3.66 23.72
CA LEU A 173 28.06 -4.39 24.91
C LEU A 173 26.62 -4.03 25.27
N LEU A 174 25.78 -5.04 25.40
CA LEU A 174 24.44 -4.87 25.94
C LEU A 174 24.49 -5.14 27.44
N ILE A 175 24.23 -4.10 28.23
CA ILE A 175 24.32 -4.17 29.68
C ILE A 175 22.91 -4.05 30.27
N LEU A 176 22.58 -4.97 31.18
CA LEU A 176 21.30 -5.01 31.85
C LEU A 176 21.48 -4.71 33.34
N TRP A 177 20.61 -3.86 33.89
CA TRP A 177 20.58 -3.60 35.33
C TRP A 177 19.14 -3.31 35.74
N GLY A 178 18.95 -3.07 37.03
CA GLY A 178 17.60 -2.83 37.51
C GLY A 178 17.56 -2.20 38.88
N ILE A 179 16.34 -1.85 39.30
CA ILE A 179 16.08 -1.30 40.61
C ILE A 179 14.91 -2.06 41.22
N HIS A 180 14.96 -2.25 42.54
CA HIS A 180 13.96 -3.02 43.27
C HIS A 180 13.06 -2.09 44.05
N HIS A 181 11.75 -2.28 43.93
CA HIS A 181 10.76 -1.49 44.67
C HIS A 181 10.26 -2.31 45.85
N SER A 182 10.50 -1.80 47.06
CA SER A 182 10.07 -2.49 48.28
C SER A 182 8.62 -2.14 48.62
N ASN A 183 8.05 -2.91 49.56
CA ASN A 183 6.64 -2.81 49.87
C ASN A 183 6.33 -1.88 51.04
N ASN A 184 7.28 -1.62 51.92
CA ASN A 184 7.03 -0.77 53.08
C ASN A 184 8.36 -0.25 53.61
N ALA A 185 8.26 0.76 54.48
CA ALA A 185 9.47 1.39 55.01
C ALA A 185 10.31 0.42 55.82
N ALA A 186 9.65 -0.46 56.58
CA ALA A 186 10.39 -1.43 57.41
C ALA A 186 11.20 -2.38 56.55
N GLU A 187 10.59 -2.92 55.49
CA GLU A 187 11.31 -3.84 54.61
C GLU A 187 12.46 -3.14 53.89
N GLN A 188 12.28 -1.86 53.54
CA GLN A 188 13.35 -1.10 52.90
C GLN A 188 14.57 -1.03 53.82
N ILE A 189 14.37 -0.74 55.10
CA ILE A 189 15.47 -0.72 56.05
C ILE A 189 16.01 -2.13 56.28
N ASN A 190 15.12 -3.14 56.26
CA ASN A 190 15.56 -4.51 56.50
C ASN A 190 16.57 -4.98 55.46
N LEU A 191 16.54 -4.43 54.26
CA LEU A 191 17.40 -4.87 53.17
C LEU A 191 18.55 -3.91 52.85
N TYR A 192 18.33 -2.60 52.94
CA TYR A 192 19.34 -1.62 52.55
C TYR A 192 19.69 -0.61 53.65
N LYS A 193 18.91 -0.53 54.73
CA LYS A 193 19.22 0.26 55.91
C LYS A 193 19.07 1.75 55.65
N ASN A 194 18.91 2.15 54.39
CA ASN A 194 18.77 3.55 54.02
C ASN A 194 17.32 3.81 53.60
N PRO A 195 16.61 4.70 54.28
CA PRO A 195 15.19 4.89 53.95
C PRO A 195 14.96 5.50 52.58
N THR A 196 15.87 6.34 52.09
CA THR A 196 15.72 7.02 50.81
C THR A 196 16.92 6.68 49.95
N THR A 197 16.70 5.91 48.89
CA THR A 197 17.77 5.44 48.02
C THR A 197 17.50 5.87 46.58
N TYR A 198 18.41 5.48 45.70
CA TYR A 198 18.34 5.82 44.29
C TYR A 198 19.39 5.01 43.54
N VAL A 199 19.26 4.99 42.21
CA VAL A 199 20.24 4.39 41.32
C VAL A 199 20.55 5.38 40.21
N SER A 200 21.83 5.70 40.03
CA SER A 200 22.29 6.62 39.00
C SER A 200 23.18 5.87 38.03
N VAL A 201 22.84 5.95 36.74
CA VAL A 201 23.59 5.27 35.69
C VAL A 201 23.98 6.30 34.64
N GLY A 202 25.24 6.27 34.22
CA GLY A 202 25.72 7.23 33.26
C GLY A 202 26.70 6.68 32.25
N THR A 203 26.58 7.12 31.01
CA THR A 203 27.49 6.78 29.92
C THR A 203 27.78 8.05 29.13
N SER A 204 28.33 7.89 27.93
CA SER A 204 28.50 9.04 27.05
C SER A 204 27.17 9.59 26.56
N THR A 205 26.11 8.79 26.57
CA THR A 205 24.78 9.20 26.13
C THR A 205 23.71 9.06 27.21
N LEU A 206 23.86 8.14 28.15
CA LEU A 206 22.81 7.83 29.10
C LEU A 206 22.99 8.62 30.39
N ASN A 207 21.91 9.24 30.86
CA ASN A 207 21.90 10.00 32.11
C ASN A 207 20.62 9.60 32.83
N GLN A 208 20.71 8.58 33.69
CA GLN A 208 19.55 7.96 34.30
C GLN A 208 19.62 8.09 35.81
N ARG A 209 18.46 8.28 36.43
CA ARG A 209 18.37 8.35 37.89
C ARG A 209 17.04 7.76 38.31
N LEU A 210 17.08 6.58 38.92
CA LEU A 210 15.87 5.89 39.35
C LEU A 210 15.71 6.01 40.85
N VAL A 211 14.46 6.02 41.30
CA VAL A 211 14.12 6.09 42.71
C VAL A 211 13.10 5.00 43.02
N PRO A 212 13.26 4.25 44.10
CA PRO A 212 12.28 3.21 44.44
C PRO A 212 10.93 3.80 44.79
N LYS A 213 9.88 3.05 44.46
CA LYS A 213 8.50 3.43 44.74
C LYS A 213 7.98 2.47 45.81
N ILE A 214 8.04 2.90 47.07
CA ILE A 214 7.70 2.07 48.21
C ILE A 214 6.22 2.25 48.48
N ALA A 215 5.41 1.31 48.00
CA ALA A 215 3.96 1.39 48.14
C ALA A 215 3.38 0.00 48.07
N THR A 216 2.13 -0.12 48.48
CA THR A 216 1.44 -1.41 48.46
C THR A 216 1.08 -1.80 47.03
N ARG A 217 1.26 -3.09 46.74
CA ARG A 217 0.94 -3.64 45.42
C ARG A 217 0.30 -5.01 45.59
N SER A 218 -0.38 -5.46 44.53
CA SER A 218 -0.96 -6.79 44.54
C SER A 218 0.12 -7.85 44.32
N GLN A 219 -0.12 -9.04 44.85
CA GLN A 219 0.89 -10.10 44.78
C GLN A 219 0.96 -10.69 43.39
N VAL A 220 2.18 -10.84 42.87
CA VAL A 220 2.45 -11.55 41.62
C VAL A 220 3.58 -12.52 41.90
N ASN A 221 3.34 -13.81 41.61
CA ASN A 221 4.27 -14.88 41.97
C ASN A 221 4.59 -14.86 43.47
N GLY A 222 3.56 -14.60 44.28
CA GLY A 222 3.73 -14.55 45.72
C GLY A 222 4.36 -13.29 46.27
N LEU A 223 4.63 -12.29 45.42
CA LEU A 223 5.43 -11.15 45.80
C LEU A 223 4.68 -9.85 45.51
N GLN A 224 4.71 -8.93 46.48
CA GLN A 224 4.26 -7.57 46.26
C GLN A 224 5.36 -6.65 45.76
N GLY A 225 6.62 -7.07 45.87
CA GLY A 225 7.70 -6.28 45.35
C GLY A 225 7.80 -6.34 43.84
N ARG A 226 8.55 -5.40 43.27
CA ARG A 226 8.78 -5.34 41.84
C ARG A 226 10.24 -5.02 41.58
N MET A 227 10.72 -5.48 40.42
CA MET A 227 12.05 -5.12 39.95
C MET A 227 11.93 -4.57 38.53
N ASP A 228 12.32 -3.31 38.35
CA ASP A 228 12.27 -2.66 37.06
C ASP A 228 13.68 -2.69 36.45
N PHE A 229 13.79 -3.23 35.24
CA PHE A 229 15.06 -3.44 34.59
C PHE A 229 15.21 -2.50 33.38
N PHE A 230 16.45 -2.09 33.13
CA PHE A 230 16.78 -1.14 32.08
C PHE A 230 18.01 -1.64 31.34
N TRP A 231 18.32 -1.00 30.21
CA TRP A 231 19.42 -1.46 29.38
C TRP A 231 20.03 -0.29 28.61
N THR A 232 21.21 -0.57 28.05
CA THR A 232 21.91 0.37 27.20
C THR A 232 22.92 -0.40 26.36
N ILE A 233 23.38 0.22 25.29
CA ILE A 233 24.41 -0.34 24.44
C ILE A 233 25.67 0.47 24.70
N LEU A 234 26.60 -0.11 25.46
CA LEU A 234 27.87 0.53 25.76
C LEU A 234 28.80 0.35 24.57
N LYS A 235 29.15 1.46 23.92
CA LYS A 235 30.00 1.38 22.75
C LYS A 235 31.43 1.05 23.15
N PRO A 236 32.23 0.50 22.23
CA PRO A 236 33.62 0.16 22.58
C PRO A 236 34.38 1.39 23.08
N ASN A 237 35.22 1.16 24.09
CA ASN A 237 36.04 2.18 24.75
C ASN A 237 35.18 3.23 25.47
N ASP A 238 33.93 2.91 25.75
CA ASP A 238 33.09 3.75 26.59
C ASP A 238 32.93 3.10 27.96
N ALA A 239 32.68 3.93 28.97
CA ALA A 239 32.56 3.46 30.34
C ALA A 239 31.18 3.82 30.88
N ILE A 240 30.56 2.87 31.58
CA ILE A 240 29.30 3.08 32.25
C ILE A 240 29.57 3.22 33.75
N HIS A 241 28.96 4.23 34.37
CA HIS A 241 29.21 4.56 35.76
C HIS A 241 27.95 4.28 36.58
N PHE A 242 28.07 3.37 37.56
CA PHE A 242 26.98 3.04 38.45
C PHE A 242 27.15 3.74 39.79
N GLU A 243 26.02 4.10 40.40
CA GLU A 243 26.03 4.91 41.61
C GLU A 243 24.72 4.66 42.35
N SER A 244 24.81 4.08 43.54
CA SER A 244 23.61 3.77 44.29
C SER A 244 23.93 3.64 45.77
N ASN A 245 22.91 3.89 46.59
CA ASN A 245 22.96 3.63 48.03
C ASN A 245 21.83 2.68 48.46
N GLY A 246 21.36 1.83 47.56
CA GLY A 246 20.33 0.87 47.89
C GLY A 246 19.47 0.53 46.69
N ASN A 247 18.74 -0.57 46.82
CA ASN A 247 17.74 -1.03 45.85
C ASN A 247 18.32 -1.27 44.46
N PHE A 248 19.64 -1.45 44.37
CA PHE A 248 20.33 -1.60 43.10
C PHE A 248 20.49 -3.08 42.77
N ILE A 249 20.04 -3.48 41.59
CA ILE A 249 20.24 -4.83 41.08
C ILE A 249 21.38 -4.73 40.07
N ALA A 250 22.60 -5.07 40.51
CA ALA A 250 23.81 -4.79 39.75
C ALA A 250 23.97 -5.73 38.56
N PRO A 251 24.53 -5.25 37.46
CA PRO A 251 24.90 -6.15 36.37
C PRO A 251 26.04 -7.06 36.78
N GLU A 252 25.94 -8.34 36.38
CA GLU A 252 27.01 -9.29 36.54
C GLU A 252 27.55 -9.76 35.20
N TYR A 253 26.67 -10.27 34.34
CA TYR A 253 27.01 -10.63 32.97
C TYR A 253 26.47 -9.58 32.01
N ALA A 254 27.16 -9.43 30.88
CA ALA A 254 26.70 -8.57 29.78
C ALA A 254 26.97 -9.31 28.49
N TYR A 255 26.48 -8.75 27.38
CA TYR A 255 26.49 -9.45 26.10
C TYR A 255 27.25 -8.65 25.06
N LYS A 256 28.27 -9.26 24.47
CA LYS A 256 28.88 -8.71 23.26
C LYS A 256 27.92 -8.89 22.10
N ILE A 257 27.69 -7.83 21.34
CA ILE A 257 26.65 -7.83 20.31
C ILE A 257 27.16 -7.17 19.04
N VAL A 258 26.91 -7.81 17.90
CA VAL A 258 27.17 -7.25 16.58
C VAL A 258 25.89 -7.34 15.77
N LYS A 259 25.46 -6.21 15.22
CA LYS A 259 24.23 -6.15 14.44
C LYS A 259 24.51 -5.54 13.07
N LYS A 260 24.14 -6.27 12.02
CA LYS A 260 24.21 -5.76 10.67
C LYS A 260 22.93 -6.01 9.86
N GLY A 261 21.94 -6.68 10.46
CA GLY A 261 20.69 -6.92 9.76
C GLY A 261 19.52 -6.85 10.73
N ASP A 262 18.31 -6.83 10.16
CA ASP A 262 17.09 -6.68 10.92
C ASP A 262 16.13 -7.83 10.61
N SER A 263 15.26 -8.11 11.56
CA SER A 263 14.33 -9.23 11.48
C SER A 263 13.16 -8.91 12.41
N THR A 264 12.39 -9.93 12.78
CA THR A 264 11.33 -9.75 13.76
C THR A 264 11.24 -11.00 14.63
N ILE A 265 10.45 -10.88 15.70
CA ILE A 265 10.09 -12.02 16.54
C ILE A 265 8.98 -12.80 15.85
N MET A 266 9.11 -14.12 15.82
CA MET A 266 8.09 -14.99 15.27
C MET A 266 7.43 -15.77 16.40
N LYS A 267 6.10 -15.72 16.46
CA LYS A 267 5.32 -16.44 17.46
C LYS A 267 4.95 -17.80 16.88
N SER A 268 5.55 -18.86 17.42
CA SER A 268 5.29 -20.19 16.90
C SER A 268 5.58 -21.23 17.98
N GLU A 269 4.78 -22.29 17.97
CA GLU A 269 4.98 -23.41 18.88
C GLU A 269 5.81 -24.53 18.28
N MET A 270 6.16 -24.43 17.00
CA MET A 270 6.83 -25.52 16.32
C MET A 270 8.30 -25.63 16.77
N GLU A 271 8.91 -26.74 16.40
CA GLU A 271 10.29 -27.05 16.77
C GLU A 271 11.20 -26.93 15.56
N TYR A 272 12.50 -26.91 15.83
CA TYR A 272 13.50 -26.84 14.77
C TYR A 272 13.37 -28.04 13.84
N GLY A 273 13.52 -27.80 12.54
CA GLY A 273 13.27 -28.83 11.55
C GLY A 273 14.48 -29.27 10.75
N HIS A 274 15.65 -28.71 11.08
CA HIS A 274 16.91 -29.07 10.42
C HIS A 274 16.81 -28.92 8.91
N CYS A 275 16.40 -27.73 8.49
CA CYS A 275 16.13 -27.41 7.10
C CYS A 275 16.56 -25.98 6.81
N ASN A 276 16.59 -25.62 5.53
CA ASN A 276 16.95 -24.28 5.11
C ASN A 276 15.87 -23.74 4.19
N THR A 277 15.68 -22.43 4.21
CA THR A 277 14.66 -21.79 3.40
C THR A 277 14.99 -20.32 3.23
N LYS A 278 14.34 -19.72 2.24
CA LYS A 278 14.37 -18.27 2.08
C LYS A 278 13.11 -17.61 2.61
N CYS A 279 12.12 -18.39 3.02
CA CYS A 279 10.81 -17.86 3.42
C CYS A 279 10.24 -18.72 4.52
N GLN A 280 10.03 -18.13 5.69
CA GLN A 280 9.54 -18.85 6.86
C GLN A 280 8.22 -18.26 7.34
N THR A 281 7.27 -19.14 7.64
CA THR A 281 6.00 -18.80 8.26
C THR A 281 5.86 -19.54 9.58
N PRO A 282 5.00 -19.07 10.48
CA PRO A 282 4.88 -19.75 11.79
C PRO A 282 4.41 -21.19 11.72
N ILE A 283 3.85 -21.63 10.58
CA ILE A 283 3.41 -23.02 10.42
C ILE A 283 4.23 -23.77 9.39
N GLY A 284 5.25 -23.16 8.81
CA GLY A 284 6.08 -23.87 7.86
C GLY A 284 6.86 -22.92 6.97
N ALA A 285 7.80 -23.50 6.24
CA ALA A 285 8.65 -22.77 5.31
C ALA A 285 8.17 -22.95 3.88
N ILE A 286 8.47 -21.98 3.02
CA ILE A 286 8.01 -21.96 1.63
C ILE A 286 9.22 -21.99 0.73
N ASN A 287 9.29 -22.99 -0.14
CA ASN A 287 10.27 -23.05 -1.23
C ASN A 287 9.48 -22.91 -2.52
N SER A 288 9.52 -21.73 -3.11
CA SER A 288 8.66 -21.47 -4.26
C SER A 288 9.24 -20.35 -5.12
N SER A 289 8.85 -20.36 -6.39
CA SER A 289 9.06 -19.25 -7.29
C SER A 289 7.74 -18.61 -7.73
N MET A 290 6.62 -19.13 -7.24
CA MET A 290 5.31 -18.60 -7.61
C MET A 290 5.11 -17.19 -7.05
N PRO A 291 4.42 -16.32 -7.78
CA PRO A 291 4.29 -14.93 -7.33
C PRO A 291 3.36 -14.73 -6.15
N PHE A 292 2.45 -15.67 -5.86
CA PHE A 292 1.47 -15.50 -4.80
C PHE A 292 1.39 -16.76 -3.95
N HIS A 293 1.00 -16.58 -2.69
CA HIS A 293 0.75 -17.68 -1.77
C HIS A 293 -0.41 -17.31 -0.87
N ASN A 294 -0.90 -18.32 -0.14
CA ASN A 294 -1.99 -18.11 0.82
C ASN A 294 -1.73 -18.85 2.13
N ILE A 295 -0.45 -19.06 2.47
CA ILE A 295 -0.12 -19.87 3.64
C ILE A 295 -0.43 -19.12 4.94
N HIS A 296 0.16 -17.95 5.11
CA HIS A 296 0.16 -17.23 6.37
C HIS A 296 0.62 -15.81 6.13
N PRO A 297 0.06 -14.81 6.83
CA PRO A 297 0.50 -13.43 6.61
C PRO A 297 1.79 -13.05 7.31
N LEU A 298 2.16 -13.71 8.41
CA LEU A 298 3.32 -13.29 9.19
C LEU A 298 4.57 -14.04 8.72
N THR A 299 5.06 -13.65 7.55
CA THR A 299 6.19 -14.31 6.92
C THR A 299 7.49 -13.56 7.17
N ILE A 300 8.59 -14.30 7.14
CA ILE A 300 9.92 -13.73 7.31
C ILE A 300 10.78 -14.23 6.15
N GLY A 301 11.38 -13.29 5.43
CA GLY A 301 12.22 -13.64 4.29
C GLY A 301 11.75 -13.05 2.98
N GLU A 302 12.15 -13.66 1.87
CA GLU A 302 11.73 -13.26 0.53
C GLU A 302 10.61 -14.21 0.10
N CYS A 303 9.38 -13.72 0.16
CA CYS A 303 8.20 -14.56 0.03
C CYS A 303 7.31 -14.05 -1.09
N PRO A 304 6.45 -14.90 -1.63
CA PRO A 304 5.43 -14.42 -2.56
C PRO A 304 4.47 -13.48 -1.87
N LYS A 305 3.73 -12.71 -2.67
CA LYS A 305 2.74 -11.80 -2.11
C LYS A 305 1.56 -12.59 -1.57
N TYR A 306 1.17 -12.27 -0.33
CA TYR A 306 0.06 -12.96 0.31
C TYR A 306 -1.26 -12.48 -0.28
N VAL A 307 -2.15 -13.43 -0.60
CA VAL A 307 -3.47 -13.12 -1.12
C VAL A 307 -4.51 -13.98 -0.42
N LYS A 308 -5.76 -13.56 -0.53
CA LYS A 308 -6.90 -14.35 -0.04
C LYS A 308 -7.53 -15.02 -1.26
N SER A 309 -7.01 -16.20 -1.60
CA SER A 309 -7.50 -16.94 -2.75
C SER A 309 -7.21 -18.42 -2.52
N ASN A 310 -7.97 -19.26 -3.24
CA ASN A 310 -7.76 -20.70 -3.17
C ASN A 310 -7.08 -21.27 -4.40
N LYS A 311 -7.12 -20.57 -5.53
CA LYS A 311 -6.46 -21.03 -6.74
C LYS A 311 -6.29 -19.85 -7.69
N LEU A 312 -5.18 -19.83 -8.42
CA LEU A 312 -4.94 -18.90 -9.51
C LEU A 312 -4.47 -19.72 -10.71
N VAL A 313 -5.41 -20.27 -11.46
CA VAL A 313 -5.14 -21.31 -12.45
C VAL A 313 -5.07 -20.65 -13.82
N LEU A 314 -3.86 -20.56 -14.37
CA LEU A 314 -3.67 -20.02 -15.71
C LEU A 314 -3.90 -21.10 -16.75
N ALA A 315 -4.70 -20.79 -17.75
CA ALA A 315 -4.86 -21.71 -18.88
C ALA A 315 -3.61 -21.68 -19.74
N THR A 316 -3.12 -22.86 -20.11
CA THR A 316 -2.05 -22.98 -21.09
C THR A 316 -2.49 -23.69 -22.36
N GLY A 317 -3.32 -24.72 -22.26
CA GLY A 317 -3.79 -25.45 -23.41
C GLY A 317 -5.01 -24.79 -24.04
N LEU A 318 -5.70 -25.58 -24.86
CA LEU A 318 -6.84 -25.11 -25.64
C LEU A 318 -8.14 -25.39 -24.91
N ARG A 319 -9.22 -24.79 -25.40
CA ARG A 319 -10.56 -25.09 -24.91
C ARG A 319 -10.88 -26.54 -25.26
N ASN A 320 -10.90 -27.40 -24.25
CA ASN A 320 -11.10 -28.82 -24.46
C ASN A 320 -12.56 -29.14 -24.73
N SER A 321 -12.80 -30.16 -25.54
CA SER A 321 -14.15 -30.59 -25.87
C SER A 321 -14.33 -32.09 -25.68
N GLY B 1 -15.21 -18.09 -29.62
CA GLY B 1 -14.05 -17.24 -29.44
C GLY B 1 -14.07 -16.03 -30.34
N LEU B 2 -13.14 -15.09 -30.11
CA LEU B 2 -13.10 -13.86 -30.89
C LEU B 2 -12.98 -14.17 -32.37
N PHE B 3 -12.09 -15.09 -32.72
CA PHE B 3 -12.02 -15.60 -34.08
C PHE B 3 -12.97 -16.78 -34.22
N GLY B 4 -13.26 -17.17 -35.45
CA GLY B 4 -14.37 -18.07 -35.61
C GLY B 4 -14.10 -19.55 -35.47
N ALA B 5 -12.87 -19.96 -35.17
CA ALA B 5 -12.48 -21.35 -35.36
C ALA B 5 -12.82 -22.26 -34.18
N ILE B 6 -12.22 -22.01 -33.01
CA ILE B 6 -12.34 -22.95 -31.91
C ILE B 6 -13.75 -22.85 -31.31
N ALA B 7 -14.42 -24.01 -31.23
CA ALA B 7 -15.83 -24.07 -30.81
C ALA B 7 -16.69 -23.17 -31.67
N GLY B 8 -16.26 -22.97 -32.92
CA GLY B 8 -16.97 -22.15 -33.89
C GLY B 8 -17.33 -22.97 -35.11
N PHE B 9 -16.78 -22.61 -36.27
CA PHE B 9 -17.06 -23.41 -37.45
C PHE B 9 -16.34 -24.76 -37.39
N ILE B 10 -15.32 -24.89 -36.55
CA ILE B 10 -14.76 -26.19 -36.19
C ILE B 10 -15.33 -26.56 -34.83
N GLU B 11 -16.34 -27.44 -34.83
CA GLU B 11 -17.12 -27.73 -33.63
C GLU B 11 -16.44 -28.83 -32.80
N GLY B 12 -15.29 -28.48 -32.24
CA GLY B 12 -14.62 -29.38 -31.32
C GLY B 12 -13.23 -29.80 -31.72
N GLY B 13 -12.38 -30.12 -30.73
CA GLY B 13 -11.04 -30.59 -31.00
C GLY B 13 -10.99 -32.09 -31.27
N TRP B 14 -9.84 -32.52 -31.78
CA TRP B 14 -9.64 -33.90 -32.19
C TRP B 14 -8.96 -34.68 -31.07
N GLN B 15 -9.67 -35.65 -30.51
CA GLN B 15 -9.05 -36.53 -29.53
C GLN B 15 -7.96 -37.39 -30.17
N GLY B 16 -8.08 -37.67 -31.47
CA GLY B 16 -7.15 -38.54 -32.18
C GLY B 16 -5.84 -37.89 -32.58
N MET B 17 -5.69 -36.59 -32.37
CA MET B 17 -4.44 -35.89 -32.65
C MET B 17 -3.65 -35.79 -31.35
N VAL B 18 -2.70 -36.72 -31.16
CA VAL B 18 -1.92 -36.76 -29.93
C VAL B 18 -0.66 -35.91 -30.00
N ASP B 19 -0.18 -35.59 -31.20
CA ASP B 19 0.97 -34.71 -31.37
C ASP B 19 0.49 -33.34 -31.86
N GLY B 20 1.09 -32.28 -31.31
CA GLY B 20 0.80 -30.94 -31.78
C GLY B 20 -0.49 -30.34 -31.23
N TRP B 21 -0.53 -29.01 -31.16
CA TRP B 21 -1.73 -28.32 -30.72
C TRP B 21 -2.71 -28.13 -31.86
N TYR B 22 -2.19 -27.84 -33.05
CA TYR B 22 -2.98 -27.64 -34.25
C TYR B 22 -2.41 -28.48 -35.39
N GLY B 23 -3.28 -28.90 -36.29
CA GLY B 23 -2.81 -29.65 -37.43
C GLY B 23 -3.97 -30.03 -38.33
N TYR B 24 -3.71 -31.02 -39.17
CA TYR B 24 -4.60 -31.37 -40.25
C TYR B 24 -5.08 -32.81 -40.13
N HIS B 25 -6.25 -33.08 -40.72
CA HIS B 25 -6.75 -34.43 -40.92
C HIS B 25 -7.10 -34.58 -42.39
N HIS B 26 -6.61 -35.64 -43.01
CA HIS B 26 -6.82 -35.87 -44.43
C HIS B 26 -7.59 -37.17 -44.63
N SER B 27 -8.33 -37.23 -45.73
CA SER B 27 -9.03 -38.43 -46.14
C SER B 27 -8.96 -38.49 -47.65
N ASN B 28 -8.43 -39.59 -48.19
CA ASN B 28 -8.38 -39.79 -49.62
C ASN B 28 -8.50 -41.29 -49.91
N GLU B 29 -8.21 -41.67 -51.15
CA GLU B 29 -8.30 -43.07 -51.54
C GLU B 29 -7.27 -43.92 -50.80
N GLN B 30 -6.06 -43.39 -50.61
CA GLN B 30 -5.02 -44.13 -49.89
C GLN B 30 -5.42 -44.42 -48.45
N GLY B 31 -5.99 -43.45 -47.76
CA GLY B 31 -6.38 -43.65 -46.37
C GLY B 31 -6.66 -42.34 -45.68
N SER B 32 -6.50 -42.35 -44.35
CA SER B 32 -6.75 -41.16 -43.55
C SER B 32 -5.80 -41.13 -42.36
N GLY B 33 -5.67 -39.94 -41.78
CA GLY B 33 -4.81 -39.78 -40.62
C GLY B 33 -4.66 -38.33 -40.22
N TYR B 34 -4.00 -38.12 -39.08
CA TYR B 34 -3.72 -36.82 -38.53
C TYR B 34 -2.25 -36.45 -38.73
N ALA B 35 -1.98 -35.16 -38.81
CA ALA B 35 -0.62 -34.65 -38.96
C ALA B 35 -0.57 -33.25 -38.39
N ALA B 36 0.31 -33.06 -37.41
CA ALA B 36 0.38 -31.78 -36.71
C ALA B 36 1.25 -30.78 -37.47
N ASP B 37 0.90 -29.51 -37.36
CA ASP B 37 1.71 -28.42 -37.90
C ASP B 37 2.69 -28.02 -36.81
N ARG B 38 3.97 -28.40 -36.97
CA ARG B 38 4.93 -28.21 -35.90
C ARG B 38 5.24 -26.73 -35.68
N GLU B 39 5.31 -25.95 -36.77
CA GLU B 39 5.67 -24.54 -36.63
C GLU B 39 4.63 -23.77 -35.84
N SER B 40 3.35 -23.95 -36.18
CA SER B 40 2.29 -23.27 -35.45
C SER B 40 2.23 -23.72 -34.00
N THR B 41 2.40 -25.02 -33.76
CA THR B 41 2.39 -25.54 -32.40
C THR B 41 3.55 -24.96 -31.60
N GLN B 42 4.77 -25.03 -32.15
CA GLN B 42 5.94 -24.56 -31.42
C GLN B 42 5.84 -23.08 -31.13
N LYS B 43 5.39 -22.29 -32.09
CA LYS B 43 5.19 -20.86 -31.86
C LYS B 43 4.19 -20.63 -30.74
N ALA B 44 3.09 -21.40 -30.74
CA ALA B 44 2.10 -21.25 -29.69
C ALA B 44 2.64 -21.70 -28.34
N ILE B 45 3.43 -22.77 -28.32
CA ILE B 45 4.05 -23.21 -27.06
C ILE B 45 4.99 -22.13 -26.53
N ASP B 46 5.81 -21.55 -27.41
CA ASP B 46 6.74 -20.52 -26.98
C ASP B 46 6.00 -19.28 -26.47
N GLY B 47 4.91 -18.90 -27.15
CA GLY B 47 4.15 -17.74 -26.71
C GLY B 47 3.53 -17.95 -25.34
N VAL B 48 2.88 -19.10 -25.14
CA VAL B 48 2.21 -19.36 -23.87
C VAL B 48 3.22 -19.49 -22.74
N THR B 49 4.36 -20.13 -23.03
CA THR B 49 5.40 -20.26 -22.01
C THR B 49 5.95 -18.90 -21.62
N ASN B 50 6.17 -18.02 -22.60
CA ASN B 50 6.66 -16.69 -22.28
C ASN B 50 5.66 -15.92 -21.44
N LYS B 51 4.37 -16.14 -21.66
CA LYS B 51 3.35 -15.45 -20.88
C LYS B 51 3.41 -15.87 -19.41
N VAL B 52 3.46 -17.18 -19.16
CA VAL B 52 3.48 -17.67 -17.78
C VAL B 52 4.73 -17.19 -17.06
N ASN B 53 5.88 -17.27 -17.74
CA ASN B 53 7.13 -16.84 -17.13
C ASN B 53 7.13 -15.33 -16.87
N SER B 54 6.54 -14.55 -17.79
CA SER B 54 6.46 -13.11 -17.56
C SER B 54 5.62 -12.79 -16.34
N ILE B 55 4.50 -13.49 -16.16
CA ILE B 55 3.66 -13.27 -15.00
C ILE B 55 4.42 -13.64 -13.73
N ILE B 56 5.28 -14.65 -13.79
CA ILE B 56 6.03 -15.08 -12.62
C ILE B 56 7.27 -14.21 -12.43
N ASP B 57 8.09 -14.07 -13.48
CA ASP B 57 9.40 -13.47 -13.33
C ASP B 57 9.36 -11.95 -13.14
N LYS B 58 8.24 -11.30 -13.43
CA LYS B 58 8.16 -9.87 -13.21
C LYS B 58 7.83 -9.50 -11.78
N MET B 59 7.49 -10.46 -10.94
CA MET B 59 7.23 -10.18 -9.53
C MET B 59 8.54 -9.84 -8.83
N ASN B 60 8.54 -8.73 -8.10
CA ASN B 60 9.69 -8.33 -7.32
C ASN B 60 9.48 -8.75 -5.88
N THR B 61 10.39 -9.58 -5.38
CA THR B 61 10.32 -10.08 -4.01
C THR B 61 11.50 -9.55 -3.21
N GLN B 62 11.16 -9.17 -1.99
CA GLN B 62 11.98 -8.36 -1.11
C GLN B 62 12.01 -9.04 0.27
N PHE B 63 13.15 -8.97 0.97
CA PHE B 63 13.15 -9.52 2.32
C PHE B 63 12.29 -8.63 3.19
N GLU B 64 11.30 -9.24 3.86
CA GLU B 64 10.47 -8.54 4.84
C GLU B 64 10.39 -9.38 6.11
N ALA B 65 10.22 -8.72 7.25
CA ALA B 65 10.01 -9.40 8.53
C ALA B 65 8.67 -8.93 9.08
N VAL B 66 7.69 -9.83 9.10
CA VAL B 66 6.32 -9.49 9.46
C VAL B 66 5.99 -10.15 10.80
N GLY B 67 5.74 -9.31 11.81
CA GLY B 67 5.37 -9.80 13.12
C GLY B 67 4.49 -8.80 13.85
N ARG B 68 4.21 -9.08 15.12
CA ARG B 68 3.41 -8.19 15.97
C ARG B 68 4.31 -7.71 17.11
N GLU B 69 4.91 -6.53 16.93
CA GLU B 69 5.92 -6.02 17.85
C GLU B 69 5.43 -4.86 18.70
N PHE B 70 4.12 -4.62 18.76
CA PHE B 70 3.56 -3.51 19.51
C PHE B 70 2.73 -4.01 20.70
N ASN B 71 2.82 -3.29 21.82
CA ASN B 71 2.25 -3.73 23.08
C ASN B 71 0.83 -3.18 23.25
N ASN B 72 0.27 -3.34 24.46
CA ASN B 72 -1.13 -3.04 24.72
C ASN B 72 -1.42 -1.54 24.79
N LEU B 73 -0.40 -0.69 24.90
CA LEU B 73 -0.60 0.75 24.85
C LEU B 73 -0.08 1.34 23.53
N GLU B 74 0.06 0.52 22.51
CA GLU B 74 0.39 0.96 21.16
C GLU B 74 -0.62 0.41 20.17
N ARG B 75 -1.86 0.22 20.61
CA ARG B 75 -2.85 -0.44 19.76
C ARG B 75 -3.29 0.44 18.60
N ARG B 76 -3.08 1.76 18.68
CA ARG B 76 -3.34 2.61 17.53
C ARG B 76 -2.36 2.33 16.40
N ILE B 77 -1.10 2.08 16.74
CA ILE B 77 -0.07 1.90 15.72
C ILE B 77 -0.26 0.59 14.97
N GLU B 78 -0.65 -0.47 15.67
CA GLU B 78 -0.86 -1.74 14.99
C GLU B 78 -2.06 -1.70 14.09
N ASN B 79 -3.10 -0.94 14.47
CA ASN B 79 -4.20 -0.71 13.54
C ASN B 79 -3.67 -0.07 12.26
N LEU B 80 -2.70 0.83 12.39
CA LEU B 80 -2.03 1.36 11.20
C LEU B 80 -1.35 0.24 10.42
N ASN B 81 -0.71 -0.69 11.11
CA ASN B 81 -0.13 -1.84 10.43
C ASN B 81 -1.22 -2.78 9.90
N LYS B 82 -2.31 -2.92 10.65
CA LYS B 82 -3.42 -3.75 10.19
C LYS B 82 -4.04 -3.19 8.91
N LYS B 83 -4.26 -1.87 8.87
CA LYS B 83 -4.80 -1.24 7.68
C LYS B 83 -3.83 -1.39 6.51
N MET B 84 -2.53 -1.28 6.78
CA MET B 84 -1.54 -1.42 5.72
C MET B 84 -1.50 -2.85 5.18
N GLU B 85 -1.47 -3.84 6.08
CA GLU B 85 -1.43 -5.23 5.64
C GLU B 85 -2.69 -5.61 4.87
N ASP B 86 -3.86 -5.22 5.39
CA ASP B 86 -5.11 -5.57 4.74
C ASP B 86 -5.25 -4.86 3.40
N GLY B 87 -4.77 -3.62 3.30
CA GLY B 87 -4.80 -2.93 2.02
C GLY B 87 -3.99 -3.63 0.94
N PHE B 88 -2.79 -4.10 1.28
CA PHE B 88 -1.97 -4.78 0.28
C PHE B 88 -2.56 -6.14 -0.09
N LEU B 89 -3.14 -6.84 0.88
CA LEU B 89 -3.80 -8.11 0.56
C LEU B 89 -4.95 -7.90 -0.39
N ASP B 90 -5.73 -6.83 -0.17
CA ASP B 90 -6.84 -6.52 -1.08
C ASP B 90 -6.31 -6.17 -2.47
N VAL B 91 -5.22 -5.40 -2.55
CA VAL B 91 -4.67 -5.00 -3.84
C VAL B 91 -4.18 -6.23 -4.60
N TRP B 92 -3.36 -7.04 -3.94
CA TRP B 92 -2.76 -8.22 -4.58
C TRP B 92 -3.82 -9.25 -4.95
N THR B 93 -4.79 -9.49 -4.09
CA THR B 93 -5.86 -10.44 -4.41
C THR B 93 -6.65 -9.98 -5.62
N TYR B 94 -7.05 -8.71 -5.66
CA TYR B 94 -7.87 -8.23 -6.76
C TYR B 94 -7.09 -8.28 -8.07
N ASN B 95 -5.84 -7.84 -8.05
CA ASN B 95 -5.03 -7.86 -9.28
C ASN B 95 -4.75 -9.28 -9.74
N ALA B 96 -4.41 -10.17 -8.81
CA ALA B 96 -4.12 -11.56 -9.19
C ALA B 96 -5.35 -12.24 -9.77
N GLU B 97 -6.50 -12.08 -9.12
CA GLU B 97 -7.72 -12.70 -9.62
C GLU B 97 -8.09 -12.15 -11.00
N LEU B 98 -7.99 -10.83 -11.17
CA LEU B 98 -8.34 -10.23 -12.46
C LEU B 98 -7.31 -10.57 -13.53
N LEU B 99 -6.04 -10.70 -13.14
CA LEU B 99 -4.99 -11.05 -14.10
C LEU B 99 -5.25 -12.44 -14.69
N VAL B 100 -5.61 -13.40 -13.85
CA VAL B 100 -5.88 -14.75 -14.35
C VAL B 100 -7.09 -14.74 -15.29
N LEU B 101 -8.15 -14.03 -14.92
CA LEU B 101 -9.34 -13.99 -15.76
C LEU B 101 -9.04 -13.36 -17.11
N MET B 102 -8.28 -12.27 -17.11
CA MET B 102 -7.95 -11.59 -18.35
C MET B 102 -7.02 -12.42 -19.22
N GLU B 103 -5.97 -12.98 -18.61
CA GLU B 103 -4.98 -13.73 -19.38
C GLU B 103 -5.58 -15.02 -19.93
N ASN B 104 -6.47 -15.66 -19.18
CA ASN B 104 -7.13 -16.86 -19.67
C ASN B 104 -7.97 -16.55 -20.90
N GLU B 105 -8.67 -15.42 -20.91
CA GLU B 105 -9.44 -15.03 -22.08
C GLU B 105 -8.52 -14.80 -23.28
N ARG B 106 -7.40 -14.11 -23.06
CA ARG B 106 -6.44 -13.87 -24.14
C ARG B 106 -5.85 -15.18 -24.62
N THR B 107 -5.55 -16.10 -23.70
CA THR B 107 -4.95 -17.37 -24.07
C THR B 107 -5.89 -18.18 -24.97
N LEU B 108 -7.17 -18.27 -24.59
CA LEU B 108 -8.12 -19.01 -25.41
C LEU B 108 -8.28 -18.39 -26.79
N ASP B 109 -8.31 -17.06 -26.85
CA ASP B 109 -8.43 -16.39 -28.15
C ASP B 109 -7.14 -16.50 -28.96
N PHE B 110 -6.00 -16.63 -28.27
CA PHE B 110 -4.74 -16.86 -28.97
C PHE B 110 -4.78 -18.18 -29.73
N HIS B 111 -5.23 -19.25 -29.06
CA HIS B 111 -5.37 -20.54 -29.75
C HIS B 111 -6.38 -20.44 -30.88
N ASP B 112 -7.47 -19.71 -30.67
CA ASP B 112 -8.46 -19.51 -31.71
C ASP B 112 -7.86 -18.84 -32.94
N SER B 113 -7.06 -17.79 -32.73
CA SER B 113 -6.45 -17.09 -33.85
C SER B 113 -5.47 -17.99 -34.59
N ASN B 114 -4.70 -18.79 -33.85
CA ASN B 114 -3.72 -19.67 -34.48
C ASN B 114 -4.37 -20.69 -35.40
N VAL B 115 -5.49 -21.28 -34.96
CA VAL B 115 -6.19 -22.24 -35.80
C VAL B 115 -6.75 -21.55 -37.03
N LYS B 116 -7.35 -20.37 -36.86
CA LYS B 116 -7.94 -19.66 -37.98
C LYS B 116 -6.88 -19.27 -39.00
N ASN B 117 -5.73 -18.80 -38.53
CA ASN B 117 -4.66 -18.43 -39.47
C ASN B 117 -4.15 -19.64 -40.24
N LEU B 118 -4.12 -20.82 -39.59
CA LEU B 118 -3.75 -22.03 -40.30
C LEU B 118 -4.79 -22.41 -41.34
N TYR B 119 -6.08 -22.27 -41.00
CA TYR B 119 -7.14 -22.55 -41.96
C TYR B 119 -7.05 -21.63 -43.17
N ASP B 120 -6.81 -20.34 -42.93
CA ASP B 120 -6.71 -19.39 -44.04
C ASP B 120 -5.49 -19.68 -44.91
N LYS B 121 -4.41 -20.17 -44.31
CA LYS B 121 -3.22 -20.52 -45.09
C LYS B 121 -3.51 -21.63 -46.08
N VAL B 122 -4.24 -22.66 -45.64
CA VAL B 122 -4.60 -23.75 -46.55
C VAL B 122 -5.52 -23.25 -47.65
N ARG B 123 -6.52 -22.45 -47.28
CA ARG B 123 -7.46 -21.92 -48.26
C ARG B 123 -6.77 -21.07 -49.31
N LEU B 124 -5.68 -20.38 -48.94
CA LEU B 124 -4.96 -19.56 -49.89
C LEU B 124 -4.29 -20.40 -50.98
N GLN B 125 -3.70 -21.55 -50.61
CA GLN B 125 -3.09 -22.40 -51.62
C GLN B 125 -4.15 -23.07 -52.49
N LEU B 126 -5.18 -23.63 -51.86
CA LEU B 126 -6.18 -24.39 -52.61
C LEU B 126 -6.95 -23.50 -53.57
N ARG B 127 -7.35 -22.30 -53.12
CA ARG B 127 -8.14 -21.38 -53.92
C ARG B 127 -9.35 -22.12 -54.50
N ASP B 128 -9.64 -21.86 -55.79
CA ASP B 128 -10.81 -22.48 -56.41
C ASP B 128 -10.65 -23.98 -56.68
N ASN B 129 -9.44 -24.53 -56.50
CA ASN B 129 -9.20 -25.95 -56.73
C ASN B 129 -9.87 -26.84 -55.69
N ALA B 130 -10.60 -26.28 -54.74
CA ALA B 130 -11.28 -27.08 -53.73
C ALA B 130 -12.42 -26.26 -53.17
N LYS B 131 -13.33 -26.94 -52.47
CA LYS B 131 -14.53 -26.33 -51.93
C LYS B 131 -14.46 -26.30 -50.41
N GLU B 132 -14.69 -25.13 -49.82
CA GLU B 132 -14.79 -25.02 -48.37
C GLU B 132 -16.13 -25.58 -47.90
N LEU B 133 -16.09 -26.46 -46.92
CA LEU B 133 -17.30 -27.08 -46.39
C LEU B 133 -17.94 -26.28 -45.27
N GLY B 134 -17.27 -25.25 -44.76
CA GLY B 134 -17.77 -24.47 -43.65
C GLY B 134 -17.53 -25.06 -42.28
N ASN B 135 -16.95 -26.26 -42.19
CA ASN B 135 -16.68 -26.91 -40.92
C ASN B 135 -15.18 -27.10 -40.68
N GLY B 136 -14.34 -26.33 -41.34
CA GLY B 136 -12.91 -26.46 -41.24
C GLY B 136 -12.28 -27.42 -42.24
N CYS B 137 -13.10 -28.02 -43.12
CA CYS B 137 -12.62 -29.00 -44.09
C CYS B 137 -12.71 -28.41 -45.50
N PHE B 138 -11.87 -28.96 -46.38
CA PHE B 138 -11.86 -28.63 -47.80
C PHE B 138 -12.08 -29.90 -48.60
N GLU B 139 -13.14 -29.93 -49.40
CA GLU B 139 -13.42 -31.05 -50.29
C GLU B 139 -12.73 -30.77 -51.63
N PHE B 140 -11.74 -31.59 -51.95
CA PHE B 140 -11.01 -31.41 -53.20
C PHE B 140 -11.88 -31.76 -54.39
N TYR B 141 -11.45 -31.27 -55.56
CA TYR B 141 -12.00 -31.69 -56.84
C TYR B 141 -11.03 -32.52 -57.67
N HIS B 142 -9.79 -32.67 -57.24
CA HIS B 142 -8.72 -33.12 -58.13
C HIS B 142 -7.92 -34.28 -57.57
N LYS B 143 -8.53 -35.13 -56.73
CA LYS B 143 -7.95 -36.41 -56.35
C LYS B 143 -6.56 -36.23 -55.73
N CYS B 144 -6.56 -35.62 -54.55
CA CYS B 144 -5.32 -35.31 -53.87
C CYS B 144 -4.78 -36.57 -53.20
N ASP B 145 -3.59 -37.01 -53.60
CA ASP B 145 -2.95 -38.19 -53.03
C ASP B 145 -2.11 -37.80 -51.82
N ASN B 146 -1.40 -38.79 -51.26
CA ASN B 146 -0.66 -38.57 -50.02
C ASN B 146 0.44 -37.52 -50.19
N GLU B 147 1.13 -37.55 -51.33
CA GLU B 147 2.15 -36.53 -51.58
C GLU B 147 1.53 -35.18 -51.89
N CYS B 148 0.38 -35.18 -52.57
CA CYS B 148 -0.40 -33.96 -52.74
C CYS B 148 -0.81 -33.39 -51.39
N MET B 149 -1.30 -34.24 -50.48
CA MET B 149 -1.69 -33.76 -49.16
C MET B 149 -0.49 -33.19 -48.41
N GLU B 150 0.67 -33.84 -48.52
CA GLU B 150 1.87 -33.33 -47.88
C GLU B 150 2.22 -31.94 -48.41
N SER B 151 1.98 -31.70 -49.70
CA SER B 151 2.31 -30.40 -50.28
C SER B 151 1.44 -29.30 -49.69
N VAL B 152 0.19 -29.60 -49.34
CA VAL B 152 -0.68 -28.61 -48.71
C VAL B 152 -0.20 -28.29 -47.30
N ARG B 153 0.11 -29.32 -46.51
CA ARG B 153 0.66 -29.09 -45.17
C ARG B 153 2.04 -28.45 -45.25
N ASN B 154 2.85 -28.85 -46.22
CA ASN B 154 4.15 -28.23 -46.45
C ASN B 154 4.00 -26.77 -46.85
N GLY B 155 3.09 -26.50 -47.77
CA GLY B 155 2.99 -25.19 -48.39
C GLY B 155 3.45 -25.13 -49.83
N THR B 156 3.66 -26.29 -50.48
CA THR B 156 4.11 -26.36 -51.86
C THR B 156 3.04 -26.97 -52.76
N TYR B 157 1.79 -26.56 -52.55
CA TYR B 157 0.68 -27.06 -53.36
C TYR B 157 0.84 -26.56 -54.80
N ASP B 158 1.04 -27.49 -55.72
CA ASP B 158 1.22 -27.17 -57.14
C ASP B 158 -0.15 -26.91 -57.74
N TYR B 159 -0.60 -25.65 -57.64
CA TYR B 159 -1.91 -25.30 -58.18
C TYR B 159 -2.04 -25.52 -59.68
N PRO B 160 -1.08 -25.13 -60.53
CA PRO B 160 -1.26 -25.37 -61.97
C PRO B 160 -1.38 -26.84 -62.34
N GLN B 161 -0.72 -27.73 -61.60
CA GLN B 161 -0.76 -29.15 -61.92
C GLN B 161 -2.16 -29.73 -61.81
N TYR B 162 -3.02 -29.14 -60.97
CA TYR B 162 -4.36 -29.65 -60.74
C TYR B 162 -5.47 -28.74 -61.22
N SER B 163 -5.15 -27.57 -61.77
CA SER B 163 -6.19 -26.59 -62.09
C SER B 163 -7.19 -27.16 -63.09
N GLU B 164 -6.68 -27.81 -64.14
CA GLU B 164 -7.56 -28.40 -65.14
C GLU B 164 -8.41 -29.50 -64.55
N GLU B 165 -7.77 -30.46 -63.87
CA GLU B 165 -8.48 -31.61 -63.32
C GLU B 165 -9.63 -31.18 -62.42
N ALA B 166 -9.41 -30.15 -61.61
CA ALA B 166 -10.48 -29.64 -60.76
C ALA B 166 -11.54 -28.89 -61.58
N ARG B 167 -11.11 -28.22 -62.66
CA ARG B 167 -12.06 -27.48 -63.49
C ARG B 167 -13.06 -28.43 -64.14
N LEU B 168 -12.58 -29.54 -64.71
CA LEU B 168 -13.49 -30.52 -65.32
C LEU B 168 -14.46 -31.08 -64.30
N LYS B 169 -13.98 -31.39 -63.09
CA LYS B 169 -14.87 -31.85 -62.03
C LYS B 169 -15.88 -30.78 -61.66
N ARG B 170 -15.44 -29.53 -61.53
CA ARG B 170 -16.33 -28.46 -61.06
C ARG B 170 -17.52 -28.29 -61.99
N GLU B 171 -17.32 -28.45 -63.30
CA GLU B 171 -18.44 -28.33 -64.24
C GLU B 171 -19.38 -29.52 -64.18
N GLU B 172 -18.91 -30.68 -63.69
CA GLU B 172 -19.78 -31.86 -63.64
C GLU B 172 -20.95 -31.68 -62.68
N ILE B 173 -20.70 -31.08 -61.51
CA ILE B 173 -21.78 -30.83 -60.56
C ILE B 173 -22.59 -29.60 -60.93
N SER B 174 -22.12 -28.80 -61.88
CA SER B 174 -22.90 -27.69 -62.40
C SER B 174 -23.42 -27.98 -63.80
N GLY C 2 0.21 -8.59 -66.08
CA GLY C 2 -1.00 -8.10 -65.44
C GLY C 2 -0.77 -7.04 -64.37
N ASP C 3 -1.58 -5.98 -64.41
CA ASP C 3 -1.46 -4.91 -63.43
C ASP C 3 -1.77 -5.42 -62.03
N GLN C 4 -1.07 -4.86 -61.03
CA GLN C 4 -1.19 -5.35 -59.67
C GLN C 4 -1.28 -4.18 -58.69
N ILE C 5 -2.05 -4.39 -57.63
CA ILE C 5 -2.08 -3.50 -56.47
C ILE C 5 -1.84 -4.35 -55.23
N CYS C 6 -1.00 -3.84 -54.33
CA CYS C 6 -0.56 -4.60 -53.16
C CYS C 6 -0.84 -3.80 -51.88
N ILE C 7 -1.14 -4.53 -50.82
CA ILE C 7 -1.29 -3.96 -49.49
C ILE C 7 -0.02 -4.21 -48.71
N GLY C 8 0.34 -3.24 -47.87
CA GLY C 8 1.57 -3.37 -47.11
C GLY C 8 1.62 -2.32 -46.03
N TYR C 9 2.69 -2.35 -45.25
CA TYR C 9 2.84 -1.48 -44.11
C TYR C 9 4.24 -0.86 -44.12
N HIS C 10 4.41 0.12 -43.26
CA HIS C 10 5.64 0.90 -43.20
C HIS C 10 6.75 0.13 -42.50
N ALA C 11 7.97 0.28 -43.01
CA ALA C 11 9.17 -0.25 -42.39
C ALA C 11 10.25 0.82 -42.45
N ASN C 12 11.14 0.83 -41.46
CA ASN C 12 12.19 1.84 -41.40
C ASN C 12 13.46 1.22 -40.82
N ASN C 13 14.41 2.08 -40.43
CA ASN C 13 15.72 1.65 -39.98
C ASN C 13 15.85 1.68 -38.46
N SER C 14 14.72 1.69 -37.75
CA SER C 14 14.77 1.68 -36.29
C SER C 14 15.24 0.32 -35.77
N THR C 15 15.98 0.36 -34.67
CA THR C 15 16.38 -0.85 -33.97
C THR C 15 15.81 -0.91 -32.56
N GLU C 16 14.87 -0.02 -32.23
CA GLU C 16 14.26 -0.02 -30.91
C GLU C 16 13.53 -1.34 -30.67
N GLN C 17 13.74 -1.92 -29.49
CA GLN C 17 13.15 -3.19 -29.11
C GLN C 17 12.20 -2.99 -27.95
N VAL C 18 10.99 -3.55 -28.07
CA VAL C 18 10.03 -3.62 -26.98
C VAL C 18 9.79 -5.09 -26.65
N ASP C 19 9.08 -5.32 -25.56
CA ASP C 19 8.74 -6.66 -25.11
C ASP C 19 7.23 -6.77 -24.98
N THR C 20 6.69 -7.92 -25.36
CA THR C 20 5.28 -8.23 -25.16
C THR C 20 5.14 -9.36 -24.16
N ILE C 21 3.90 -9.60 -23.73
CA ILE C 21 3.64 -10.66 -22.76
C ILE C 21 4.04 -12.01 -23.33
N MET C 22 4.05 -12.14 -24.66
CA MET C 22 4.33 -13.42 -25.30
C MET C 22 5.62 -13.44 -26.11
N GLU C 23 6.25 -12.30 -26.35
CA GLU C 23 7.47 -12.22 -27.15
C GLU C 23 8.44 -11.26 -26.52
N LYS C 24 9.73 -11.51 -26.74
CA LYS C 24 10.79 -10.67 -26.21
C LYS C 24 11.63 -10.13 -27.36
N ASN C 25 12.23 -8.95 -27.13
CA ASN C 25 13.16 -8.30 -28.04
C ASN C 25 12.57 -8.23 -29.46
N VAL C 26 11.45 -7.52 -29.56
CA VAL C 26 10.73 -7.33 -30.82
C VAL C 26 11.06 -5.95 -31.34
N THR C 27 11.59 -5.87 -32.56
CA THR C 27 11.96 -4.59 -33.14
C THR C 27 10.73 -3.89 -33.69
N VAL C 28 10.59 -2.60 -33.38
CA VAL C 28 9.44 -1.81 -33.77
C VAL C 28 9.92 -0.54 -34.48
N THR C 29 9.00 0.07 -35.25
CA THR C 29 9.36 1.27 -35.98
C THR C 29 9.39 2.52 -35.09
N HIS C 30 8.71 2.49 -33.95
CA HIS C 30 8.73 3.63 -33.04
C HIS C 30 8.32 3.15 -31.65
N ALA C 31 8.85 3.82 -30.63
CA ALA C 31 8.58 3.44 -29.25
C ALA C 31 8.73 4.64 -28.34
N GLN C 32 8.12 4.55 -27.17
CA GLN C 32 8.13 5.62 -26.18
C GLN C 32 8.42 5.02 -24.81
N ASP C 33 9.31 5.66 -24.05
CA ASP C 33 9.66 5.23 -22.70
C ASP C 33 8.88 6.07 -21.70
N ILE C 34 8.14 5.40 -20.82
CA ILE C 34 7.33 6.08 -19.82
C ILE C 34 7.99 6.10 -18.44
N LEU C 35 9.23 5.64 -18.36
CA LEU C 35 9.98 5.62 -17.10
C LEU C 35 10.95 6.79 -17.08
N GLU C 36 10.70 7.75 -16.20
CA GLU C 36 11.63 8.87 -16.02
C GLU C 36 12.94 8.36 -15.42
N LYS C 37 14.06 8.76 -16.02
CA LYS C 37 15.37 8.31 -15.59
C LYS C 37 16.38 9.44 -15.38
N THR C 38 16.00 10.68 -15.67
CA THR C 38 16.93 11.80 -15.67
C THR C 38 16.64 12.73 -14.51
N HIS C 39 17.69 13.17 -13.82
CA HIS C 39 17.61 14.20 -12.80
C HIS C 39 18.71 15.23 -13.06
N ASN C 40 18.44 16.48 -12.67
CA ASN C 40 19.39 17.56 -12.95
C ASN C 40 20.61 17.55 -12.03
N GLY C 41 20.60 16.73 -10.98
CA GLY C 41 21.77 16.62 -10.12
C GLY C 41 22.04 17.78 -9.19
N ARG C 42 21.02 18.57 -8.85
CA ARG C 42 21.20 19.70 -7.95
C ARG C 42 19.95 19.87 -7.08
N LEU C 43 20.12 20.64 -5.99
CA LEU C 43 19.02 20.89 -5.06
C LEU C 43 18.34 22.21 -5.41
N CYS C 44 17.02 22.18 -5.50
CA CYS C 44 16.24 23.25 -6.08
C CYS C 44 15.23 23.79 -5.08
N ASP C 45 14.57 24.89 -5.48
CA ASP C 45 13.37 25.33 -4.79
C ASP C 45 12.22 24.36 -5.06
N LEU C 46 11.27 24.33 -4.14
CA LEU C 46 10.08 23.51 -4.28
C LEU C 46 8.88 24.44 -4.41
N ASN C 47 8.27 24.46 -5.61
CA ASN C 47 7.15 25.33 -5.91
C ASN C 47 7.49 26.80 -5.63
N GLY C 48 8.70 27.20 -6.03
CA GLY C 48 9.15 28.57 -5.88
C GLY C 48 9.69 28.94 -4.51
N VAL C 49 9.72 28.01 -3.56
CA VAL C 49 10.16 28.28 -2.19
C VAL C 49 11.50 27.60 -1.97
N LYS C 50 12.51 28.37 -1.60
CA LYS C 50 13.85 27.84 -1.42
C LYS C 50 13.89 26.93 -0.19
N PRO C 51 14.74 25.91 -0.19
CA PRO C 51 14.89 25.07 0.99
C PRO C 51 15.76 25.75 2.05
N LEU C 52 15.84 25.10 3.20
CA LEU C 52 16.77 25.47 4.26
C LEU C 52 17.97 24.52 4.17
N ILE C 53 19.16 25.08 4.00
CA ILE C 53 20.37 24.28 3.84
C ILE C 53 21.31 24.62 4.99
N LEU C 54 21.65 23.61 5.79
CA LEU C 54 22.59 23.74 6.88
C LEU C 54 23.89 23.05 6.49
N LYS C 55 24.96 23.82 6.36
CA LYS C 55 26.21 23.25 5.85
C LYS C 55 26.92 22.42 6.91
N ASP C 56 27.34 23.03 8.01
CA ASP C 56 28.01 22.27 9.05
C ASP C 56 27.14 22.08 10.28
N CYS C 57 25.89 22.50 10.23
CA CYS C 57 25.08 22.62 11.43
C CYS C 57 23.94 21.60 11.40
N SER C 58 23.51 21.19 12.57
CA SER C 58 22.29 20.39 12.71
C SER C 58 21.14 21.30 13.10
N VAL C 59 19.93 20.74 13.08
CA VAL C 59 18.76 21.53 13.43
C VAL C 59 18.86 22.02 14.87
N ALA C 60 19.34 21.15 15.77
CA ALA C 60 19.50 21.54 17.16
C ALA C 60 20.49 22.70 17.31
N GLY C 61 21.66 22.58 16.67
CA GLY C 61 22.66 23.63 16.77
C GLY C 61 22.21 24.95 16.18
N TRP C 62 21.57 24.90 15.02
CA TRP C 62 21.07 26.11 14.39
C TRP C 62 20.02 26.79 15.26
N LEU C 63 19.12 26.01 15.85
CA LEU C 63 18.07 26.58 16.70
C LEU C 63 18.65 27.21 17.96
N LEU C 64 19.49 26.46 18.69
CA LEU C 64 20.05 26.96 19.94
C LEU C 64 21.18 27.96 19.73
N GLY C 65 21.69 28.10 18.50
CA GLY C 65 22.75 29.04 18.25
C GLY C 65 24.12 28.52 18.63
N ASN C 66 24.52 27.42 18.01
CA ASN C 66 25.87 26.92 18.16
C ASN C 66 26.84 27.97 17.61
N PRO C 67 27.80 28.45 18.42
CA PRO C 67 28.72 29.47 17.90
C PRO C 67 29.52 29.01 16.69
N MET C 68 29.86 27.72 16.61
CA MET C 68 30.53 27.20 15.43
C MET C 68 29.65 27.27 14.19
N CYS C 69 28.33 27.15 14.37
CA CYS C 69 27.40 27.33 13.27
C CYS C 69 27.35 28.80 12.89
N ASP C 70 27.95 29.14 11.75
CA ASP C 70 27.93 30.51 11.28
C ASP C 70 26.49 30.95 11.06
N GLU C 71 26.09 32.03 11.74
CA GLU C 71 24.73 32.53 11.57
C GLU C 71 24.62 33.21 10.22
N PHE C 72 24.70 32.43 9.14
CA PHE C 72 24.57 32.96 7.80
C PHE C 72 23.10 33.23 7.49
N ILE C 73 22.81 34.47 7.07
CA ILE C 73 21.51 34.99 6.65
C ILE C 73 20.34 34.57 7.53
N ARG C 74 19.13 34.99 7.14
CA ARG C 74 17.91 34.66 7.87
C ARG C 74 16.85 34.36 6.81
N VAL C 75 16.54 33.08 6.61
CA VAL C 75 15.53 32.70 5.63
C VAL C 75 14.17 32.84 6.29
N PRO C 76 13.33 33.79 5.86
CA PRO C 76 12.03 33.97 6.51
C PRO C 76 11.08 32.79 6.30
N GLU C 77 11.30 31.97 5.28
CA GLU C 77 10.45 30.81 5.02
C GLU C 77 11.21 29.82 4.16
N TRP C 78 10.78 28.56 4.21
CA TRP C 78 11.38 27.52 3.39
C TRP C 78 10.37 26.40 3.17
N SER C 79 10.66 25.54 2.19
CA SER C 79 9.80 24.43 1.82
C SER C 79 10.26 23.10 2.42
N TYR C 80 11.56 22.86 2.52
CA TYR C 80 12.08 21.69 3.21
C TYR C 80 13.47 22.01 3.75
N ILE C 81 13.99 21.12 4.58
CA ILE C 81 15.27 21.30 5.24
C ILE C 81 16.26 20.26 4.71
N VAL C 82 17.47 20.70 4.42
CA VAL C 82 18.56 19.83 3.98
C VAL C 82 19.60 19.73 5.08
N GLU C 83 19.90 18.50 5.48
CA GLU C 83 20.95 18.20 6.45
C GLU C 83 21.93 17.22 5.81
N ARG C 84 23.19 17.27 6.26
CA ARG C 84 24.09 16.19 5.87
C ARG C 84 23.81 14.96 6.72
N THR C 85 24.36 13.83 6.25
CA THR C 85 24.18 12.58 6.99
C THR C 85 24.76 12.69 8.39
N ASN C 86 25.96 13.26 8.52
CA ASN C 86 26.61 13.45 9.81
C ASN C 86 27.11 14.89 9.91
N PRO C 87 26.28 15.79 10.43
CA PRO C 87 26.73 17.18 10.60
C PRO C 87 27.80 17.29 11.67
N ALA C 88 28.58 18.38 11.58
CA ALA C 88 29.76 18.55 12.43
C ALA C 88 29.46 19.23 13.76
N ASN C 89 28.58 20.24 13.75
CA ASN C 89 28.33 21.05 14.95
C ASN C 89 26.86 20.90 15.34
N ASP C 90 26.55 19.88 16.13
CA ASP C 90 25.19 19.64 16.61
C ASP C 90 24.96 20.20 18.00
N LEU C 91 25.67 19.69 19.00
CA LEU C 91 25.49 20.13 20.39
C LEU C 91 26.89 20.27 20.98
N CYS C 92 27.43 21.49 20.92
CA CYS C 92 28.80 21.71 21.39
C CYS C 92 28.94 21.31 22.86
N TYR C 93 27.97 21.67 23.69
CA TYR C 93 27.89 21.13 25.04
C TYR C 93 26.99 19.89 25.01
N PRO C 94 27.50 18.73 25.42
CA PRO C 94 26.72 17.50 25.25
C PRO C 94 25.41 17.53 26.02
N GLY C 95 24.42 16.82 25.50
CA GLY C 95 23.10 16.78 26.11
C GLY C 95 22.07 16.21 25.15
N ASN C 96 20.83 16.64 25.34
CA ASN C 96 19.73 16.19 24.51
C ASN C 96 18.83 17.37 24.20
N LEU C 97 18.11 17.26 23.09
CA LEU C 97 16.99 18.12 22.77
C LEU C 97 15.73 17.26 22.83
N ASN C 98 14.80 17.63 23.71
CA ASN C 98 13.57 16.86 23.88
C ASN C 98 12.70 16.91 22.63
N ASP C 99 12.14 15.76 22.27
CA ASP C 99 11.25 15.65 21.10
C ASP C 99 11.89 16.26 19.87
N TYR C 100 13.17 15.94 19.68
CA TYR C 100 13.93 16.54 18.59
C TYR C 100 13.31 16.21 17.24
N GLU C 101 12.88 14.95 17.04
CA GLU C 101 12.37 14.55 15.73
C GLU C 101 11.01 15.18 15.44
N GLU C 102 10.14 15.24 16.44
CA GLU C 102 8.85 15.91 16.26
C GLU C 102 9.04 17.41 16.02
N LEU C 103 10.02 18.02 16.69
CA LEU C 103 10.36 19.41 16.41
C LEU C 103 10.94 19.56 15.01
N LYS C 104 11.79 18.62 14.59
CA LYS C 104 12.34 18.68 13.24
C LYS C 104 11.25 18.57 12.20
N HIS C 105 10.27 17.68 12.42
CA HIS C 105 9.16 17.55 11.48
C HIS C 105 8.35 18.83 11.43
N LEU C 106 8.17 19.49 12.57
CA LEU C 106 7.41 20.74 12.62
C LEU C 106 8.10 21.86 11.84
N LEU C 107 9.43 21.84 11.77
CA LEU C 107 10.19 22.90 11.12
C LEU C 107 10.56 22.59 9.68
N SER C 108 10.09 21.46 9.13
CA SER C 108 10.47 21.09 7.77
C SER C 108 9.97 22.12 6.75
N ARG C 109 8.72 22.54 6.89
CA ARG C 109 8.15 23.58 6.04
C ARG C 109 7.56 24.66 6.94
N ILE C 110 8.10 25.87 6.85
CA ILE C 110 7.72 26.98 7.71
C ILE C 110 7.32 28.15 6.82
N ASN C 111 6.12 28.69 7.07
CA ASN C 111 5.62 29.82 6.28
C ASN C 111 6.29 31.14 6.67
N HIS C 112 6.64 31.31 7.95
CA HIS C 112 7.32 32.52 8.40
C HIS C 112 8.18 32.23 9.62
N PHE C 113 9.42 32.69 9.58
CA PHE C 113 10.38 32.47 10.67
C PHE C 113 11.11 33.77 10.96
N GLU C 114 11.04 34.23 12.21
CA GLU C 114 11.65 35.50 12.62
C GLU C 114 12.25 35.32 14.01
N LYS C 115 13.58 35.33 14.09
CA LYS C 115 14.24 35.29 15.39
C LYS C 115 13.95 36.58 16.15
N THR C 116 13.67 36.44 17.44
CA THR C 116 13.22 37.57 18.24
C THR C 116 13.87 37.52 19.62
N LEU C 117 14.31 38.68 20.10
CA LEU C 117 14.75 38.82 21.47
C LEU C 117 13.51 38.94 22.36
N ILE C 118 13.36 38.02 23.31
CA ILE C 118 12.23 38.02 24.22
C ILE C 118 12.66 38.28 25.66
N ILE C 119 13.81 37.76 26.07
CA ILE C 119 14.35 37.99 27.40
C ILE C 119 15.78 38.51 27.28
N PRO C 120 16.02 39.81 27.44
CA PRO C 120 17.39 40.34 27.31
C PRO C 120 18.26 39.92 28.48
N LYS C 121 19.57 39.92 28.24
CA LYS C 121 20.52 39.59 29.29
C LYS C 121 20.40 40.53 30.48
N SER C 122 19.95 41.77 30.24
CA SER C 122 19.83 42.76 31.29
C SER C 122 18.73 42.44 32.31
N SER C 123 17.85 41.47 32.01
CA SER C 123 16.78 41.12 32.92
C SER C 123 17.21 40.09 33.97
N TRP C 124 18.51 39.95 34.20
CA TRP C 124 19.06 39.07 35.24
C TRP C 124 20.01 39.88 36.12
N PRO C 125 19.47 40.79 36.94
CA PRO C 125 20.34 41.66 37.74
C PRO C 125 20.95 40.98 38.95
N ASN C 126 20.32 39.93 39.47
CA ASN C 126 20.80 39.21 40.65
C ASN C 126 21.51 37.91 40.29
N HIS C 127 21.78 37.66 39.01
CA HIS C 127 22.43 36.44 38.57
C HIS C 127 23.49 36.77 37.54
N GLU C 128 24.50 35.92 37.45
CA GLU C 128 25.56 36.06 36.46
C GLU C 128 25.15 35.40 35.16
N THR C 129 25.35 36.10 34.04
CA THR C 129 24.96 35.61 32.73
C THR C 129 26.13 35.36 31.80
N SER C 130 27.35 35.37 32.32
CA SER C 130 28.55 35.26 31.49
C SER C 130 29.04 33.82 31.32
N GLY C 131 28.18 32.84 31.53
CA GLY C 131 28.57 31.45 31.42
C GLY C 131 29.10 31.06 30.05
N VAL C 132 30.30 30.47 30.01
CA VAL C 132 30.94 30.02 28.79
C VAL C 132 31.46 28.61 28.99
N SER C 133 31.88 27.99 27.89
CA SER C 133 32.46 26.66 27.94
C SER C 133 33.42 26.47 26.77
N ALA C 134 34.45 25.66 27.01
CA ALA C 134 35.45 25.42 25.97
C ALA C 134 34.93 24.51 24.88
N ALA C 135 34.01 23.60 25.22
CA ALA C 135 33.41 22.73 24.21
C ALA C 135 32.54 23.50 23.23
N CYS C 136 32.23 24.76 23.51
CA CYS C 136 31.47 25.63 22.60
C CYS C 136 32.34 26.81 22.18
N PRO C 137 33.41 26.55 21.41
CA PRO C 137 34.35 27.62 21.10
C PRO C 137 33.98 28.44 19.87
N TYR C 138 33.99 29.76 20.01
CA TYR C 138 33.89 30.69 18.89
C TYR C 138 35.23 31.38 18.73
N GLN C 139 35.83 31.25 17.53
CA GLN C 139 37.09 31.91 17.21
C GLN C 139 38.21 31.47 18.14
N GLY C 140 38.15 30.23 18.64
CA GLY C 140 39.19 29.69 19.48
C GLY C 140 39.14 30.08 20.94
N VAL C 141 38.08 30.76 21.38
CA VAL C 141 37.94 31.12 22.79
C VAL C 141 36.60 30.62 23.30
N PRO C 142 36.49 30.26 24.58
CA PRO C 142 35.23 29.69 25.09
C PRO C 142 34.04 30.63 24.87
N SER C 143 32.92 30.04 24.48
CA SER C 143 31.69 30.76 24.21
C SER C 143 30.51 29.88 24.65
N PHE C 144 29.31 30.24 24.21
CA PHE C 144 28.11 29.51 24.59
C PHE C 144 27.10 29.62 23.45
N PHE C 145 25.97 28.94 23.62
CA PHE C 145 24.85 29.09 22.70
C PHE C 145 24.40 30.56 22.68
N ARG C 146 24.12 31.05 21.47
CA ARG C 146 23.79 32.46 21.30
C ARG C 146 22.37 32.80 21.73
N ASN C 147 21.46 31.82 21.73
CA ASN C 147 20.05 32.08 21.99
C ASN C 147 19.61 31.70 23.39
N VAL C 148 20.48 31.09 24.19
CA VAL C 148 20.19 30.78 25.59
C VAL C 148 21.35 31.27 26.44
N VAL C 149 21.07 31.47 27.73
CA VAL C 149 22.00 32.12 28.65
C VAL C 149 22.25 31.18 29.83
N TRP C 150 23.53 30.98 30.15
CA TRP C 150 23.94 30.14 31.28
C TRP C 150 23.92 30.99 32.55
N LEU C 151 22.92 30.75 33.41
CA LEU C 151 22.72 31.55 34.62
C LEU C 151 23.53 30.94 35.76
N THR C 152 24.61 31.63 36.17
CA THR C 152 25.39 31.24 37.32
C THR C 152 25.08 32.17 38.50
N LYS C 153 25.77 31.93 39.62
CA LYS C 153 25.51 32.69 40.83
C LYS C 153 26.24 34.03 40.81
N LYS C 154 25.64 35.01 41.49
CA LYS C 154 26.21 36.35 41.64
C LYS C 154 26.36 36.66 43.12
N ASN C 155 27.57 37.09 43.52
CA ASN C 155 27.87 37.46 44.90
C ASN C 155 27.57 36.32 45.87
N ASP C 156 27.97 35.10 45.48
CA ASP C 156 27.72 33.89 46.27
C ASP C 156 26.24 33.74 46.60
N ALA C 157 25.38 34.08 45.64
CA ALA C 157 23.95 34.01 45.85
C ALA C 157 23.27 33.61 44.55
N TYR C 158 22.21 32.82 44.68
CA TYR C 158 21.33 32.46 43.57
C TYR C 158 19.90 32.66 44.05
N PRO C 159 19.38 33.88 43.98
CA PRO C 159 17.98 34.11 44.34
C PRO C 159 17.04 33.34 43.42
N THR C 160 15.91 32.92 43.98
CA THR C 160 14.94 32.13 43.23
C THR C 160 14.29 32.99 42.15
N ILE C 161 14.37 32.54 40.90
CA ILE C 161 13.84 33.28 39.76
C ILE C 161 12.34 33.01 39.66
N LYS C 162 11.56 34.08 39.50
CA LYS C 162 10.11 34.00 39.25
C LYS C 162 9.82 34.98 38.12
N MET C 163 9.88 34.48 36.89
CA MET C 163 9.83 35.29 35.68
C MET C 163 8.78 34.73 34.74
N SER C 164 8.05 35.62 34.07
CA SER C 164 6.99 35.24 33.14
C SER C 164 7.01 36.17 31.93
N TYR C 165 6.91 35.58 30.73
CA TYR C 165 6.91 36.33 29.47
C TYR C 165 5.60 36.08 28.74
N ASN C 166 4.93 37.15 28.34
CA ASN C 166 3.66 37.10 27.63
C ASN C 166 3.92 37.27 26.14
N ASN C 167 3.38 36.35 25.33
CA ASN C 167 3.54 36.46 23.89
C ASN C 167 2.66 37.58 23.34
N THR C 168 3.22 38.78 23.21
CA THR C 168 2.49 39.94 22.72
C THR C 168 2.46 40.02 21.19
N ASN C 169 3.22 39.17 20.51
CA ASN C 169 3.16 39.12 19.06
C ASN C 169 1.87 38.42 18.61
N GLY C 170 1.57 38.58 17.33
CA GLY C 170 0.41 37.93 16.74
C GLY C 170 0.67 36.56 16.15
N GLU C 171 1.86 36.00 16.36
CA GLU C 171 2.24 34.73 15.76
C GLU C 171 2.80 33.80 16.82
N ASP C 172 2.82 32.51 16.50
CA ASP C 172 3.30 31.51 17.44
C ASP C 172 4.77 31.70 17.74
N LEU C 173 5.15 31.42 18.99
CA LEU C 173 6.51 31.58 19.47
C LEU C 173 7.08 30.23 19.87
N LEU C 174 8.17 29.83 19.22
CA LEU C 174 8.93 28.65 19.61
C LEU C 174 10.00 29.07 20.61
N ILE C 175 9.90 28.58 21.85
CA ILE C 175 10.78 28.98 22.93
C ILE C 175 11.56 27.75 23.39
N LEU C 176 12.88 27.90 23.53
CA LEU C 176 13.75 26.82 23.96
C LEU C 176 14.44 27.19 25.26
N TRP C 177 14.47 26.24 26.19
CA TRP C 177 15.17 26.39 27.46
C TRP C 177 15.78 25.05 27.84
N GLY C 178 16.62 25.05 28.88
CA GLY C 178 17.29 23.83 29.27
C GLY C 178 17.66 23.81 30.75
N ILE C 179 18.12 22.65 31.17
CA ILE C 179 18.66 22.44 32.51
C ILE C 179 20.05 21.84 32.37
N HIS C 180 20.96 22.26 33.25
CA HIS C 180 22.35 21.83 33.21
C HIS C 180 22.59 20.78 34.29
N HIS C 181 23.09 19.62 33.88
CA HIS C 181 23.41 18.54 34.81
C HIS C 181 24.86 18.68 35.23
N SER C 182 25.09 18.98 36.51
CA SER C 182 26.43 19.18 37.02
C SER C 182 27.05 17.87 37.52
N ASN C 183 28.38 17.88 37.64
CA ASN C 183 29.14 16.64 37.81
C ASN C 183 29.14 16.13 39.25
N ASN C 184 29.20 17.03 40.23
CA ASN C 184 29.27 16.59 41.64
C ASN C 184 28.81 17.74 42.53
N ALA C 185 28.80 17.48 43.83
CA ALA C 185 28.32 18.47 44.79
C ALA C 185 29.21 19.70 44.82
N ALA C 186 30.53 19.50 44.68
CA ALA C 186 31.45 20.64 44.67
C ALA C 186 31.18 21.55 43.50
N GLU C 187 30.95 20.98 42.31
CA GLU C 187 30.64 21.79 41.14
C GLU C 187 29.28 22.46 41.30
N GLN C 188 28.31 21.76 41.89
CA GLN C 188 26.99 22.36 42.08
C GLN C 188 27.08 23.63 42.94
N ILE C 189 27.83 23.57 44.04
CA ILE C 189 28.00 24.74 44.88
C ILE C 189 28.79 25.83 44.15
N ASN C 190 29.86 25.43 43.46
CA ASN C 190 30.72 26.39 42.79
C ASN C 190 29.99 27.18 41.70
N LEU C 191 28.90 26.64 41.16
CA LEU C 191 28.20 27.27 40.04
C LEU C 191 26.85 27.86 40.40
N TYR C 192 26.13 27.30 41.37
CA TYR C 192 24.81 27.77 41.74
C TYR C 192 24.59 27.97 43.23
N LYS C 193 25.44 27.40 44.09
CA LYS C 193 25.46 27.67 45.54
C LYS C 193 24.26 27.04 46.24
N ASN C 194 23.28 26.54 45.48
CA ASN C 194 22.13 25.89 46.05
C ASN C 194 22.22 24.39 45.80
N PRO C 195 22.25 23.55 46.84
CA PRO C 195 22.52 22.13 46.60
C PRO C 195 21.33 21.39 46.00
N THR C 196 20.10 21.74 46.38
CA THR C 196 18.90 21.11 45.88
C THR C 196 18.15 22.12 45.01
N THR C 197 18.11 21.86 43.70
CA THR C 197 17.60 22.83 42.75
C THR C 197 16.51 22.21 41.88
N TYR C 198 15.85 23.07 41.11
CA TYR C 198 14.74 22.65 40.27
C TYR C 198 14.53 23.69 39.18
N VAL C 199 13.87 23.28 38.11
CA VAL C 199 13.44 24.18 37.04
C VAL C 199 11.96 23.90 36.76
N SER C 200 11.12 24.92 36.96
CA SER C 200 9.69 24.80 36.75
C SER C 200 9.26 25.69 35.59
N VAL C 201 8.57 25.11 34.62
CA VAL C 201 8.07 25.84 33.46
C VAL C 201 6.57 25.59 33.34
N GLY C 202 5.80 26.67 33.20
CA GLY C 202 4.37 26.56 33.10
C GLY C 202 3.73 27.46 32.07
N THR C 203 2.87 26.89 31.23
CA THR C 203 2.04 27.67 30.31
C THR C 203 0.59 27.29 30.53
N SER C 204 -0.30 27.70 29.61
CA SER C 204 -1.69 27.27 29.68
C SER C 204 -1.83 25.77 29.50
N THR C 205 -0.85 25.12 28.86
CA THR C 205 -0.87 23.68 28.69
C THR C 205 0.34 22.97 29.26
N LEU C 206 1.52 23.59 29.22
CA LEU C 206 2.74 22.97 29.73
C LEU C 206 2.79 23.10 31.25
N ASN C 207 3.15 22.01 31.92
CA ASN C 207 3.29 21.99 33.38
C ASN C 207 4.46 21.07 33.70
N GLN C 208 5.66 21.66 33.79
CA GLN C 208 6.90 20.90 33.81
C GLN C 208 7.74 21.25 35.03
N ARG C 209 8.33 20.23 35.65
CA ARG C 209 9.32 20.40 36.70
C ARG C 209 10.54 19.55 36.38
N LEU C 210 11.71 20.19 36.36
CA LEU C 210 12.97 19.53 36.04
C LEU C 210 13.90 19.62 37.22
N VAL C 211 14.57 18.51 37.53
CA VAL C 211 15.49 18.40 38.66
C VAL C 211 16.83 17.93 38.12
N PRO C 212 17.95 18.54 38.53
CA PRO C 212 19.26 18.09 38.05
C PRO C 212 19.61 16.70 38.54
N LYS C 213 20.44 16.02 37.78
CA LYS C 213 20.89 14.66 38.09
C LYS C 213 22.39 14.70 38.35
N ILE C 214 22.76 14.63 39.63
CA ILE C 214 24.14 14.73 40.07
C ILE C 214 24.75 13.33 40.06
N ALA C 215 25.60 13.05 39.08
CA ALA C 215 26.30 11.77 38.99
C ALA C 215 27.40 11.91 37.96
N THR C 216 28.29 10.91 37.93
CA THR C 216 29.43 10.93 37.02
C THR C 216 29.06 10.24 35.71
N ARG C 217 29.37 10.90 34.60
CA ARG C 217 29.13 10.38 33.27
C ARG C 217 30.47 10.16 32.55
N SER C 218 30.38 9.76 31.30
CA SER C 218 31.55 9.65 30.44
C SER C 218 31.81 10.98 29.75
N GLN C 219 33.06 11.20 29.37
CA GLN C 219 33.47 12.47 28.78
C GLN C 219 32.97 12.56 27.33
N VAL C 220 32.31 13.68 27.01
CA VAL C 220 31.91 13.98 25.65
C VAL C 220 32.31 15.43 25.36
N ASN C 221 33.00 15.65 24.25
CA ASN C 221 33.54 16.96 23.90
C ASN C 221 34.40 17.52 25.03
N GLY C 222 35.11 16.65 25.74
CA GLY C 222 35.94 17.07 26.84
C GLY C 222 35.19 17.42 28.11
N LEU C 223 33.90 17.12 28.20
CA LEU C 223 33.10 17.48 29.34
C LEU C 223 32.29 16.29 29.83
N GLN C 224 32.04 16.27 31.14
CA GLN C 224 31.23 15.25 31.78
C GLN C 224 29.82 15.71 32.09
N GLY C 225 29.57 17.02 32.13
CA GLY C 225 28.23 17.53 32.35
C GLY C 225 27.38 17.47 31.09
N ARG C 226 26.08 17.68 31.28
CA ARG C 226 25.11 17.65 30.20
C ARG C 226 24.15 18.81 30.33
N MET C 227 23.58 19.22 29.19
CA MET C 227 22.54 20.23 29.15
C MET C 227 21.37 19.68 28.35
N ASP C 228 20.28 19.37 29.05
CA ASP C 228 19.07 18.86 28.42
C ASP C 228 18.17 20.03 28.05
N PHE C 229 17.86 20.16 26.76
CA PHE C 229 17.06 21.28 26.28
C PHE C 229 15.63 20.83 25.98
N PHE C 230 14.69 21.75 26.20
CA PHE C 230 13.27 21.52 25.99
C PHE C 230 12.70 22.68 25.18
N TRP C 231 11.47 22.51 24.71
CA TRP C 231 10.84 23.54 23.90
C TRP C 231 9.33 23.49 24.07
N THR C 232 8.67 24.55 23.61
CA THR C 232 7.22 24.61 23.57
C THR C 232 6.80 25.61 22.50
N ILE C 233 5.52 25.55 22.14
CA ILE C 233 4.93 26.50 21.21
C ILE C 233 4.01 27.40 22.02
N LEU C 234 4.44 28.63 22.27
CA LEU C 234 3.62 29.57 23.02
C LEU C 234 2.64 30.26 22.09
N LYS C 235 1.35 30.04 22.32
CA LYS C 235 0.32 30.64 21.50
C LYS C 235 0.23 32.14 21.78
N PRO C 236 -0.34 32.92 20.86
CA PRO C 236 -0.49 34.36 21.11
C PRO C 236 -1.33 34.62 22.35
N ASN C 237 -0.98 35.67 23.08
CA ASN C 237 -1.69 36.13 24.28
C ASN C 237 -1.63 35.11 25.42
N ASP C 238 -0.68 34.19 25.38
CA ASP C 238 -0.45 33.26 26.48
C ASP C 238 0.90 33.56 27.10
N ALA C 239 1.03 33.23 28.38
CA ALA C 239 2.23 33.52 29.15
C ALA C 239 2.93 32.23 29.53
N ILE C 240 4.26 32.23 29.41
CA ILE C 240 5.10 31.13 29.90
C ILE C 240 5.74 31.59 31.21
N HIS C 241 5.67 30.74 32.24
CA HIS C 241 6.10 31.10 33.58
C HIS C 241 7.30 30.24 33.97
N PHE C 242 8.39 30.90 34.34
CA PHE C 242 9.63 30.24 34.72
C PHE C 242 9.88 30.41 36.22
N GLU C 243 10.47 29.37 36.82
CA GLU C 243 10.78 29.38 38.24
C GLU C 243 11.93 28.42 38.48
N SER C 244 13.06 28.93 38.96
CA SER C 244 14.22 28.08 39.19
C SER C 244 15.13 28.73 40.23
N ASN C 245 15.86 27.87 40.95
CA ASN C 245 16.87 28.33 41.91
C ASN C 245 18.25 27.75 41.58
N GLY C 246 18.48 27.35 40.35
CA GLY C 246 19.77 26.84 39.93
C GLY C 246 19.64 25.92 38.73
N ASN C 247 20.74 25.79 37.99
CA ASN C 247 20.88 24.89 36.86
C ASN C 247 19.97 25.27 35.69
N PHE C 248 19.46 26.49 35.68
CA PHE C 248 18.49 26.93 34.68
C PHE C 248 19.20 27.59 33.51
N ILE C 249 18.99 27.06 32.32
CA ILE C 249 19.53 27.63 31.09
C ILE C 249 18.41 28.45 30.46
N ALA C 250 18.43 29.76 30.69
CA ALA C 250 17.32 30.64 30.36
C ALA C 250 17.25 30.93 28.85
N PRO C 251 16.07 31.21 28.33
CA PRO C 251 15.96 31.61 26.92
C PRO C 251 16.25 33.09 26.74
N GLU C 252 16.99 33.40 25.67
CA GLU C 252 17.22 34.78 25.26
C GLU C 252 16.52 35.11 23.96
N TYR C 253 16.79 34.34 22.90
CA TYR C 253 16.17 34.55 21.60
C TYR C 253 15.11 33.48 21.37
N ALA C 254 13.92 33.91 20.96
CA ALA C 254 12.85 33.01 20.54
C ALA C 254 12.64 33.14 19.04
N TYR C 255 11.63 32.43 18.53
CA TYR C 255 11.39 32.37 17.09
C TYR C 255 9.90 32.52 16.83
N LYS C 256 9.51 33.63 16.18
CA LYS C 256 8.15 33.74 15.68
C LYS C 256 7.96 32.74 14.54
N ILE C 257 6.84 32.03 14.56
CA ILE C 257 6.63 30.93 13.63
C ILE C 257 5.19 30.96 13.11
N VAL C 258 5.04 30.66 11.82
CA VAL C 258 3.74 30.43 11.19
C VAL C 258 3.86 29.16 10.36
N LYS C 259 2.96 28.20 10.61
CA LYS C 259 2.99 26.93 9.91
C LYS C 259 1.71 26.77 9.10
N LYS C 260 1.87 26.50 7.79
CA LYS C 260 0.75 26.31 6.90
C LYS C 260 0.75 24.95 6.21
N GLY C 261 1.86 24.22 6.25
CA GLY C 261 1.95 22.93 5.60
C GLY C 261 3.09 22.13 6.20
N ASP C 262 3.20 20.88 5.75
CA ASP C 262 4.17 19.94 6.29
C ASP C 262 5.12 19.43 5.22
N SER C 263 6.29 18.99 5.66
CA SER C 263 7.35 18.52 4.77
C SER C 263 8.13 17.46 5.55
N THR C 264 9.36 17.19 5.11
CA THR C 264 10.25 16.29 5.85
C THR C 264 11.66 16.86 5.81
N ILE C 265 12.62 16.08 6.29
CA ILE C 265 14.04 16.44 6.31
C ILE C 265 14.76 15.57 5.28
N MET C 266 15.55 16.19 4.42
CA MET C 266 16.30 15.50 3.38
C MET C 266 17.76 15.42 3.77
N LYS C 267 18.33 14.21 3.70
CA LYS C 267 19.73 13.97 4.01
C LYS C 267 20.51 13.98 2.70
N SER C 268 21.14 15.12 2.39
CA SER C 268 21.94 15.27 1.19
C SER C 268 23.22 16.03 1.52
N GLU C 269 24.28 15.73 0.77
CA GLU C 269 25.56 16.40 0.91
C GLU C 269 25.80 17.45 -0.16
N MET C 270 24.77 17.82 -0.91
CA MET C 270 24.87 18.80 -1.97
C MET C 270 24.41 20.17 -1.47
N GLU C 271 24.52 21.17 -2.34
CA GLU C 271 24.17 22.55 -1.98
C GLU C 271 23.17 23.13 -2.96
N TYR C 272 22.92 24.44 -2.84
CA TYR C 272 21.92 25.10 -3.66
C TYR C 272 22.30 25.02 -5.14
N GLY C 273 21.29 24.77 -5.99
CA GLY C 273 21.50 24.70 -7.42
C GLY C 273 20.86 25.82 -8.21
N HIS C 274 20.23 26.77 -7.52
CA HIS C 274 19.59 27.93 -8.14
C HIS C 274 18.58 27.50 -9.21
N CYS C 275 17.59 26.73 -8.77
CA CYS C 275 16.64 26.10 -9.68
C CYS C 275 15.30 25.91 -8.96
N ASN C 276 14.28 25.60 -9.75
CA ASN C 276 12.93 25.37 -9.25
C ASN C 276 12.46 24.01 -9.75
N THR C 277 11.72 23.30 -8.91
CA THR C 277 11.27 21.96 -9.26
C THR C 277 9.96 21.64 -8.56
N LYS C 278 9.30 20.60 -9.08
CA LYS C 278 8.11 20.04 -8.46
C LYS C 278 8.40 18.79 -7.64
N CYS C 279 9.55 18.15 -7.87
CA CYS C 279 9.90 16.89 -7.25
C CYS C 279 11.40 16.86 -6.99
N GLN C 280 11.79 16.77 -5.73
CA GLN C 280 13.18 16.84 -5.32
C GLN C 280 13.63 15.51 -4.74
N THR C 281 14.84 15.10 -5.10
CA THR C 281 15.51 13.93 -4.57
C THR C 281 16.85 14.34 -3.99
N PRO C 282 17.44 13.52 -3.11
CA PRO C 282 18.72 13.91 -2.52
C PRO C 282 19.85 14.06 -3.53
N ILE C 283 19.72 13.46 -4.71
CA ILE C 283 20.77 13.47 -5.72
C ILE C 283 20.39 14.32 -6.93
N GLY C 284 19.27 15.03 -6.87
CA GLY C 284 18.86 15.91 -7.95
C GLY C 284 17.37 15.89 -8.19
N ALA C 285 16.83 17.00 -8.68
CA ALA C 285 15.42 17.11 -8.95
C ALA C 285 15.07 16.49 -10.29
N ILE C 286 13.79 16.15 -10.47
CA ILE C 286 13.29 15.57 -11.70
C ILE C 286 12.09 16.38 -12.17
N ASN C 287 12.03 16.63 -13.48
CA ASN C 287 10.97 17.40 -14.11
C ASN C 287 10.43 16.57 -15.27
N SER C 288 9.28 15.95 -15.08
CA SER C 288 8.66 15.15 -16.13
C SER C 288 7.20 14.89 -15.79
N SER C 289 6.45 14.46 -16.79
CA SER C 289 5.07 14.04 -16.61
C SER C 289 4.89 12.53 -16.69
N MET C 290 5.99 11.78 -16.73
CA MET C 290 5.90 10.34 -16.82
C MET C 290 5.33 9.75 -15.52
N PRO C 291 4.58 8.65 -15.61
CA PRO C 291 3.97 8.09 -14.40
C PRO C 291 4.95 7.39 -13.48
N PHE C 292 6.13 7.00 -13.95
CA PHE C 292 7.06 6.23 -13.15
C PHE C 292 8.46 6.80 -13.26
N HIS C 293 9.25 6.58 -12.21
CA HIS C 293 10.66 6.93 -12.18
C HIS C 293 11.42 5.90 -11.36
N ASN C 294 12.73 5.83 -11.59
CA ASN C 294 13.62 4.94 -10.85
C ASN C 294 14.81 5.71 -10.28
N ILE C 295 14.60 6.95 -9.87
CA ILE C 295 15.70 7.81 -9.45
C ILE C 295 16.13 7.49 -8.03
N HIS C 296 15.21 7.64 -7.07
CA HIS C 296 15.54 7.61 -5.66
C HIS C 296 14.25 7.54 -4.85
N PRO C 297 14.19 6.69 -3.82
CA PRO C 297 12.94 6.58 -3.05
C PRO C 297 12.64 7.79 -2.18
N LEU C 298 13.65 8.54 -1.75
CA LEU C 298 13.44 9.60 -0.76
C LEU C 298 13.12 10.90 -1.47
N THR C 299 11.89 10.99 -1.96
CA THR C 299 11.44 12.14 -2.73
C THR C 299 10.60 13.07 -1.88
N ILE C 300 10.64 14.36 -2.24
CA ILE C 300 9.78 15.37 -1.64
C ILE C 300 9.13 16.15 -2.77
N GLY C 301 7.80 16.15 -2.80
CA GLY C 301 7.05 16.88 -3.80
C GLY C 301 6.07 15.98 -4.50
N GLU C 302 5.59 16.46 -5.64
CA GLU C 302 4.70 15.70 -6.52
C GLU C 302 5.56 14.93 -7.50
N CYS C 303 5.61 13.62 -7.35
CA CYS C 303 6.59 12.79 -8.02
C CYS C 303 5.91 11.62 -8.72
N PRO C 304 6.55 11.05 -9.74
CA PRO C 304 6.06 9.79 -10.32
C PRO C 304 6.22 8.66 -9.32
N LYS C 305 5.60 7.53 -9.65
CA LYS C 305 5.64 6.37 -8.78
C LYS C 305 7.01 5.69 -8.89
N TYR C 306 7.65 5.49 -7.74
CA TYR C 306 8.98 4.88 -7.72
C TYR C 306 8.88 3.39 -7.99
N VAL C 307 9.68 2.90 -8.95
CA VAL C 307 9.68 1.51 -9.34
C VAL C 307 11.10 1.00 -9.48
N LYS C 308 11.26 -0.31 -9.31
CA LYS C 308 12.55 -0.96 -9.50
C LYS C 308 12.59 -1.51 -10.92
N SER C 309 12.94 -0.64 -11.85
CA SER C 309 12.90 -1.00 -13.25
C SER C 309 13.90 -0.13 -14.01
N ASN C 310 14.48 -0.73 -15.06
CA ASN C 310 15.43 0.00 -15.90
C ASN C 310 14.78 0.61 -17.13
N LYS C 311 13.75 -0.02 -17.69
CA LYS C 311 13.07 0.52 -18.86
C LYS C 311 11.61 0.09 -18.84
N LEU C 312 10.73 1.01 -19.26
CA LEU C 312 9.31 0.73 -19.48
C LEU C 312 8.98 1.29 -20.86
N VAL C 313 9.22 0.50 -21.90
CA VAL C 313 9.14 0.98 -23.28
C VAL C 313 7.83 0.50 -23.89
N LEU C 314 7.00 1.45 -24.31
CA LEU C 314 5.72 1.16 -24.95
C LEU C 314 5.88 1.24 -26.45
N ALA C 315 5.48 0.18 -27.15
CA ALA C 315 5.53 0.22 -28.60
C ALA C 315 4.46 1.16 -29.14
N THR C 316 4.83 2.00 -30.09
CA THR C 316 3.88 2.86 -30.77
C THR C 316 3.77 2.56 -32.26
N GLY C 317 4.85 2.16 -32.92
CA GLY C 317 4.81 1.80 -34.32
C GLY C 317 4.55 0.32 -34.52
N LEU C 318 4.98 -0.16 -35.68
CA LEU C 318 4.71 -1.52 -36.15
C LEU C 318 5.94 -2.41 -35.96
N ARG C 319 5.70 -3.72 -35.96
CA ARG C 319 6.80 -4.67 -35.97
C ARG C 319 7.64 -4.48 -37.24
N ASN C 320 8.93 -4.21 -37.06
CA ASN C 320 9.80 -3.83 -38.16
C ASN C 320 10.42 -5.03 -38.85
N SER C 321 10.84 -4.81 -40.09
CA SER C 321 11.37 -5.82 -40.99
C SER C 321 12.89 -5.72 -41.12
N PRO C 322 13.55 -6.77 -41.67
CA PRO C 322 15.01 -6.71 -41.83
C PRO C 322 15.48 -5.73 -42.88
N LEU C 323 16.81 -5.66 -43.09
CA LEU C 323 17.37 -4.91 -44.20
C LEU C 323 17.28 -5.76 -45.48
N ARG C 324 16.84 -5.13 -46.56
CA ARG C 324 16.63 -5.85 -47.81
C ARG C 324 17.41 -5.20 -48.97
N GLY D 1 -4.14 -13.77 -31.08
CA GLY D 1 -4.52 -12.37 -31.22
C GLY D 1 -4.16 -11.83 -32.59
N LEU D 2 -3.20 -12.50 -33.25
CA LEU D 2 -2.77 -12.07 -34.56
C LEU D 2 -3.93 -12.13 -35.55
N PHE D 3 -3.92 -11.20 -36.50
CA PHE D 3 -4.91 -11.17 -37.56
C PHE D 3 -4.34 -11.68 -38.88
N GLY D 4 -3.09 -12.15 -38.87
CA GLY D 4 -2.51 -12.89 -39.97
C GLY D 4 -1.86 -12.07 -41.06
N ALA D 5 -1.92 -10.74 -40.99
CA ALA D 5 -1.41 -9.92 -42.08
C ALA D 5 0.05 -9.52 -41.87
N ILE D 6 0.34 -8.81 -40.77
CA ILE D 6 1.70 -8.38 -40.49
C ILE D 6 2.53 -9.60 -40.11
N ALA D 7 3.65 -9.79 -40.81
CA ALA D 7 4.50 -10.98 -40.62
C ALA D 7 3.68 -12.25 -40.82
N GLY D 8 2.72 -12.18 -41.73
CA GLY D 8 1.85 -13.29 -42.05
C GLY D 8 1.75 -13.47 -43.55
N PHE D 9 0.54 -13.38 -44.11
CA PHE D 9 0.43 -13.44 -45.56
C PHE D 9 1.06 -12.22 -46.23
N ILE D 10 1.29 -11.14 -45.49
CA ILE D 10 2.15 -10.05 -45.96
C ILE D 10 3.49 -10.23 -45.25
N GLU D 11 4.53 -10.55 -46.01
CA GLU D 11 5.82 -10.95 -45.45
C GLU D 11 6.76 -9.74 -45.49
N GLY D 12 6.68 -8.92 -44.45
CA GLY D 12 7.58 -7.80 -44.33
C GLY D 12 6.98 -6.49 -44.81
N GLY D 13 7.43 -5.39 -44.21
CA GLY D 13 6.98 -4.06 -44.58
C GLY D 13 7.83 -3.46 -45.70
N TRP D 14 7.45 -2.24 -46.08
CA TRP D 14 8.08 -1.52 -47.19
C TRP D 14 8.90 -0.36 -46.67
N GLN D 15 10.17 -0.27 -47.08
CA GLN D 15 10.94 0.94 -46.81
C GLN D 15 10.46 2.11 -47.66
N GLY D 16 9.86 1.82 -48.82
CA GLY D 16 9.41 2.86 -49.72
C GLY D 16 8.17 3.58 -49.26
N MET D 17 7.42 3.01 -48.31
CA MET D 17 6.24 3.65 -47.74
C MET D 17 6.70 4.59 -46.63
N VAL D 18 6.91 5.86 -46.98
CA VAL D 18 7.51 6.83 -46.07
C VAL D 18 6.52 7.88 -45.59
N ASP D 19 5.28 7.89 -46.10
CA ASP D 19 4.31 8.91 -45.74
C ASP D 19 3.13 8.37 -44.94
N GLY D 20 3.22 7.14 -44.42
CA GLY D 20 2.12 6.59 -43.66
C GLY D 20 2.49 5.23 -43.13
N TRP D 21 1.61 4.71 -42.26
CA TRP D 21 1.84 3.42 -41.62
C TRP D 21 1.36 2.27 -42.50
N TYR D 22 0.17 2.41 -43.07
CA TYR D 22 -0.40 1.42 -43.97
C TYR D 22 -0.63 2.06 -45.33
N GLY D 23 -0.48 1.27 -46.38
CA GLY D 23 -0.63 1.86 -47.71
C GLY D 23 -0.66 0.82 -48.80
N TYR D 24 -0.56 1.30 -50.02
CA TYR D 24 -0.68 0.49 -51.21
C TYR D 24 0.58 0.64 -52.07
N HIS D 25 0.85 -0.40 -52.85
CA HIS D 25 1.81 -0.32 -53.94
C HIS D 25 1.15 -0.84 -55.21
N HIS D 26 1.34 -0.13 -56.31
CA HIS D 26 0.67 -0.47 -57.55
C HIS D 26 1.70 -0.56 -58.66
N SER D 27 1.39 -1.37 -59.67
CA SER D 27 2.24 -1.49 -60.85
C SER D 27 1.34 -1.69 -62.05
N ASN D 28 1.42 -0.79 -63.02
CA ASN D 28 0.59 -0.85 -64.23
C ASN D 28 1.42 -0.35 -65.41
N GLU D 29 0.73 -0.06 -66.51
CA GLU D 29 1.40 0.42 -67.72
C GLU D 29 2.13 1.74 -67.48
N GLN D 30 1.51 2.65 -66.72
CA GLN D 30 2.09 3.96 -66.50
C GLN D 30 3.25 3.94 -65.50
N GLY D 31 3.51 2.82 -64.85
CA GLY D 31 4.61 2.76 -63.90
C GLY D 31 4.23 2.13 -62.58
N SER D 32 4.92 2.52 -61.52
CA SER D 32 4.69 1.94 -60.21
C SER D 32 5.03 2.97 -59.16
N GLY D 33 4.50 2.76 -57.96
CA GLY D 33 4.79 3.65 -56.84
C GLY D 33 3.99 3.26 -55.61
N TYR D 34 4.32 3.90 -54.50
CA TYR D 34 3.68 3.70 -53.22
C TYR D 34 2.65 4.79 -52.97
N ALA D 35 1.67 4.49 -52.10
CA ALA D 35 0.65 5.47 -51.75
C ALA D 35 0.11 5.15 -50.36
N ALA D 36 0.30 6.07 -49.42
CA ALA D 36 -0.15 5.87 -48.06
C ALA D 36 -1.65 6.10 -47.93
N ASP D 37 -2.32 5.23 -47.16
CA ASP D 37 -3.74 5.38 -46.86
C ASP D 37 -3.87 6.30 -45.66
N ARG D 38 -4.30 7.54 -45.91
CA ARG D 38 -4.28 8.56 -44.87
C ARG D 38 -5.30 8.27 -43.77
N GLU D 39 -6.47 7.73 -44.14
CA GLU D 39 -7.56 7.59 -43.19
C GLU D 39 -7.23 6.57 -42.10
N SER D 40 -6.79 5.37 -42.51
CA SER D 40 -6.47 4.35 -41.52
C SER D 40 -5.21 4.68 -40.75
N THR D 41 -4.23 5.33 -41.40
CA THR D 41 -3.02 5.74 -40.69
C THR D 41 -3.35 6.76 -39.61
N GLN D 42 -4.21 7.74 -39.93
CA GLN D 42 -4.57 8.76 -38.95
C GLN D 42 -5.37 8.16 -37.81
N LYS D 43 -6.29 7.24 -38.12
CA LYS D 43 -7.04 6.56 -37.06
C LYS D 43 -6.09 5.79 -36.14
N ALA D 44 -5.10 5.11 -36.74
CA ALA D 44 -4.11 4.40 -35.94
C ALA D 44 -3.27 5.36 -35.10
N ILE D 45 -2.88 6.50 -35.68
CA ILE D 45 -2.06 7.44 -34.94
C ILE D 45 -2.85 8.04 -33.78
N ASP D 46 -4.10 8.43 -34.04
CA ASP D 46 -4.93 8.99 -32.98
C ASP D 46 -5.13 7.98 -31.86
N GLY D 47 -5.38 6.72 -32.22
CA GLY D 47 -5.61 5.71 -31.19
C GLY D 47 -4.38 5.40 -30.36
N VAL D 48 -3.23 5.26 -31.02
CA VAL D 48 -2.00 4.94 -30.31
C VAL D 48 -1.58 6.08 -29.40
N THR D 49 -1.80 7.32 -29.86
CA THR D 49 -1.56 8.49 -29.01
C THR D 49 -2.48 8.48 -27.80
N ASN D 50 -3.75 8.11 -28.01
CA ASN D 50 -4.69 8.05 -26.90
C ASN D 50 -4.27 7.00 -25.88
N LYS D 51 -3.74 5.87 -26.34
CA LYS D 51 -3.30 4.83 -25.43
C LYS D 51 -2.15 5.33 -24.55
N VAL D 52 -1.14 5.94 -25.17
CA VAL D 52 -0.02 6.47 -24.41
C VAL D 52 -0.50 7.55 -23.45
N ASN D 53 -1.35 8.46 -23.92
CA ASN D 53 -1.81 9.54 -23.07
C ASN D 53 -2.71 9.02 -21.96
N SER D 54 -3.51 7.99 -22.24
CA SER D 54 -4.31 7.40 -21.17
C SER D 54 -3.44 6.78 -20.10
N ILE D 55 -2.38 6.07 -20.49
CA ILE D 55 -1.48 5.45 -19.53
C ILE D 55 -0.77 6.53 -18.71
N ILE D 56 -0.45 7.67 -19.33
CA ILE D 56 0.22 8.74 -18.62
C ILE D 56 -0.77 9.57 -17.80
N ASP D 57 -1.86 10.01 -18.43
CA ASP D 57 -2.74 11.00 -17.79
C ASP D 57 -3.59 10.42 -16.67
N LYS D 58 -3.82 9.10 -16.66
CA LYS D 58 -4.66 8.53 -15.61
C LYS D 58 -3.94 8.43 -14.28
N MET D 59 -2.63 8.63 -14.24
CA MET D 59 -1.90 8.56 -12.99
C MET D 59 -2.22 9.79 -12.13
N ASN D 60 -2.60 9.54 -10.89
CA ASN D 60 -2.81 10.61 -9.92
C ASN D 60 -1.58 10.74 -9.05
N THR D 61 -1.00 11.94 -9.02
CA THR D 61 0.15 12.24 -8.18
C THR D 61 -0.25 13.31 -7.16
N GLN D 62 0.30 13.18 -5.95
CA GLN D 62 0.06 14.16 -4.91
C GLN D 62 1.36 14.43 -4.18
N PHE D 63 1.39 15.55 -3.45
CA PHE D 63 2.58 15.94 -2.71
C PHE D 63 2.84 14.94 -1.58
N GLU D 64 4.07 14.43 -1.53
CA GLU D 64 4.50 13.59 -0.42
C GLU D 64 5.90 13.99 0.00
N ALA D 65 6.18 13.87 1.29
CA ALA D 65 7.50 14.12 1.85
C ALA D 65 8.01 12.82 2.45
N VAL D 66 9.02 12.24 1.82
CA VAL D 66 9.55 10.94 2.20
C VAL D 66 10.94 11.15 2.80
N GLY D 67 11.09 10.86 4.09
CA GLY D 67 12.38 10.93 4.74
C GLY D 67 12.60 9.79 5.72
N ARG D 68 13.55 9.97 6.64
CA ARG D 68 13.86 9.00 7.69
C ARG D 68 13.88 9.78 9.00
N GLU D 69 12.71 9.87 9.66
CA GLU D 69 12.51 10.77 10.78
C GLU D 69 12.37 10.05 12.11
N PHE D 70 12.76 8.77 12.19
CA PHE D 70 12.61 7.99 13.41
C PHE D 70 13.99 7.62 13.96
N ASN D 71 14.14 7.74 15.28
CA ASN D 71 15.43 7.56 15.93
C ASN D 71 15.66 6.09 16.32
N ASN D 72 16.80 5.83 16.97
CA ASN D 72 17.26 4.47 17.21
C ASN D 72 16.39 3.70 18.19
N LEU D 73 15.49 4.36 18.92
CA LEU D 73 14.53 3.68 19.77
C LEU D 73 13.13 3.66 19.15
N GLU D 74 13.04 3.88 17.84
CA GLU D 74 11.79 3.80 17.10
C GLU D 74 11.96 2.91 15.86
N ARG D 75 12.83 1.91 15.96
CA ARG D 75 13.10 1.06 14.79
C ARG D 75 11.88 0.27 14.36
N ARG D 76 10.99 -0.06 15.31
CA ARG D 76 9.76 -0.77 14.96
C ARG D 76 8.88 0.07 14.02
N ILE D 77 8.80 1.38 14.28
CA ILE D 77 8.01 2.25 13.41
C ILE D 77 8.68 2.37 12.04
N GLU D 78 10.01 2.50 12.02
CA GLU D 78 10.70 2.60 10.74
C GLU D 78 10.53 1.32 9.92
N ASN D 79 10.48 0.17 10.59
CA ASN D 79 10.21 -1.07 9.87
C ASN D 79 8.80 -1.08 9.31
N LEU D 80 7.85 -0.44 9.99
CA LEU D 80 6.51 -0.30 9.45
C LEU D 80 6.52 0.54 8.17
N ASN D 81 7.29 1.64 8.17
CA ASN D 81 7.39 2.48 6.98
C ASN D 81 8.11 1.75 5.86
N LYS D 82 9.13 0.97 6.20
CA LYS D 82 9.85 0.19 5.20
C LYS D 82 8.93 -0.82 4.53
N LYS D 83 8.11 -1.51 5.32
CA LYS D 83 7.19 -2.49 4.75
C LYS D 83 6.17 -1.81 3.85
N MET D 84 5.74 -0.59 4.21
CA MET D 84 4.82 0.13 3.35
C MET D 84 5.51 0.61 2.08
N GLU D 85 6.72 1.16 2.20
CA GLU D 85 7.45 1.64 1.03
C GLU D 85 7.73 0.49 0.06
N ASP D 86 8.18 -0.64 0.59
CA ASP D 86 8.50 -1.79 -0.24
C ASP D 86 7.23 -2.38 -0.86
N GLY D 87 6.12 -2.35 -0.12
CA GLY D 87 4.87 -2.85 -0.67
C GLY D 87 4.42 -2.05 -1.88
N PHE D 88 4.48 -0.72 -1.79
CA PHE D 88 4.06 0.12 -2.91
C PHE D 88 5.02 -0.02 -4.09
N LEU D 89 6.32 -0.15 -3.82
CA LEU D 89 7.26 -0.37 -4.90
C LEU D 89 6.97 -1.69 -5.62
N ASP D 90 6.66 -2.74 -4.85
CA ASP D 90 6.34 -4.03 -5.44
C ASP D 90 5.06 -3.96 -6.26
N VAL D 91 4.04 -3.26 -5.76
CA VAL D 91 2.78 -3.13 -6.50
C VAL D 91 3.01 -2.39 -7.80
N TRP D 92 3.64 -1.21 -7.73
CA TRP D 92 3.81 -0.38 -8.91
C TRP D 92 4.72 -1.04 -9.95
N THR D 93 5.80 -1.66 -9.50
CA THR D 93 6.73 -2.29 -10.45
C THR D 93 6.06 -3.42 -11.21
N TYR D 94 5.34 -4.28 -10.50
CA TYR D 94 4.68 -5.42 -11.15
C TYR D 94 3.61 -4.93 -12.12
N ASN D 95 2.80 -3.96 -11.69
CA ASN D 95 1.72 -3.47 -12.53
C ASN D 95 2.27 -2.76 -13.76
N ALA D 96 3.30 -1.92 -13.59
CA ALA D 96 3.85 -1.19 -14.72
C ALA D 96 4.54 -2.11 -15.72
N GLU D 97 5.27 -3.11 -15.24
CA GLU D 97 5.94 -4.03 -16.15
C GLU D 97 4.93 -4.85 -16.94
N LEU D 98 3.87 -5.30 -16.29
CA LEU D 98 2.87 -6.12 -16.98
C LEU D 98 1.96 -5.28 -17.86
N LEU D 99 1.65 -4.04 -17.45
CA LEU D 99 0.86 -3.16 -18.30
C LEU D 99 1.59 -2.88 -19.61
N VAL D 100 2.90 -2.63 -19.54
CA VAL D 100 3.69 -2.43 -20.75
C VAL D 100 3.67 -3.69 -21.60
N LEU D 101 3.87 -4.86 -20.97
CA LEU D 101 3.87 -6.11 -21.71
C LEU D 101 2.52 -6.37 -22.36
N MET D 102 1.42 -6.13 -21.63
CA MET D 102 0.09 -6.40 -22.16
C MET D 102 -0.28 -5.41 -23.25
N GLU D 103 0.00 -4.13 -23.04
CA GLU D 103 -0.35 -3.12 -24.03
C GLU D 103 0.56 -3.19 -25.26
N ASN D 104 1.78 -3.71 -25.13
CA ASN D 104 2.60 -3.93 -26.31
C ASN D 104 2.02 -5.01 -27.19
N GLU D 105 1.51 -6.08 -26.59
CA GLU D 105 0.84 -7.12 -27.37
C GLU D 105 -0.37 -6.55 -28.10
N ARG D 106 -1.18 -5.74 -27.40
CA ARG D 106 -2.38 -5.16 -28.00
C ARG D 106 -2.03 -4.23 -29.15
N THR D 107 -1.01 -3.39 -28.98
CA THR D 107 -0.65 -2.44 -30.02
C THR D 107 -0.22 -3.16 -31.31
N LEU D 108 0.58 -4.22 -31.18
CA LEU D 108 1.04 -4.92 -32.37
C LEU D 108 -0.12 -5.64 -33.07
N ASP D 109 -1.07 -6.16 -32.30
CA ASP D 109 -2.27 -6.75 -32.90
C ASP D 109 -3.20 -5.70 -33.51
N PHE D 110 -3.23 -4.50 -32.92
CA PHE D 110 -3.99 -3.40 -33.50
C PHE D 110 -3.48 -3.06 -34.90
N HIS D 111 -2.15 -2.96 -35.05
CA HIS D 111 -1.58 -2.70 -36.36
C HIS D 111 -1.90 -3.84 -37.32
N ASP D 112 -1.79 -5.08 -36.86
CA ASP D 112 -2.10 -6.23 -37.70
C ASP D 112 -3.55 -6.19 -38.16
N SER D 113 -4.46 -5.84 -37.25
CA SER D 113 -5.88 -5.76 -37.61
C SER D 113 -6.11 -4.68 -38.67
N ASN D 114 -5.44 -3.54 -38.53
CA ASN D 114 -5.66 -2.45 -39.49
C ASN D 114 -5.20 -2.85 -40.88
N VAL D 115 -4.05 -3.51 -40.99
CA VAL D 115 -3.56 -3.96 -42.29
C VAL D 115 -4.52 -4.97 -42.89
N LYS D 116 -5.00 -5.91 -42.08
CA LYS D 116 -5.93 -6.92 -42.58
C LYS D 116 -7.24 -6.27 -43.04
N ASN D 117 -7.75 -5.32 -42.27
CA ASN D 117 -8.98 -4.64 -42.67
C ASN D 117 -8.77 -3.88 -43.98
N LEU D 118 -7.61 -3.25 -44.15
CA LEU D 118 -7.32 -2.57 -45.40
C LEU D 118 -7.27 -3.55 -46.56
N TYR D 119 -6.69 -4.74 -46.34
CA TYR D 119 -6.69 -5.77 -47.37
C TYR D 119 -8.11 -6.21 -47.72
N ASP D 120 -8.97 -6.40 -46.72
CA ASP D 120 -10.32 -6.88 -46.98
C ASP D 120 -11.15 -5.85 -47.75
N LYS D 121 -11.00 -4.57 -47.40
CA LYS D 121 -11.76 -3.53 -48.09
C LYS D 121 -11.44 -3.51 -49.58
N VAL D 122 -10.16 -3.69 -49.93
CA VAL D 122 -9.78 -3.78 -51.33
C VAL D 122 -10.37 -5.03 -51.98
N ARG D 123 -10.34 -6.15 -51.26
CA ARG D 123 -10.84 -7.40 -51.83
C ARG D 123 -12.32 -7.32 -52.14
N LEU D 124 -13.10 -6.72 -51.25
CA LEU D 124 -14.55 -6.61 -51.46
C LEU D 124 -14.86 -5.72 -52.67
N GLN D 125 -14.12 -4.62 -52.84
CA GLN D 125 -14.29 -3.78 -54.01
C GLN D 125 -14.00 -4.56 -55.30
N LEU D 126 -12.88 -5.28 -55.33
CA LEU D 126 -12.40 -5.85 -56.58
C LEU D 126 -13.24 -7.04 -57.02
N ARG D 127 -13.65 -7.89 -56.09
CA ARG D 127 -14.34 -9.13 -56.41
C ARG D 127 -13.55 -9.95 -57.41
N ASP D 128 -14.22 -10.51 -58.42
CA ASP D 128 -13.58 -11.39 -59.38
C ASP D 128 -12.91 -10.65 -60.53
N ASN D 129 -12.97 -9.31 -60.54
CA ASN D 129 -12.23 -8.53 -61.53
C ASN D 129 -10.72 -8.64 -61.34
N ALA D 130 -10.28 -9.20 -60.21
CA ALA D 130 -8.88 -9.53 -60.00
C ALA D 130 -8.81 -10.79 -59.16
N LYS D 131 -7.66 -11.44 -59.20
CA LYS D 131 -7.40 -12.59 -58.35
C LYS D 131 -6.37 -12.22 -57.29
N GLU D 132 -6.58 -12.69 -56.07
CA GLU D 132 -5.61 -12.45 -55.01
C GLU D 132 -4.51 -13.49 -55.10
N LEU D 133 -3.26 -13.03 -55.05
CA LEU D 133 -2.09 -13.91 -55.14
C LEU D 133 -1.71 -14.53 -53.81
N GLY D 134 -2.27 -14.07 -52.70
CA GLY D 134 -2.01 -14.64 -51.39
C GLY D 134 -0.89 -13.98 -50.62
N ASN D 135 -0.14 -13.07 -51.22
CA ASN D 135 0.94 -12.35 -50.55
C ASN D 135 0.52 -10.95 -50.15
N GLY D 136 -0.77 -10.64 -50.20
CA GLY D 136 -1.25 -9.29 -49.96
C GLY D 136 -1.41 -8.48 -51.21
N CYS D 137 -1.31 -9.11 -52.38
CA CYS D 137 -1.39 -8.43 -53.66
C CYS D 137 -2.57 -8.98 -54.46
N PHE D 138 -3.05 -8.16 -55.40
CA PHE D 138 -4.11 -8.53 -56.32
C PHE D 138 -3.61 -8.34 -57.74
N GLU D 139 -3.81 -9.35 -58.58
CA GLU D 139 -3.47 -9.27 -59.99
C GLU D 139 -4.74 -8.96 -60.77
N PHE D 140 -4.76 -7.80 -61.42
CA PHE D 140 -5.94 -7.39 -62.17
C PHE D 140 -6.07 -8.16 -63.47
N TYR D 141 -7.30 -8.49 -63.84
CA TYR D 141 -7.56 -9.07 -65.15
C TYR D 141 -7.73 -7.96 -66.20
N HIS D 142 -8.44 -6.90 -65.85
CA HIS D 142 -8.59 -5.75 -66.72
C HIS D 142 -7.43 -4.78 -66.54
N LYS D 143 -7.32 -3.84 -67.47
CA LYS D 143 -6.28 -2.83 -67.42
C LYS D 143 -6.68 -1.76 -66.40
N CYS D 144 -5.85 -1.57 -65.37
CA CYS D 144 -6.14 -0.64 -64.30
C CYS D 144 -5.09 0.47 -64.34
N ASP D 145 -5.47 1.61 -64.89
CA ASP D 145 -4.57 2.76 -65.00
C ASP D 145 -4.45 3.44 -63.63
N ASN D 146 -3.76 4.58 -63.60
CA ASN D 146 -3.55 5.28 -62.33
C ASN D 146 -4.87 5.75 -61.74
N GLU D 147 -5.78 6.27 -62.58
CA GLU D 147 -7.09 6.70 -62.11
C GLU D 147 -7.88 5.53 -61.55
N CYS D 148 -7.82 4.37 -62.22
CA CYS D 148 -8.40 3.15 -61.68
C CYS D 148 -7.77 2.78 -60.35
N MET D 149 -6.44 2.87 -60.25
CA MET D 149 -5.77 2.55 -58.99
C MET D 149 -6.21 3.51 -57.88
N GLU D 150 -6.32 4.80 -58.20
CA GLU D 150 -6.76 5.77 -57.21
C GLU D 150 -8.18 5.46 -56.74
N SER D 151 -9.05 5.02 -57.66
CA SER D 151 -10.40 4.65 -57.29
C SER D 151 -10.42 3.46 -56.34
N VAL D 152 -9.46 2.54 -56.47
CA VAL D 152 -9.37 1.44 -55.51
C VAL D 152 -8.89 1.95 -54.15
N ARG D 153 -7.91 2.86 -54.15
CA ARG D 153 -7.35 3.36 -52.89
C ARG D 153 -8.38 4.15 -52.10
N ASN D 154 -9.13 5.04 -52.76
CA ASN D 154 -10.30 5.61 -52.10
C ASN D 154 -11.46 4.64 -52.34
N GLY D 155 -12.67 5.04 -51.99
CA GLY D 155 -13.72 4.04 -52.02
C GLY D 155 -14.49 3.90 -53.31
N THR D 156 -14.02 4.52 -54.40
CA THR D 156 -14.85 4.74 -55.59
C THR D 156 -14.51 3.80 -56.74
N TYR D 157 -14.17 2.54 -56.46
CA TYR D 157 -13.88 1.63 -57.54
C TYR D 157 -15.17 1.22 -58.24
N ASP D 158 -15.20 1.41 -59.56
CA ASP D 158 -16.39 1.11 -60.37
C ASP D 158 -16.27 -0.32 -60.88
N TYR D 159 -16.82 -1.26 -60.12
CA TYR D 159 -16.78 -2.66 -60.53
C TYR D 159 -17.51 -2.91 -61.86
N PRO D 160 -18.73 -2.41 -62.08
CA PRO D 160 -19.39 -2.69 -63.37
C PRO D 160 -18.65 -2.15 -64.59
N GLN D 161 -17.84 -1.10 -64.43
CA GLN D 161 -17.18 -0.50 -65.59
C GLN D 161 -16.25 -1.50 -66.28
N TYR D 162 -15.50 -2.29 -65.51
CA TYR D 162 -14.57 -3.26 -66.06
C TYR D 162 -15.07 -4.69 -65.99
N SER D 163 -16.37 -4.88 -65.69
CA SER D 163 -16.89 -6.22 -65.45
C SER D 163 -16.71 -7.11 -66.67
N GLU D 164 -17.16 -6.64 -67.84
CA GLU D 164 -17.04 -7.46 -69.05
C GLU D 164 -15.60 -7.55 -69.52
N GLU D 165 -14.84 -6.45 -69.41
CA GLU D 165 -13.44 -6.49 -69.83
C GLU D 165 -12.64 -7.50 -69.01
N ALA D 166 -12.86 -7.54 -67.70
CA ALA D 166 -12.22 -8.56 -66.88
C ALA D 166 -12.79 -9.95 -67.16
N ARG D 167 -14.09 -10.03 -67.43
CA ARG D 167 -14.71 -11.32 -67.72
C ARG D 167 -14.12 -11.96 -68.97
N LEU D 168 -13.92 -11.17 -70.02
CA LEU D 168 -13.36 -11.72 -71.26
C LEU D 168 -11.94 -12.21 -71.05
N LYS D 169 -11.12 -11.42 -70.34
CA LYS D 169 -9.75 -11.85 -70.05
C LYS D 169 -9.74 -13.07 -69.13
N ARG D 170 -10.67 -13.11 -68.17
CA ARG D 170 -10.75 -14.25 -67.25
C ARG D 170 -11.11 -15.53 -67.98
N GLU D 171 -11.79 -15.43 -69.14
CA GLU D 171 -12.03 -16.61 -69.95
C GLU D 171 -10.83 -16.95 -70.83
N GLU D 172 -10.09 -15.93 -71.28
CA GLU D 172 -8.91 -16.15 -72.11
C GLU D 172 -7.71 -16.69 -71.33
N ILE D 173 -7.76 -16.73 -70.00
CA ILE D 173 -6.72 -17.48 -69.30
C ILE D 173 -7.00 -18.96 -69.54
N SER D 174 -6.20 -19.57 -70.40
CA SER D 174 -6.47 -20.92 -70.88
C SER D 174 -5.34 -21.86 -70.47
N PRO E 1 -34.40 -5.49 -59.27
CA PRO E 1 -33.46 -5.65 -58.15
C PRO E 1 -33.07 -7.11 -57.93
N GLY E 2 -32.77 -7.46 -56.68
CA GLY E 2 -32.42 -8.83 -56.34
C GLY E 2 -32.61 -9.06 -54.86
N ASP E 3 -32.93 -10.30 -54.51
CA ASP E 3 -33.15 -10.64 -53.12
C ASP E 3 -31.89 -10.43 -52.30
N GLN E 4 -32.05 -9.92 -51.08
CA GLN E 4 -30.93 -9.55 -50.24
C GLN E 4 -31.13 -10.06 -48.82
N ILE E 5 -30.02 -10.42 -48.18
CA ILE E 5 -29.95 -10.66 -46.74
C ILE E 5 -28.73 -9.92 -46.21
N CYS E 6 -28.88 -9.31 -45.03
CA CYS E 6 -27.84 -8.46 -44.47
C CYS E 6 -27.56 -8.89 -43.03
N ILE E 7 -26.34 -8.60 -42.59
CA ILE E 7 -25.92 -8.83 -41.21
C ILE E 7 -25.80 -7.47 -40.54
N GLY E 8 -26.29 -7.38 -39.31
CA GLY E 8 -26.26 -6.08 -38.65
C GLY E 8 -26.41 -6.25 -37.15
N TYR E 9 -26.47 -5.11 -36.48
CA TYR E 9 -26.42 -5.08 -35.04
C TYR E 9 -27.36 -4.00 -34.50
N HIS E 10 -27.64 -4.09 -33.20
CA HIS E 10 -28.65 -3.28 -32.54
C HIS E 10 -28.23 -1.82 -32.45
N ALA E 11 -29.22 -0.94 -32.45
CA ALA E 11 -29.01 0.48 -32.19
C ALA E 11 -30.26 1.04 -31.52
N ASN E 12 -30.06 1.95 -30.57
CA ASN E 12 -31.17 2.58 -29.85
C ASN E 12 -30.87 4.08 -29.74
N ASN E 13 -31.65 4.76 -28.90
CA ASN E 13 -31.57 6.21 -28.74
C ASN E 13 -30.67 6.62 -27.58
N SER E 14 -29.96 5.69 -26.97
CA SER E 14 -29.15 5.99 -25.80
C SER E 14 -28.02 6.96 -26.15
N THR E 15 -27.71 7.85 -25.20
CA THR E 15 -26.61 8.79 -25.33
C THR E 15 -25.49 8.52 -24.33
N GLU E 16 -25.54 7.39 -23.63
CA GLU E 16 -24.47 7.02 -22.72
C GLU E 16 -23.15 6.94 -23.46
N GLN E 17 -22.10 7.48 -22.85
CA GLN E 17 -20.77 7.52 -23.43
C GLN E 17 -19.78 6.82 -22.51
N VAL E 18 -18.85 6.09 -23.12
CA VAL E 18 -17.77 5.43 -22.40
C VAL E 18 -16.45 5.79 -23.05
N ASP E 19 -15.38 5.62 -22.30
CA ASP E 19 -14.03 5.82 -22.80
C ASP E 19 -13.31 4.49 -22.92
N THR E 20 -12.43 4.39 -23.91
CA THR E 20 -11.56 3.24 -24.08
C THR E 20 -10.11 3.71 -24.11
N ILE E 21 -9.19 2.74 -24.12
CA ILE E 21 -7.76 3.05 -24.17
C ILE E 21 -7.44 3.85 -25.43
N MET E 22 -8.07 3.52 -26.56
CA MET E 22 -7.76 4.17 -27.82
C MET E 22 -8.76 5.24 -28.22
N GLU E 23 -9.97 5.25 -27.65
CA GLU E 23 -11.01 6.20 -28.05
C GLU E 23 -11.63 6.86 -26.82
N LYS E 24 -12.06 8.10 -27.00
CA LYS E 24 -12.74 8.85 -25.96
C LYS E 24 -14.13 9.22 -26.44
N ASN E 25 -15.07 9.24 -25.49
CA ASN E 25 -16.45 9.69 -25.75
C ASN E 25 -17.10 8.86 -26.86
N VAL E 26 -17.25 7.57 -26.59
CA VAL E 26 -17.86 6.63 -27.52
C VAL E 26 -19.27 6.32 -27.03
N THR E 27 -20.26 6.56 -27.89
CA THR E 27 -21.65 6.30 -27.52
C THR E 27 -21.95 4.81 -27.61
N VAL E 28 -22.62 4.28 -26.59
CA VAL E 28 -22.94 2.86 -26.50
C VAL E 28 -24.42 2.69 -26.17
N THR E 29 -24.97 1.53 -26.56
CA THR E 29 -26.38 1.27 -26.34
C THR E 29 -26.71 1.07 -24.87
N HIS E 30 -25.78 0.53 -24.09
CA HIS E 30 -25.99 0.34 -22.66
C HIS E 30 -24.66 0.42 -21.94
N ALA E 31 -24.72 0.86 -20.68
CA ALA E 31 -23.52 1.00 -19.86
C ALA E 31 -23.91 0.89 -18.40
N GLN E 32 -22.92 0.57 -17.57
CA GLN E 32 -23.11 0.40 -16.14
C GLN E 32 -21.96 1.06 -15.39
N ASP E 33 -22.28 1.77 -14.32
CA ASP E 33 -21.30 2.46 -13.51
C ASP E 33 -20.94 1.59 -12.31
N ILE E 34 -19.64 1.40 -12.07
CA ILE E 34 -19.15 0.60 -10.96
C ILE E 34 -18.61 1.47 -9.83
N LEU E 35 -18.80 2.79 -9.91
CA LEU E 35 -18.43 3.71 -8.84
C LEU E 35 -19.67 4.10 -8.05
N GLU E 36 -19.56 4.09 -6.72
CA GLU E 36 -20.66 4.46 -5.85
C GLU E 36 -20.49 5.91 -5.42
N LYS E 37 -21.52 6.73 -5.67
CA LYS E 37 -21.47 8.14 -5.33
C LYS E 37 -22.57 8.58 -4.39
N THR E 38 -23.39 7.66 -3.88
CA THR E 38 -24.58 8.01 -3.12
C THR E 38 -24.47 7.51 -1.68
N HIS E 39 -24.88 8.36 -0.75
CA HIS E 39 -24.98 8.01 0.66
C HIS E 39 -26.29 8.54 1.21
N ASN E 40 -26.80 7.88 2.25
CA ASN E 40 -28.08 8.30 2.82
C ASN E 40 -27.96 9.58 3.66
N GLY E 41 -26.75 10.05 3.93
CA GLY E 41 -26.56 11.27 4.69
C GLY E 41 -26.96 11.20 6.15
N ARG E 42 -26.92 10.01 6.76
CA ARG E 42 -27.29 9.85 8.15
C ARG E 42 -26.30 8.94 8.86
N LEU E 43 -26.16 9.13 10.16
CA LEU E 43 -25.38 8.22 10.98
C LEU E 43 -26.25 7.02 11.37
N CYS E 44 -25.73 5.82 11.14
CA CYS E 44 -26.51 4.60 11.25
C CYS E 44 -25.86 3.64 12.23
N ASP E 45 -26.61 2.61 12.60
CA ASP E 45 -26.02 1.50 13.35
C ASP E 45 -25.02 0.77 12.45
N LEU E 46 -23.95 0.28 13.07
CA LEU E 46 -22.97 -0.55 12.37
C LEU E 46 -23.29 -2.00 12.70
N ASN E 47 -23.90 -2.69 11.74
CA ASN E 47 -24.34 -4.08 11.92
C ASN E 47 -25.27 -4.20 13.12
N GLY E 48 -26.28 -3.34 13.15
CA GLY E 48 -27.30 -3.40 14.17
C GLY E 48 -26.91 -2.91 15.55
N VAL E 49 -25.70 -2.37 15.70
CA VAL E 49 -25.21 -1.86 16.99
C VAL E 49 -25.14 -0.35 16.91
N LYS E 50 -25.85 0.32 17.81
CA LYS E 50 -25.92 1.78 17.79
C LYS E 50 -24.57 2.38 18.17
N PRO E 51 -24.15 3.45 17.51
CA PRO E 51 -22.94 4.16 17.94
C PRO E 51 -23.18 4.97 19.20
N LEU E 52 -22.09 5.28 19.90
CA LEU E 52 -22.11 6.18 21.04
C LEU E 52 -21.89 7.60 20.52
N ILE E 53 -22.91 8.45 20.69
CA ILE E 53 -22.86 9.82 20.21
C ILE E 53 -22.67 10.73 21.42
N LEU E 54 -21.52 11.41 21.48
CA LEU E 54 -21.21 12.36 22.55
C LEU E 54 -21.46 13.76 22.00
N LYS E 55 -22.68 14.26 22.22
CA LYS E 55 -23.17 15.44 21.54
C LYS E 55 -22.26 16.65 21.73
N ASP E 56 -22.17 17.16 22.96
CA ASP E 56 -21.36 18.33 23.26
C ASP E 56 -20.20 18.01 24.20
N CYS E 57 -19.87 16.74 24.34
CA CYS E 57 -18.80 16.31 25.25
C CYS E 57 -17.73 15.55 24.50
N SER E 58 -16.51 15.67 25.00
CA SER E 58 -15.43 14.80 24.59
C SER E 58 -15.50 13.50 25.39
N VAL E 59 -14.61 12.56 25.01
CA VAL E 59 -14.56 11.29 25.72
C VAL E 59 -14.16 11.51 27.18
N ALA E 60 -13.16 12.38 27.41
CA ALA E 60 -12.68 12.60 28.77
C ALA E 60 -13.77 13.18 29.66
N GLY E 61 -14.51 14.16 29.17
CA GLY E 61 -15.60 14.72 29.95
C GLY E 61 -16.70 13.71 30.24
N TRP E 62 -17.05 12.91 29.23
CA TRP E 62 -18.07 11.89 29.43
C TRP E 62 -17.63 10.85 30.47
N LEU E 63 -16.36 10.43 30.42
CA LEU E 63 -15.86 9.44 31.36
C LEU E 63 -15.80 9.98 32.78
N LEU E 64 -15.19 11.14 32.96
CA LEU E 64 -15.03 11.71 34.31
C LEU E 64 -16.32 12.29 34.87
N GLY E 65 -17.33 12.51 34.03
CA GLY E 65 -18.58 13.05 34.51
C GLY E 65 -18.52 14.55 34.70
N ASN E 66 -18.23 15.29 33.63
CA ASN E 66 -18.31 16.73 33.68
C ASN E 66 -19.73 17.15 34.07
N PRO E 67 -19.88 18.12 34.97
CA PRO E 67 -21.23 18.52 35.38
C PRO E 67 -22.11 18.99 34.23
N MET E 68 -21.52 19.62 33.20
CA MET E 68 -22.27 20.07 32.04
C MET E 68 -22.35 19.00 30.96
N CYS E 69 -22.24 17.73 31.33
CA CYS E 69 -22.02 16.70 30.34
C CYS E 69 -23.10 15.61 30.34
N ASP E 70 -23.46 15.09 31.52
CA ASP E 70 -24.31 13.90 31.59
C ASP E 70 -25.79 14.24 31.37
N GLU E 71 -26.08 14.78 30.18
CA GLU E 71 -27.42 14.70 29.63
C GLU E 71 -27.70 13.32 29.07
N PHE E 72 -26.70 12.44 29.06
CA PHE E 72 -26.79 11.10 28.51
C PHE E 72 -27.52 10.16 29.46
N ILE E 73 -27.77 8.96 28.97
CA ILE E 73 -28.42 7.87 29.70
C ILE E 73 -27.46 6.69 29.57
N ARG E 74 -27.83 5.54 30.09
CA ARG E 74 -26.96 4.37 30.05
C ARG E 74 -26.96 3.78 28.64
N VAL E 75 -25.79 3.77 28.00
CA VAL E 75 -25.57 3.05 26.76
C VAL E 75 -24.67 1.86 27.10
N PRO E 76 -25.20 0.63 27.09
CA PRO E 76 -24.40 -0.52 27.50
C PRO E 76 -23.54 -1.12 26.39
N GLU E 77 -23.72 -0.71 25.14
CA GLU E 77 -23.00 -1.32 24.03
C GLU E 77 -22.99 -0.33 22.87
N TRP E 78 -21.86 -0.26 22.16
CA TRP E 78 -21.80 0.58 20.96
C TRP E 78 -20.76 0.01 20.00
N SER E 79 -20.88 0.40 18.73
CA SER E 79 -19.99 -0.06 17.67
C SER E 79 -18.89 0.93 17.33
N TYR E 80 -19.15 2.22 17.45
CA TYR E 80 -18.14 3.25 17.27
C TYR E 80 -18.59 4.47 18.04
N ILE E 81 -17.72 5.48 18.10
CA ILE E 81 -17.98 6.70 18.86
C ILE E 81 -17.98 7.88 17.90
N VAL E 82 -19.02 8.71 17.98
CA VAL E 82 -19.11 9.95 17.22
C VAL E 82 -18.80 11.10 18.15
N GLU E 83 -17.69 11.79 17.89
CA GLU E 83 -17.32 13.01 18.59
C GLU E 83 -17.43 14.18 17.63
N ARG E 84 -17.91 15.31 18.14
CA ARG E 84 -17.90 16.50 17.30
C ARG E 84 -16.46 16.99 17.15
N THR E 85 -16.22 17.75 16.08
CA THR E 85 -14.85 18.12 15.74
C THR E 85 -14.17 18.88 16.88
N ASN E 86 -14.89 19.83 17.48
CA ASN E 86 -14.42 20.54 18.66
C ASN E 86 -15.52 20.46 19.71
N PRO E 87 -15.47 19.46 20.59
CA PRO E 87 -16.43 19.40 21.69
C PRO E 87 -16.24 20.57 22.65
N ALA E 88 -17.32 20.93 23.33
CA ALA E 88 -17.32 22.07 24.23
C ALA E 88 -16.91 21.70 25.65
N ASN E 89 -17.52 20.66 26.21
CA ASN E 89 -17.27 20.28 27.60
C ASN E 89 -16.30 19.11 27.61
N ASP E 90 -15.00 19.41 27.61
CA ASP E 90 -13.96 18.39 27.69
C ASP E 90 -13.49 18.16 29.12
N LEU E 91 -12.86 19.17 29.73
CA LEU E 91 -12.26 19.04 31.07
C LEU E 91 -12.54 20.35 31.80
N CYS E 92 -13.61 20.36 32.60
CA CYS E 92 -14.00 21.60 33.27
C CYS E 92 -12.84 22.15 34.11
N TYR E 93 -12.25 21.31 34.95
CA TYR E 93 -11.02 21.69 35.62
C TYR E 93 -9.83 21.43 34.69
N PRO E 94 -9.02 22.44 34.38
CA PRO E 94 -7.94 22.22 33.40
C PRO E 94 -6.95 21.17 33.87
N GLY E 95 -6.39 20.47 32.91
CA GLY E 95 -5.44 19.39 33.18
C GLY E 95 -5.33 18.48 31.97
N ASN E 96 -4.97 17.22 32.24
CA ASN E 96 -4.83 16.23 31.19
C ASN E 96 -5.38 14.90 31.67
N LEU E 97 -5.72 14.05 30.70
CA LEU E 97 -5.97 12.64 30.93
C LEU E 97 -4.84 11.87 30.28
N ASN E 98 -4.12 11.09 31.08
CA ASN E 98 -2.94 10.38 30.57
C ASN E 98 -3.35 9.28 29.60
N ASP E 99 -2.55 9.12 28.54
CA ASP E 99 -2.80 8.13 27.49
C ASP E 99 -4.21 8.28 26.93
N TYR E 100 -4.60 9.54 26.68
CA TYR E 100 -5.97 9.82 26.23
C TYR E 100 -6.28 9.10 24.92
N GLU E 101 -5.35 9.15 23.97
CA GLU E 101 -5.62 8.62 22.63
C GLU E 101 -5.76 7.10 22.65
N GLU E 102 -4.89 6.41 23.37
CA GLU E 102 -5.01 4.96 23.49
C GLU E 102 -6.30 4.59 24.22
N LEU E 103 -6.69 5.37 25.24
CA LEU E 103 -7.94 5.10 25.93
C LEU E 103 -9.14 5.29 25.00
N LYS E 104 -9.09 6.31 24.14
CA LYS E 104 -10.16 6.50 23.17
C LYS E 104 -10.23 5.33 22.20
N HIS E 105 -9.07 4.83 21.76
CA HIS E 105 -9.08 3.66 20.88
C HIS E 105 -9.70 2.45 21.58
N LEU E 106 -9.37 2.26 22.85
CA LEU E 106 -9.91 1.13 23.59
C LEU E 106 -11.42 1.18 23.70
N LEU E 107 -11.99 2.38 23.84
CA LEU E 107 -13.42 2.54 24.04
C LEU E 107 -14.18 2.70 22.72
N SER E 108 -13.51 2.65 21.58
CA SER E 108 -14.19 2.87 20.31
C SER E 108 -15.30 1.85 20.09
N ARG E 109 -15.04 0.59 20.42
CA ARG E 109 -16.03 -0.47 20.31
C ARG E 109 -16.02 -1.25 21.62
N ILE E 110 -17.15 -1.27 22.33
CA ILE E 110 -17.27 -1.91 23.63
C ILE E 110 -18.47 -2.85 23.60
N ASN E 111 -18.26 -4.10 24.03
CA ASN E 111 -19.35 -5.08 24.06
C ASN E 111 -20.28 -4.87 25.25
N HIS E 112 -19.75 -4.43 26.38
CA HIS E 112 -20.57 -4.17 27.56
C HIS E 112 -19.93 -3.06 28.39
N PHE E 113 -20.74 -2.06 28.74
CA PHE E 113 -20.30 -0.90 29.50
C PHE E 113 -21.35 -0.58 30.55
N GLU E 114 -20.92 -0.40 31.80
CA GLU E 114 -21.88 -0.18 32.88
C GLU E 114 -21.18 0.55 34.01
N LYS E 115 -21.59 1.80 34.25
CA LYS E 115 -21.07 2.55 35.39
C LYS E 115 -21.45 1.87 36.69
N THR E 116 -20.48 1.75 37.60
CA THR E 116 -20.71 1.11 38.89
C THR E 116 -20.01 1.87 40.00
N LEU E 117 -20.70 1.99 41.13
CA LEU E 117 -20.13 2.63 42.30
C LEU E 117 -19.16 1.67 42.98
N ILE E 118 -17.93 2.13 43.22
CA ILE E 118 -16.89 1.29 43.79
C ILE E 118 -16.41 1.84 45.14
N ILE E 119 -16.23 3.15 45.24
CA ILE E 119 -15.82 3.76 46.51
C ILE E 119 -16.79 4.88 46.88
N PRO E 120 -17.81 4.61 47.69
CA PRO E 120 -18.73 5.68 48.08
C PRO E 120 -18.04 6.71 48.97
N LYS E 121 -18.64 7.91 49.00
CA LYS E 121 -18.04 9.01 49.76
C LYS E 121 -17.99 8.74 51.25
N SER E 122 -18.83 7.83 51.75
CA SER E 122 -18.78 7.47 53.17
C SER E 122 -17.47 6.78 53.54
N SER E 123 -16.71 6.31 52.55
CA SER E 123 -15.42 5.66 52.80
C SER E 123 -14.30 6.64 53.12
N TRP E 124 -14.61 7.91 53.33
CA TRP E 124 -13.63 8.93 53.71
C TRP E 124 -14.12 9.65 54.96
N PRO E 125 -14.23 8.93 56.09
CA PRO E 125 -14.80 9.56 57.29
C PRO E 125 -13.95 10.68 57.86
N ASN E 126 -12.65 10.68 57.58
CA ASN E 126 -11.74 11.69 58.12
C ASN E 126 -11.21 12.64 57.06
N HIS E 127 -11.95 12.80 55.96
CA HIS E 127 -11.57 13.71 54.89
C HIS E 127 -12.82 14.38 54.36
N GLU E 128 -12.65 15.63 53.90
CA GLU E 128 -13.74 16.35 53.27
C GLU E 128 -13.92 15.83 51.84
N THR E 129 -15.18 15.57 51.47
CA THR E 129 -15.48 15.05 50.14
C THR E 129 -16.25 16.05 49.28
N SER E 130 -16.58 17.22 49.81
CA SER E 130 -17.33 18.23 49.05
C SER E 130 -16.40 19.23 48.37
N GLY E 131 -15.41 18.71 47.65
CA GLY E 131 -14.54 19.57 46.86
C GLY E 131 -15.26 20.08 45.64
N VAL E 132 -15.35 21.40 45.51
CA VAL E 132 -16.19 22.04 44.51
C VAL E 132 -15.44 23.20 43.88
N SER E 133 -15.59 23.37 42.57
CA SER E 133 -14.90 24.43 41.84
C SER E 133 -15.87 25.15 40.92
N ALA E 134 -15.61 26.46 40.70
CA ALA E 134 -16.44 27.26 39.80
C ALA E 134 -16.17 26.95 38.33
N ALA E 135 -14.98 26.44 38.00
CA ALA E 135 -14.71 26.03 36.63
C ALA E 135 -15.53 24.83 36.22
N CYS E 136 -16.19 24.16 37.16
CA CYS E 136 -17.04 23.00 36.88
C CYS E 136 -18.48 23.29 37.28
N PRO E 137 -19.13 24.27 36.68
CA PRO E 137 -20.48 24.65 37.12
C PRO E 137 -21.53 23.65 36.68
N TYR E 138 -22.54 23.49 37.54
CA TYR E 138 -23.77 22.80 37.17
C TYR E 138 -24.90 23.79 37.37
N GLN E 139 -25.51 24.23 36.26
CA GLN E 139 -26.58 25.23 36.28
C GLN E 139 -26.13 26.52 36.97
N GLY E 140 -24.86 26.88 36.77
CA GLY E 140 -24.30 28.07 37.37
C GLY E 140 -23.70 27.87 38.74
N VAL E 141 -24.25 26.96 39.54
CA VAL E 141 -23.69 26.66 40.85
C VAL E 141 -22.41 25.85 40.68
N PRO E 142 -21.32 26.20 41.38
CA PRO E 142 -20.09 25.41 41.26
C PRO E 142 -20.30 23.97 41.65
N SER E 143 -19.63 23.08 40.92
CA SER E 143 -19.79 21.63 41.09
C SER E 143 -18.44 20.98 40.77
N PHE E 144 -18.47 19.67 40.54
CA PHE E 144 -17.26 18.91 40.27
C PHE E 144 -17.60 17.72 39.38
N PHE E 145 -16.57 16.99 38.96
CA PHE E 145 -16.77 15.75 38.23
C PHE E 145 -17.62 14.79 39.05
N ARG E 146 -18.61 14.18 38.41
CA ARG E 146 -19.55 13.33 39.15
C ARG E 146 -18.95 11.99 39.54
N ASN E 147 -17.91 11.52 38.85
CA ASN E 147 -17.41 10.17 39.08
C ASN E 147 -16.15 10.11 39.94
N VAL E 148 -15.57 11.26 40.31
CA VAL E 148 -14.41 11.29 41.18
C VAL E 148 -14.67 12.30 42.29
N VAL E 149 -13.91 12.16 43.38
CA VAL E 149 -14.12 12.92 44.60
C VAL E 149 -12.87 13.74 44.90
N TRP E 150 -13.06 15.04 45.12
CA TRP E 150 -11.97 15.91 45.57
C TRP E 150 -11.84 15.78 47.08
N LEU E 151 -10.69 15.30 47.54
CA LEU E 151 -10.46 15.09 48.96
C LEU E 151 -9.78 16.31 49.58
N THR E 152 -10.37 16.83 50.65
CA THR E 152 -9.88 18.03 51.31
C THR E 152 -9.64 17.74 52.79
N LYS E 153 -8.78 18.55 53.41
CA LYS E 153 -8.48 18.39 54.82
C LYS E 153 -9.73 18.61 55.68
N LYS E 154 -9.79 17.89 56.80
CA LYS E 154 -10.90 17.95 57.74
C LYS E 154 -10.37 18.10 59.15
N ASN E 155 -10.94 19.04 59.91
CA ASN E 155 -10.49 19.35 61.26
C ASN E 155 -9.00 19.67 61.29
N ASP E 156 -8.55 20.41 60.27
CA ASP E 156 -7.14 20.76 60.11
C ASP E 156 -6.25 19.51 60.07
N ALA E 157 -6.70 18.48 59.36
CA ALA E 157 -5.95 17.23 59.32
C ALA E 157 -6.22 16.51 58.01
N TYR E 158 -5.16 15.92 57.45
CA TYR E 158 -5.25 15.05 56.27
C TYR E 158 -4.56 13.75 56.61
N PRO E 159 -5.26 12.80 57.24
CA PRO E 159 -4.66 11.51 57.55
C PRO E 159 -4.22 10.79 56.29
N THR E 160 -3.09 10.09 56.38
CA THR E 160 -2.58 9.33 55.24
C THR E 160 -3.57 8.24 54.84
N ILE E 161 -4.00 8.27 53.58
CA ILE E 161 -5.01 7.34 53.10
C ILE E 161 -4.33 6.05 52.67
N LYS E 162 -4.73 4.93 53.26
CA LYS E 162 -4.24 3.60 52.89
C LYS E 162 -5.48 2.73 52.70
N MET E 163 -6.02 2.76 51.48
CA MET E 163 -7.24 2.02 51.18
C MET E 163 -7.04 1.23 49.89
N SER E 164 -7.93 0.26 49.68
CA SER E 164 -7.86 -0.57 48.48
C SER E 164 -9.26 -0.96 48.07
N TYR E 165 -9.41 -1.30 46.79
CA TYR E 165 -10.63 -1.87 46.25
C TYR E 165 -10.29 -3.15 45.48
N ASN E 166 -11.11 -4.17 45.68
CA ASN E 166 -10.91 -5.48 45.08
C ASN E 166 -12.02 -5.71 44.07
N ASN E 167 -11.65 -6.01 42.82
CA ASN E 167 -12.63 -6.22 41.77
C ASN E 167 -13.33 -7.57 41.96
N THR E 168 -14.45 -7.56 42.69
CA THR E 168 -15.22 -8.77 42.92
C THR E 168 -16.14 -9.13 41.76
N ASN E 169 -16.34 -8.21 40.81
CA ASN E 169 -17.18 -8.51 39.65
C ASN E 169 -16.46 -9.43 38.67
N GLY E 170 -17.21 -9.97 37.73
CA GLY E 170 -16.68 -10.89 36.75
C GLY E 170 -16.13 -10.24 35.50
N GLU E 171 -16.06 -8.91 35.45
CA GLU E 171 -15.62 -8.20 34.26
C GLU E 171 -14.47 -7.26 34.62
N ASP E 172 -13.78 -6.79 33.58
CA ASP E 172 -12.72 -5.81 33.76
C ASP E 172 -13.32 -4.49 34.21
N LEU E 173 -12.55 -3.75 35.02
CA LEU E 173 -12.98 -2.45 35.53
C LEU E 173 -12.03 -1.38 35.01
N LEU E 174 -12.58 -0.38 34.33
CA LEU E 174 -11.85 0.83 33.99
C LEU E 174 -11.99 1.81 35.14
N ILE E 175 -10.86 2.19 35.75
CA ILE E 175 -10.82 3.02 36.95
C ILE E 175 -10.00 4.26 36.64
N LEU E 176 -10.52 5.42 37.04
CA LEU E 176 -9.84 6.70 36.82
C LEU E 176 -9.64 7.41 38.14
N TRP E 177 -8.49 8.07 38.27
CA TRP E 177 -8.14 8.84 39.45
C TRP E 177 -7.25 9.98 39.02
N GLY E 178 -6.90 10.85 39.95
CA GLY E 178 -6.11 12.00 39.56
C GLY E 178 -5.35 12.62 40.71
N ILE E 179 -4.48 13.57 40.35
CA ILE E 179 -3.70 14.34 41.29
C ILE E 179 -3.90 15.82 40.98
N HIS E 180 -4.10 16.62 42.02
CA HIS E 180 -4.32 18.05 41.87
C HIS E 180 -3.01 18.80 42.07
N HIS E 181 -2.67 19.64 41.11
CA HIS E 181 -1.47 20.48 41.19
C HIS E 181 -1.85 21.84 41.76
N SER E 182 -1.24 22.20 42.89
CA SER E 182 -1.50 23.47 43.55
C SER E 182 -0.63 24.58 42.94
N ASN E 183 -0.90 25.81 43.35
CA ASN E 183 -0.22 26.97 42.78
C ASN E 183 0.84 27.57 43.68
N ASN E 184 0.68 27.45 45.01
CA ASN E 184 1.65 28.00 45.95
C ASN E 184 1.54 27.25 47.26
N ALA E 185 2.55 27.43 48.12
CA ALA E 185 2.59 26.70 49.38
C ALA E 185 1.40 27.04 50.25
N ALA E 186 0.93 28.29 50.20
CA ALA E 186 -0.23 28.70 51.00
C ALA E 186 -1.48 27.92 50.60
N GLU E 187 -1.76 27.86 49.29
CA GLU E 187 -2.92 27.12 48.83
C GLU E 187 -2.79 25.64 49.15
N GLN E 188 -1.56 25.10 49.08
CA GLN E 188 -1.34 23.69 49.40
C GLN E 188 -1.71 23.39 50.84
N ILE E 189 -1.28 24.24 51.78
CA ILE E 189 -1.62 24.05 53.18
C ILE E 189 -3.10 24.27 53.41
N ASN E 190 -3.68 25.27 52.75
CA ASN E 190 -5.08 25.59 52.96
C ASN E 190 -6.00 24.45 52.53
N LEU E 191 -5.59 23.64 51.55
CA LEU E 191 -6.38 22.53 51.05
C LEU E 191 -6.06 21.20 51.72
N TYR E 192 -4.78 20.91 51.96
CA TYR E 192 -4.37 19.60 52.45
C TYR E 192 -3.52 19.62 53.71
N LYS E 193 -2.97 20.77 54.11
CA LYS E 193 -2.21 20.95 55.35
C LYS E 193 -0.85 20.26 55.30
N ASN E 194 -0.61 19.46 54.27
CA ASN E 194 0.66 18.73 54.16
C ASN E 194 1.48 19.32 53.02
N PRO E 195 2.57 20.03 53.31
CA PRO E 195 3.33 20.68 52.22
C PRO E 195 3.93 19.70 51.23
N THR E 196 4.49 18.60 51.70
CA THR E 196 5.11 17.58 50.86
C THR E 196 4.18 16.38 50.76
N THR E 197 3.71 16.10 49.55
CA THR E 197 2.60 15.18 49.35
C THR E 197 2.89 14.27 48.16
N TYR E 198 2.13 13.17 48.10
CA TYR E 198 2.31 12.15 47.07
C TYR E 198 1.00 11.40 46.87
N VAL E 199 0.90 10.74 45.72
CA VAL E 199 -0.21 9.84 45.39
C VAL E 199 0.40 8.59 44.77
N SER E 200 0.25 7.45 45.44
CA SER E 200 0.78 6.19 44.96
C SER E 200 -0.36 5.24 44.65
N VAL E 201 -0.29 4.60 43.49
CA VAL E 201 -1.32 3.68 43.02
C VAL E 201 -0.64 2.40 42.57
N GLY E 202 -1.13 1.26 43.05
CA GLY E 202 -0.56 -0.02 42.71
C GLY E 202 -1.59 -1.10 42.43
N THR E 203 -1.30 -1.94 41.44
CA THR E 203 -2.11 -3.12 41.11
C THR E 203 -1.17 -4.29 40.88
N SER E 204 -1.69 -5.37 40.31
CA SER E 204 -0.81 -6.48 39.94
C SER E 204 0.21 -6.07 38.90
N THR E 205 -0.10 -5.06 38.08
CA THR E 205 0.81 -4.57 37.06
C THR E 205 1.18 -3.10 37.19
N LEU E 206 0.30 -2.28 37.77
CA LEU E 206 0.55 -0.85 37.88
C LEU E 206 1.40 -0.55 39.10
N ASN E 207 2.35 0.38 38.94
CA ASN E 207 3.23 0.79 40.02
C ASN E 207 3.55 2.27 39.79
N GLN E 208 2.75 3.14 40.41
CA GLN E 208 2.74 4.56 40.07
C GLN E 208 2.91 5.40 41.33
N ARG E 209 3.71 6.45 41.21
CA ARG E 209 3.94 7.40 42.30
C ARG E 209 3.91 8.80 41.72
N LEU E 210 2.92 9.60 42.12
CA LEU E 210 2.72 10.94 41.60
C LEU E 210 2.94 11.98 42.70
N VAL E 211 3.64 13.04 42.36
CA VAL E 211 3.92 14.15 43.27
C VAL E 211 3.46 15.44 42.60
N PRO E 212 2.70 16.29 43.29
CA PRO E 212 2.22 17.53 42.65
C PRO E 212 3.35 18.49 42.33
N LYS E 213 3.19 19.21 41.22
CA LYS E 213 4.10 20.27 40.80
C LYS E 213 3.47 21.60 41.19
N ILE E 214 3.98 22.21 42.24
CA ILE E 214 3.45 23.47 42.76
C ILE E 214 4.21 24.60 42.08
N ALA E 215 3.58 25.21 41.08
CA ALA E 215 4.20 26.30 40.34
C ALA E 215 3.10 27.16 39.73
N THR E 216 3.48 28.35 39.30
CA THR E 216 2.53 29.27 38.69
C THR E 216 2.31 28.90 37.22
N ARG E 217 1.04 28.83 36.83
CA ARG E 217 0.67 28.47 35.47
C ARG E 217 -0.32 29.50 34.92
N SER E 218 -0.41 29.56 33.60
CA SER E 218 -1.35 30.44 32.95
C SER E 218 -2.79 29.99 33.23
N GLN E 219 -3.68 30.96 33.36
CA GLN E 219 -5.06 30.68 33.69
C GLN E 219 -5.75 29.95 32.54
N VAL E 220 -6.50 28.90 32.87
CA VAL E 220 -7.38 28.22 31.94
C VAL E 220 -8.71 27.97 32.65
N ASN E 221 -9.83 28.34 32.01
CA ASN E 221 -11.14 28.32 32.64
C ASN E 221 -11.13 29.11 33.93
N GLY E 222 -10.39 30.22 33.92
CA GLY E 222 -10.24 31.04 35.11
C GLY E 222 -9.45 30.42 36.23
N LEU E 223 -8.61 29.42 35.95
CA LEU E 223 -7.92 28.68 36.99
C LEU E 223 -6.47 28.44 36.63
N GLN E 224 -5.59 28.60 37.62
CA GLN E 224 -4.17 28.30 37.45
C GLN E 224 -3.80 26.90 37.92
N GLY E 225 -4.67 26.24 38.69
CA GLY E 225 -4.41 24.87 39.08
C GLY E 225 -4.65 23.90 37.95
N ARG E 226 -4.12 22.68 38.12
CA ARG E 226 -4.26 21.63 37.13
C ARG E 226 -4.58 20.32 37.83
N MET E 227 -5.33 19.47 37.15
CA MET E 227 -5.64 18.13 37.64
C MET E 227 -5.23 17.12 36.57
N ASP E 228 -4.23 16.30 36.88
CA ASP E 228 -3.77 15.25 35.98
C ASP E 228 -4.47 13.95 36.35
N PHE E 229 -5.19 13.38 35.38
CA PHE E 229 -5.95 12.16 35.59
C PHE E 229 -5.27 10.98 34.92
N PHE E 230 -5.43 9.80 35.52
CA PHE E 230 -4.83 8.57 35.05
C PHE E 230 -5.85 7.45 35.13
N TRP E 231 -5.60 6.38 34.39
CA TRP E 231 -6.53 5.26 34.33
C TRP E 231 -5.78 3.95 34.31
N THR E 232 -6.51 2.87 34.57
CA THR E 232 -5.98 1.52 34.49
C THR E 232 -7.14 0.57 34.24
N ILE E 233 -6.81 -0.64 33.84
CA ILE E 233 -7.78 -1.71 33.63
C ILE E 233 -7.52 -2.75 34.72
N LEU E 234 -8.44 -2.88 35.67
CA LEU E 234 -8.27 -3.79 36.79
C LEU E 234 -8.95 -5.11 36.45
N LYS E 235 -8.15 -6.16 36.32
CA LYS E 235 -8.66 -7.47 35.97
C LYS E 235 -9.50 -8.04 37.11
N PRO E 236 -10.41 -8.99 36.82
CA PRO E 236 -11.23 -9.56 37.89
C PRO E 236 -10.39 -10.23 38.96
N ASN E 237 -10.83 -10.09 40.20
CA ASN E 237 -10.17 -10.60 41.40
C ASN E 237 -8.83 -9.91 41.67
N ASP E 238 -8.50 -8.88 40.92
CA ASP E 238 -7.36 -8.03 41.24
C ASP E 238 -7.82 -6.87 42.10
N ALA E 239 -6.87 -6.28 42.83
CA ALA E 239 -7.16 -5.16 43.71
C ALA E 239 -6.24 -3.99 43.39
N ILE E 240 -6.78 -2.78 43.47
CA ILE E 240 -6.01 -1.55 43.30
C ILE E 240 -5.77 -0.95 44.68
N HIS E 241 -4.58 -0.42 44.90
CA HIS E 241 -4.17 0.08 46.21
C HIS E 241 -3.79 1.56 46.09
N PHE E 242 -4.41 2.38 46.92
CA PHE E 242 -4.22 3.82 46.92
C PHE E 242 -3.56 4.27 48.22
N GLU E 243 -2.49 5.04 48.10
CA GLU E 243 -1.86 5.69 49.25
C GLU E 243 -1.61 7.14 48.89
N SER E 244 -2.11 8.04 49.74
CA SER E 244 -1.96 9.47 49.49
C SER E 244 -2.09 10.24 50.79
N ASN E 245 -1.32 11.31 50.91
CA ASN E 245 -1.43 12.24 52.04
C ASN E 245 -1.76 13.65 51.54
N GLY E 246 -2.46 13.75 50.42
CA GLY E 246 -2.90 15.03 49.89
C GLY E 246 -2.95 15.03 48.38
N ASN E 247 -3.75 15.95 47.84
CA ASN E 247 -3.88 16.21 46.41
C ASN E 247 -4.45 15.02 45.64
N PHE E 248 -5.14 14.11 46.34
CA PHE E 248 -5.70 12.93 45.70
C PHE E 248 -7.09 13.22 45.16
N ILE E 249 -7.32 12.87 43.90
CA ILE E 249 -8.65 12.91 43.31
C ILE E 249 -9.10 11.45 43.24
N ALA E 250 -9.84 11.02 44.25
CA ALA E 250 -10.16 9.60 44.41
C ALA E 250 -11.25 9.16 43.44
N PRO E 251 -11.23 7.89 43.03
CA PRO E 251 -12.34 7.37 42.25
C PRO E 251 -13.58 7.15 43.11
N GLU E 252 -14.74 7.40 42.52
CA GLU E 252 -16.02 7.06 43.13
C GLU E 252 -16.79 6.06 42.28
N TYR E 253 -16.98 6.34 40.99
CA TYR E 253 -17.61 5.43 40.08
C TYR E 253 -16.57 4.85 39.13
N ALA E 254 -16.75 3.59 38.76
CA ALA E 254 -15.92 2.92 37.77
C ALA E 254 -16.82 2.34 36.68
N TYR E 255 -16.21 1.63 35.74
CA TYR E 255 -16.95 1.09 34.59
C TYR E 255 -16.58 -0.37 34.40
N LYS E 256 -17.57 -1.25 34.46
CA LYS E 256 -17.39 -2.61 33.96
C LYS E 256 -17.26 -2.54 32.44
N ILE E 257 -16.24 -3.22 31.91
CA ILE E 257 -15.93 -3.12 30.49
C ILE E 257 -15.65 -4.51 29.92
N VAL E 258 -16.21 -4.78 28.75
CA VAL E 258 -15.96 -6.00 28.00
C VAL E 258 -15.67 -5.61 26.55
N LYS E 259 -14.50 -5.97 26.05
CA LYS E 259 -14.10 -5.62 24.70
C LYS E 259 -13.91 -6.89 23.87
N LYS E 260 -14.57 -6.93 22.71
CA LYS E 260 -14.46 -8.05 21.79
C LYS E 260 -14.09 -7.63 20.38
N GLY E 261 -13.99 -6.33 20.10
CA GLY E 261 -13.68 -5.84 18.77
C GLY E 261 -13.12 -4.45 18.85
N ASP E 262 -12.69 -3.94 17.70
CA ASP E 262 -12.02 -2.65 17.64
C ASP E 262 -12.63 -1.77 16.56
N SER E 263 -12.55 -0.46 16.80
CA SER E 263 -13.11 0.54 15.91
C SER E 263 -12.24 1.78 16.05
N THR E 264 -12.77 2.94 15.67
CA THR E 264 -12.05 4.20 15.85
C THR E 264 -13.05 5.27 16.32
N ILE E 265 -12.58 6.51 16.36
CA ILE E 265 -13.39 7.67 16.72
C ILE E 265 -13.74 8.42 15.44
N MET E 266 -15.02 8.67 15.21
CA MET E 266 -15.48 9.38 14.04
C MET E 266 -15.80 10.84 14.38
N LYS E 267 -15.19 11.75 13.65
CA LYS E 267 -15.43 13.18 13.82
C LYS E 267 -16.55 13.59 12.88
N SER E 268 -17.70 13.96 13.45
CA SER E 268 -18.85 14.36 12.65
C SER E 268 -19.78 15.19 13.52
N GLU E 269 -20.50 16.10 12.87
CA GLU E 269 -21.45 16.98 13.55
C GLU E 269 -22.89 16.53 13.40
N MET E 270 -23.13 15.38 12.79
CA MET E 270 -24.49 14.94 12.50
C MET E 270 -25.08 14.19 13.70
N GLU E 271 -26.34 13.80 13.56
CA GLU E 271 -27.09 13.15 14.63
C GLU E 271 -27.55 11.77 14.19
N TYR E 272 -28.02 10.99 15.16
CA TYR E 272 -28.46 9.63 14.91
C TYR E 272 -29.60 9.60 13.89
N GLY E 273 -29.56 8.61 12.99
CA GLY E 273 -30.50 8.54 11.89
C GLY E 273 -31.45 7.37 11.90
N HIS E 274 -31.39 6.54 12.94
CA HIS E 274 -32.31 5.41 13.13
C HIS E 274 -32.29 4.48 11.91
N CYS E 275 -31.07 4.11 11.50
CA CYS E 275 -30.84 3.30 10.31
C CYS E 275 -29.75 2.28 10.59
N ASN E 276 -29.63 1.31 9.70
CA ASN E 276 -28.59 0.29 9.79
C ASN E 276 -27.69 0.40 8.56
N THR E 277 -26.41 0.09 8.75
CA THR E 277 -25.46 0.16 7.65
C THR E 277 -24.35 -0.86 7.86
N LYS E 278 -23.68 -1.17 6.77
CA LYS E 278 -22.46 -1.96 6.76
C LYS E 278 -21.22 -1.07 6.70
N CYS E 279 -21.37 0.18 6.28
CA CYS E 279 -20.27 1.09 6.03
C CYS E 279 -20.73 2.51 6.36
N GLN E 280 -19.99 3.19 7.22
CA GLN E 280 -20.34 4.53 7.69
C GLN E 280 -19.24 5.52 7.32
N THR E 281 -19.64 6.73 6.97
CA THR E 281 -18.75 7.85 6.71
C THR E 281 -19.22 9.03 7.55
N PRO E 282 -18.34 10.02 7.80
CA PRO E 282 -18.76 11.17 8.60
C PRO E 282 -19.92 11.95 8.01
N ILE E 283 -20.19 11.83 6.71
CA ILE E 283 -21.24 12.59 6.07
C ILE E 283 -22.42 11.73 5.65
N GLY E 284 -22.36 10.43 5.86
CA GLY E 284 -23.48 9.57 5.53
C GLY E 284 -23.06 8.13 5.36
N ALA E 285 -24.05 7.25 5.45
CA ALA E 285 -23.83 5.81 5.30
C ALA E 285 -24.04 5.39 3.86
N ILE E 286 -23.41 4.29 3.48
CA ILE E 286 -23.41 3.82 2.10
C ILE E 286 -23.86 2.36 2.06
N ASN E 287 -24.80 2.07 1.18
CA ASN E 287 -25.28 0.70 0.93
C ASN E 287 -24.96 0.36 -0.52
N SER E 288 -23.89 -0.40 -0.74
CA SER E 288 -23.44 -0.66 -2.09
C SER E 288 -22.69 -1.98 -2.15
N SER E 289 -22.81 -2.65 -3.29
CA SER E 289 -21.96 -3.77 -3.62
C SER E 289 -20.89 -3.40 -4.63
N MET E 290 -20.84 -2.13 -5.04
CA MET E 290 -19.88 -1.68 -6.03
C MET E 290 -18.46 -1.73 -5.47
N PRO E 291 -17.46 -2.05 -6.30
CA PRO E 291 -16.10 -2.19 -5.77
C PRO E 291 -15.44 -0.87 -5.39
N PHE E 292 -15.88 0.26 -5.95
CA PHE E 292 -15.22 1.54 -5.72
C PHE E 292 -16.23 2.61 -5.33
N HIS E 293 -15.76 3.60 -4.56
CA HIS E 293 -16.57 4.75 -4.19
C HIS E 293 -15.65 5.96 -4.08
N ASN E 294 -16.26 7.15 -4.10
CA ASN E 294 -15.51 8.40 -4.01
C ASN E 294 -16.11 9.33 -2.96
N ILE E 295 -16.77 8.77 -1.94
CA ILE E 295 -17.58 9.59 -1.05
C ILE E 295 -16.71 10.24 0.03
N HIS E 296 -15.94 9.44 0.77
CA HIS E 296 -15.18 9.96 1.90
C HIS E 296 -14.12 8.94 2.34
N PRO E 297 -12.91 9.40 2.71
CA PRO E 297 -11.85 8.45 3.07
C PRO E 297 -11.94 7.91 4.49
N LEU E 298 -12.58 8.64 5.41
CA LEU E 298 -12.57 8.25 6.83
C LEU E 298 -13.77 7.35 7.11
N THR E 299 -13.66 6.09 6.68
CA THR E 299 -14.77 5.15 6.74
C THR E 299 -14.61 4.17 7.89
N ILE E 300 -15.74 3.67 8.39
CA ILE E 300 -15.78 2.60 9.36
C ILE E 300 -16.77 1.55 8.85
N GLY E 301 -16.28 0.33 8.66
CA GLY E 301 -17.08 -0.78 8.19
C GLY E 301 -16.46 -1.44 6.98
N GLU E 302 -17.20 -2.38 6.40
CA GLU E 302 -16.80 -3.04 5.16
C GLU E 302 -17.22 -2.16 4.00
N CYS E 303 -16.25 -1.57 3.32
CA CYS E 303 -16.49 -0.47 2.41
C CYS E 303 -15.82 -0.76 1.07
N PRO E 304 -16.32 -0.19 -0.02
CA PRO E 304 -15.59 -0.23 -1.29
C PRO E 304 -14.31 0.58 -1.19
N LYS E 305 -13.43 0.38 -2.17
CA LYS E 305 -12.15 1.07 -2.17
C LYS E 305 -12.34 2.53 -2.55
N TYR E 306 -11.71 3.43 -1.79
CA TYR E 306 -11.77 4.86 -2.05
C TYR E 306 -10.88 5.23 -3.23
N VAL E 307 -11.43 6.01 -4.16
CA VAL E 307 -10.69 6.46 -5.34
C VAL E 307 -11.01 7.93 -5.59
N LYS E 308 -10.10 8.59 -6.30
CA LYS E 308 -10.31 9.96 -6.77
C LYS E 308 -10.84 9.86 -8.20
N SER E 309 -12.15 9.74 -8.34
CA SER E 309 -12.76 9.53 -9.64
C SER E 309 -14.19 10.05 -9.63
N ASN E 310 -14.63 10.57 -10.77
CA ASN E 310 -16.01 11.02 -10.92
C ASN E 310 -16.90 9.96 -11.57
N LYS E 311 -16.34 9.09 -12.40
CA LYS E 311 -17.13 8.07 -13.08
C LYS E 311 -16.26 6.90 -13.47
N LEU E 312 -16.79 5.70 -13.28
CA LEU E 312 -16.17 4.46 -13.75
C LEU E 312 -17.27 3.72 -14.52
N VAL E 313 -17.41 4.04 -15.80
CA VAL E 313 -18.52 3.58 -16.61
C VAL E 313 -18.03 2.46 -17.52
N LEU E 314 -18.56 1.26 -17.32
CA LEU E 314 -18.25 0.11 -18.17
C LEU E 314 -19.26 0.01 -19.30
N ALA E 315 -18.76 -0.11 -20.53
CA ALA E 315 -19.65 -0.37 -21.64
C ALA E 315 -20.18 -1.80 -21.53
N THR E 316 -21.50 -1.95 -21.52
CA THR E 316 -22.12 -3.26 -21.53
C THR E 316 -22.90 -3.54 -22.81
N GLY E 317 -23.16 -2.52 -23.63
CA GLY E 317 -23.83 -2.69 -24.90
C GLY E 317 -22.90 -2.46 -26.08
N LEU E 318 -23.51 -2.17 -27.23
CA LEU E 318 -22.78 -2.03 -28.48
C LEU E 318 -22.46 -0.56 -28.76
N ARG E 319 -21.50 -0.35 -29.65
CA ARG E 319 -21.26 0.99 -30.18
C ARG E 319 -22.48 1.48 -30.93
N ASN E 320 -22.92 2.70 -30.61
CA ASN E 320 -24.15 3.25 -31.16
C ASN E 320 -23.84 4.22 -32.30
N SER E 321 -24.88 4.50 -33.09
CA SER E 321 -24.75 5.43 -34.21
C SER E 321 -25.96 6.36 -34.30
N GLY F 1 -13.39 -1.33 -36.01
CA GLY F 1 -12.87 -2.04 -34.85
C GLY F 1 -11.81 -3.06 -35.22
N LEU F 2 -11.45 -3.92 -34.26
CA LEU F 2 -10.42 -4.92 -34.52
C LEU F 2 -10.82 -5.87 -35.64
N PHE F 3 -12.08 -6.30 -35.64
CA PHE F 3 -12.54 -7.28 -36.62
C PHE F 3 -13.23 -6.66 -37.83
N GLY F 4 -13.29 -5.33 -37.89
CA GLY F 4 -13.63 -4.64 -39.11
C GLY F 4 -15.08 -4.66 -39.51
N ALA F 5 -15.97 -5.21 -38.69
CA ALA F 5 -17.38 -5.30 -39.06
C ALA F 5 -18.19 -4.10 -38.57
N ILE F 6 -18.23 -3.89 -37.24
CA ILE F 6 -18.99 -2.78 -36.70
C ILE F 6 -18.27 -1.48 -37.01
N ALA F 7 -18.99 -0.54 -37.63
CA ALA F 7 -18.43 0.69 -38.19
C ALA F 7 -17.34 0.42 -39.22
N GLY F 8 -17.23 -0.80 -39.71
CA GLY F 8 -16.31 -1.14 -40.77
C GLY F 8 -17.03 -1.24 -42.10
N PHE F 9 -17.14 -2.44 -42.66
CA PHE F 9 -17.93 -2.59 -43.87
C PHE F 9 -19.43 -2.49 -43.56
N ILE F 10 -19.84 -2.83 -42.33
CA ILE F 10 -21.22 -2.64 -41.90
C ILE F 10 -21.30 -1.23 -41.31
N GLU F 11 -21.87 -0.31 -42.09
CA GLU F 11 -21.94 1.09 -41.69
C GLU F 11 -23.18 1.29 -40.81
N GLY F 12 -22.96 1.53 -39.53
CA GLY F 12 -24.04 1.90 -38.63
C GLY F 12 -24.91 0.72 -38.23
N GLY F 13 -25.54 0.87 -37.05
CA GLY F 13 -26.46 -0.12 -36.54
C GLY F 13 -27.89 0.09 -37.05
N TRP F 14 -28.78 -0.77 -36.57
CA TRP F 14 -30.17 -0.80 -37.01
C TRP F 14 -31.08 -0.40 -35.86
N GLN F 15 -31.68 0.79 -35.97
CA GLN F 15 -32.72 1.17 -35.00
C GLN F 15 -33.92 0.25 -35.11
N GLY F 16 -34.18 -0.31 -36.29
CA GLY F 16 -35.34 -1.14 -36.51
C GLY F 16 -35.27 -2.53 -35.92
N MET F 17 -34.08 -3.00 -35.58
CA MET F 17 -33.92 -4.27 -34.88
C MET F 17 -33.97 -4.04 -33.38
N VAL F 18 -34.96 -4.65 -32.72
CA VAL F 18 -35.21 -4.38 -31.30
C VAL F 18 -35.19 -5.66 -30.47
N ASP F 19 -35.22 -6.82 -31.15
CA ASP F 19 -35.35 -8.11 -30.48
C ASP F 19 -34.03 -8.77 -30.11
N GLY F 20 -32.89 -8.15 -30.43
CA GLY F 20 -31.61 -8.76 -30.13
C GLY F 20 -30.45 -7.82 -30.40
N TRP F 21 -29.25 -8.31 -30.09
CA TRP F 21 -28.05 -7.49 -30.29
C TRP F 21 -27.53 -7.61 -31.72
N TYR F 22 -27.55 -8.81 -32.28
CA TYR F 22 -27.11 -9.04 -33.65
C TYR F 22 -28.16 -9.86 -34.38
N GLY F 23 -28.19 -9.71 -35.70
CA GLY F 23 -29.09 -10.54 -36.49
C GLY F 23 -29.10 -10.12 -37.94
N TYR F 24 -30.24 -10.38 -38.58
CA TYR F 24 -30.35 -10.31 -40.03
C TYR F 24 -31.51 -9.41 -40.43
N HIS F 25 -31.35 -8.77 -41.59
CA HIS F 25 -32.44 -8.15 -42.32
C HIS F 25 -32.52 -8.78 -43.70
N HIS F 26 -33.75 -9.04 -44.15
CA HIS F 26 -33.98 -9.71 -45.43
C HIS F 26 -34.94 -8.89 -46.27
N SER F 27 -34.84 -9.07 -47.58
CA SER F 27 -35.75 -8.40 -48.50
C SER F 27 -35.93 -9.29 -49.73
N ASN F 28 -37.16 -9.66 -50.01
CA ASN F 28 -37.50 -10.42 -51.22
C ASN F 28 -38.83 -9.90 -51.74
N GLU F 29 -39.45 -10.64 -52.65
CA GLU F 29 -40.72 -10.19 -53.23
C GLU F 29 -41.87 -10.30 -52.24
N GLN F 30 -41.78 -11.17 -51.24
CA GLN F 30 -42.84 -11.25 -50.25
C GLN F 30 -42.81 -10.08 -49.28
N GLY F 31 -41.62 -9.63 -48.89
CA GLY F 31 -41.54 -8.52 -47.96
C GLY F 31 -40.13 -8.40 -47.39
N SER F 32 -40.04 -7.64 -46.29
CA SER F 32 -38.77 -7.41 -45.63
C SER F 32 -38.98 -7.37 -44.12
N GLY F 33 -37.90 -7.61 -43.37
CA GLY F 33 -37.99 -7.57 -41.93
C GLY F 33 -36.68 -7.97 -41.27
N TYR F 34 -36.61 -7.69 -39.97
CA TYR F 34 -35.45 -8.02 -39.15
C TYR F 34 -35.71 -9.31 -38.37
N ALA F 35 -34.65 -10.10 -38.19
CA ALA F 35 -34.70 -11.29 -37.35
C ALA F 35 -33.44 -11.34 -36.51
N ALA F 36 -33.62 -11.50 -35.20
CA ALA F 36 -32.48 -11.53 -34.28
C ALA F 36 -31.93 -12.93 -34.13
N ASP F 37 -30.60 -13.04 -34.15
CA ASP F 37 -29.92 -14.29 -33.87
C ASP F 37 -29.85 -14.48 -32.35
N ARG F 38 -30.68 -15.38 -31.83
CA ARG F 38 -30.77 -15.53 -30.38
C ARG F 38 -29.53 -16.17 -29.78
N GLU F 39 -28.88 -17.08 -30.51
CA GLU F 39 -27.74 -17.80 -29.95
C GLU F 39 -26.59 -16.85 -29.63
N SER F 40 -26.17 -16.05 -30.62
CA SER F 40 -25.05 -15.14 -30.38
C SER F 40 -25.44 -14.02 -29.42
N THR F 41 -26.68 -13.54 -29.51
CA THR F 41 -27.12 -12.50 -28.59
C THR F 41 -27.08 -12.98 -27.14
N GLN F 42 -27.58 -14.20 -26.89
CA GLN F 42 -27.60 -14.71 -25.53
C GLN F 42 -26.18 -14.97 -25.01
N LYS F 43 -25.31 -15.52 -25.86
CA LYS F 43 -23.94 -15.75 -25.43
C LYS F 43 -23.25 -14.44 -25.09
N ALA F 44 -23.44 -13.42 -25.93
CA ALA F 44 -22.81 -12.12 -25.68
C ALA F 44 -23.34 -11.48 -24.40
N ILE F 45 -24.65 -11.58 -24.17
CA ILE F 45 -25.23 -11.04 -22.94
C ILE F 45 -24.66 -11.74 -21.72
N ASP F 46 -24.55 -13.08 -21.78
CA ASP F 46 -23.99 -13.83 -20.67
C ASP F 46 -22.53 -13.50 -20.45
N GLY F 47 -21.76 -13.35 -21.53
CA GLY F 47 -20.35 -13.00 -21.39
C GLY F 47 -20.17 -11.63 -20.77
N VAL F 48 -20.91 -10.65 -21.28
CA VAL F 48 -20.82 -9.29 -20.77
C VAL F 48 -21.29 -9.22 -19.32
N THR F 49 -22.36 -9.96 -19.00
CA THR F 49 -22.83 -10.01 -17.62
C THR F 49 -21.77 -10.63 -16.71
N ASN F 50 -21.12 -11.70 -17.17
CA ASN F 50 -20.04 -12.30 -16.39
C ASN F 50 -18.91 -11.31 -16.20
N LYS F 51 -18.60 -10.51 -17.23
CA LYS F 51 -17.50 -9.56 -17.14
C LYS F 51 -17.77 -8.53 -16.04
N VAL F 52 -18.96 -7.92 -16.05
CA VAL F 52 -19.30 -6.96 -15.02
C VAL F 52 -19.29 -7.64 -13.65
N ASN F 53 -19.89 -8.83 -13.56
CA ASN F 53 -19.93 -9.54 -12.28
C ASN F 53 -18.54 -9.90 -11.80
N SER F 54 -17.66 -10.32 -12.71
CA SER F 54 -16.29 -10.64 -12.31
C SER F 54 -15.57 -9.40 -11.78
N ILE F 55 -15.75 -8.27 -12.44
CA ILE F 55 -15.09 -7.03 -12.02
C ILE F 55 -15.60 -6.61 -10.64
N ILE F 56 -16.83 -6.98 -10.31
CA ILE F 56 -17.42 -6.62 -9.02
C ILE F 56 -17.15 -7.70 -7.97
N ASP F 57 -17.39 -8.97 -8.33
CA ASP F 57 -17.33 -10.05 -7.32
C ASP F 57 -15.91 -10.31 -6.84
N LYS F 58 -14.90 -10.10 -7.69
CA LYS F 58 -13.54 -10.41 -7.28
C LYS F 58 -12.98 -9.41 -6.27
N MET F 59 -13.66 -8.29 -6.04
CA MET F 59 -13.20 -7.34 -5.03
C MET F 59 -13.34 -7.94 -3.64
N ASN F 60 -12.35 -7.71 -2.80
CA ASN F 60 -12.35 -8.20 -1.43
C ASN F 60 -12.47 -7.03 -0.47
N THR F 61 -13.51 -7.05 0.36
CA THR F 61 -13.75 -5.99 1.32
C THR F 61 -13.69 -6.56 2.73
N GLN F 62 -12.97 -5.88 3.61
CA GLN F 62 -12.86 -6.27 5.01
C GLN F 62 -13.08 -5.05 5.87
N PHE F 63 -13.46 -5.30 7.12
CA PHE F 63 -13.77 -4.23 8.05
C PHE F 63 -12.51 -3.42 8.35
N GLU F 64 -12.63 -2.09 8.25
CA GLU F 64 -11.56 -1.19 8.65
C GLU F 64 -12.17 -0.02 9.41
N ALA F 65 -11.38 0.59 10.28
CA ALA F 65 -11.79 1.75 11.06
C ALA F 65 -10.77 2.86 10.82
N VAL F 66 -11.10 3.78 9.92
CA VAL F 66 -10.21 4.85 9.49
C VAL F 66 -10.56 6.11 10.26
N GLY F 67 -9.60 6.64 11.01
CA GLY F 67 -9.78 7.87 11.78
C GLY F 67 -8.50 8.68 11.89
N ARG F 68 -8.50 9.68 12.76
CA ARG F 68 -7.32 10.52 13.02
C ARG F 68 -7.06 10.47 14.52
N GLU F 69 -6.30 9.47 14.96
CA GLU F 69 -6.17 9.15 16.37
C GLU F 69 -4.81 9.55 16.95
N PHE F 70 -4.01 10.33 16.24
CA PHE F 70 -2.71 10.74 16.73
C PHE F 70 -2.72 12.23 17.08
N ASN F 71 -1.95 12.59 18.09
CA ASN F 71 -2.00 13.93 18.68
C ASN F 71 -0.94 14.83 18.05
N ASN F 72 -0.78 16.03 18.64
CA ASN F 72 0.12 17.04 18.05
C ASN F 72 1.58 16.61 18.13
N LEU F 73 1.94 15.74 19.06
CA LEU F 73 3.30 15.25 19.20
C LEU F 73 3.51 13.90 18.53
N GLU F 74 2.64 13.55 17.58
CA GLU F 74 2.75 12.31 16.84
C GLU F 74 2.55 12.57 15.34
N ARG F 75 3.00 13.74 14.86
CA ARG F 75 2.79 14.09 13.46
C ARG F 75 3.54 13.14 12.53
N ARG F 76 4.71 12.67 12.94
CA ARG F 76 5.48 11.76 12.09
C ARG F 76 4.70 10.49 11.79
N ILE F 77 4.02 9.94 12.80
CA ILE F 77 3.21 8.73 12.58
C ILE F 77 2.02 9.05 11.70
N GLU F 78 1.36 10.19 11.91
CA GLU F 78 0.25 10.59 11.04
C GLU F 78 0.72 10.77 9.61
N ASN F 79 1.94 11.27 9.42
CA ASN F 79 2.47 11.36 8.06
C ASN F 79 2.62 9.98 7.44
N LEU F 80 3.01 8.98 8.24
CA LEU F 80 3.06 7.61 7.75
C LEU F 80 1.67 7.16 7.29
N ASN F 81 0.65 7.45 8.09
CA ASN F 81 -0.71 7.10 7.72
C ASN F 81 -1.17 7.85 6.47
N LYS F 82 -0.80 9.12 6.36
CA LYS F 82 -1.12 9.88 5.15
C LYS F 82 -0.43 9.29 3.93
N LYS F 83 0.85 8.95 4.05
CA LYS F 83 1.55 8.36 2.90
C LYS F 83 0.94 7.02 2.54
N MET F 84 0.47 6.26 3.54
CA MET F 84 -0.19 4.99 3.26
C MET F 84 -1.56 5.20 2.62
N GLU F 85 -2.36 6.12 3.17
CA GLU F 85 -3.71 6.32 2.65
C GLU F 85 -3.68 6.87 1.22
N ASP F 86 -2.78 7.82 0.96
CA ASP F 86 -2.63 8.34 -0.39
C ASP F 86 -2.03 7.31 -1.33
N GLY F 87 -1.16 6.43 -0.82
CA GLY F 87 -0.61 5.37 -1.66
C GLY F 87 -1.68 4.42 -2.17
N PHE F 88 -2.62 4.02 -1.30
CA PHE F 88 -3.67 3.12 -1.75
C PHE F 88 -4.66 3.83 -2.65
N LEU F 89 -4.92 5.12 -2.40
CA LEU F 89 -5.80 5.86 -3.29
C LEU F 89 -5.22 5.96 -4.69
N ASP F 90 -3.91 6.21 -4.78
CA ASP F 90 -3.27 6.24 -6.10
C ASP F 90 -3.33 4.89 -6.77
N VAL F 91 -3.06 3.81 -6.02
CA VAL F 91 -3.05 2.47 -6.61
C VAL F 91 -4.44 2.12 -7.13
N TRP F 92 -5.46 2.28 -6.28
CA TRP F 92 -6.81 1.90 -6.66
C TRP F 92 -7.35 2.76 -7.79
N THR F 93 -7.05 4.06 -7.78
CA THR F 93 -7.54 4.94 -8.83
C THR F 93 -6.98 4.55 -10.19
N TYR F 94 -5.65 4.38 -10.28
CA TYR F 94 -5.01 4.03 -11.55
C TYR F 94 -5.52 2.70 -12.07
N ASN F 95 -5.60 1.69 -11.19
CA ASN F 95 -6.07 0.38 -11.61
C ASN F 95 -7.54 0.44 -12.04
N ALA F 96 -8.37 1.16 -11.29
CA ALA F 96 -9.79 1.25 -11.64
C ALA F 96 -9.99 1.96 -12.97
N GLU F 97 -9.28 3.07 -13.18
CA GLU F 97 -9.41 3.80 -14.43
C GLU F 97 -8.95 2.96 -15.61
N LEU F 98 -7.76 2.36 -15.51
CA LEU F 98 -7.21 1.60 -16.64
C LEU F 98 -7.99 0.33 -16.88
N LEU F 99 -8.52 -0.29 -15.83
CA LEU F 99 -9.34 -1.48 -16.02
C LEU F 99 -10.60 -1.15 -16.83
N VAL F 100 -11.24 -0.02 -16.50
CA VAL F 100 -12.41 0.40 -17.26
C VAL F 100 -12.04 0.69 -18.71
N LEU F 101 -10.93 1.39 -18.92
CA LEU F 101 -10.50 1.70 -20.29
C LEU F 101 -10.20 0.44 -21.08
N MET F 102 -9.48 -0.51 -20.47
CA MET F 102 -9.11 -1.73 -21.18
C MET F 102 -10.31 -2.64 -21.42
N GLU F 103 -11.21 -2.72 -20.44
CA GLU F 103 -12.36 -3.62 -20.58
C GLU F 103 -13.34 -3.10 -21.60
N ASN F 104 -13.51 -1.78 -21.69
CA ASN F 104 -14.40 -1.22 -22.70
C ASN F 104 -13.88 -1.47 -24.11
N GLU F 105 -12.55 -1.35 -24.30
CA GLU F 105 -11.99 -1.66 -25.61
C GLU F 105 -12.26 -3.11 -25.98
N ARG F 106 -12.09 -4.03 -25.03
CA ARG F 106 -12.34 -5.44 -25.31
C ARG F 106 -13.82 -5.70 -25.55
N THR F 107 -14.70 -5.06 -24.78
CA THR F 107 -16.14 -5.25 -24.95
C THR F 107 -16.59 -4.82 -26.34
N LEU F 108 -16.14 -3.66 -26.81
CA LEU F 108 -16.49 -3.21 -28.16
C LEU F 108 -15.92 -4.15 -29.22
N ASP F 109 -14.69 -4.63 -29.01
CA ASP F 109 -14.12 -5.59 -29.96
C ASP F 109 -14.84 -6.94 -29.89
N PHE F 110 -15.38 -7.28 -28.72
CA PHE F 110 -16.16 -8.50 -28.60
C PHE F 110 -17.42 -8.44 -29.46
N HIS F 111 -18.13 -7.32 -29.42
CA HIS F 111 -19.32 -7.16 -30.28
C HIS F 111 -18.92 -7.19 -31.75
N ASP F 112 -17.81 -6.53 -32.09
CA ASP F 112 -17.33 -6.54 -33.46
C ASP F 112 -17.03 -7.97 -33.91
N SER F 113 -16.40 -8.76 -33.04
CA SER F 113 -16.12 -10.15 -33.34
C SER F 113 -17.39 -10.95 -33.60
N ASN F 114 -18.39 -10.79 -32.73
CA ASN F 114 -19.61 -11.58 -32.85
C ASN F 114 -20.30 -11.29 -34.18
N VAL F 115 -20.29 -10.02 -34.61
CA VAL F 115 -20.95 -9.68 -35.87
C VAL F 115 -20.22 -10.31 -37.05
N LYS F 116 -18.88 -10.24 -37.03
CA LYS F 116 -18.10 -10.81 -38.14
C LYS F 116 -18.32 -12.31 -38.26
N ASN F 117 -18.37 -13.01 -37.12
CA ASN F 117 -18.60 -14.46 -37.18
C ASN F 117 -19.94 -14.77 -37.83
N LEU F 118 -20.99 -14.00 -37.49
CA LEU F 118 -22.30 -14.19 -38.12
C LEU F 118 -22.23 -13.92 -39.62
N TYR F 119 -21.51 -12.87 -40.02
CA TYR F 119 -21.34 -12.58 -41.43
C TYR F 119 -20.62 -13.71 -42.16
N ASP F 120 -19.53 -14.22 -41.57
CA ASP F 120 -18.73 -15.23 -42.26
C ASP F 120 -19.52 -16.52 -42.46
N LYS F 121 -20.34 -16.90 -41.48
CA LYS F 121 -21.15 -18.12 -41.62
C LYS F 121 -22.09 -18.02 -42.83
N VAL F 122 -22.69 -16.85 -43.04
CA VAL F 122 -23.56 -16.66 -44.19
C VAL F 122 -22.76 -16.74 -45.49
N ARG F 123 -21.56 -16.13 -45.51
CA ARG F 123 -20.78 -16.08 -46.74
C ARG F 123 -20.37 -17.48 -47.20
N LEU F 124 -19.96 -18.34 -46.26
CA LEU F 124 -19.56 -19.70 -46.63
C LEU F 124 -20.73 -20.49 -47.21
N GLN F 125 -21.93 -20.32 -46.64
CA GLN F 125 -23.11 -21.00 -47.17
C GLN F 125 -23.42 -20.54 -48.59
N LEU F 126 -23.50 -19.23 -48.80
CA LEU F 126 -24.00 -18.70 -50.07
C LEU F 126 -23.02 -18.95 -51.21
N ARG F 127 -21.72 -18.80 -50.95
CA ARG F 127 -20.67 -18.99 -51.96
C ARG F 127 -20.96 -18.02 -53.11
N ASP F 128 -20.95 -18.47 -54.37
CA ASP F 128 -21.21 -17.62 -55.51
C ASP F 128 -22.68 -17.58 -55.89
N ASN F 129 -23.56 -18.26 -55.14
CA ASN F 129 -24.99 -18.12 -55.35
C ASN F 129 -25.47 -16.71 -55.01
N ALA F 130 -24.68 -15.94 -54.27
CA ALA F 130 -25.01 -14.56 -53.95
C ALA F 130 -23.76 -13.71 -54.06
N LYS F 131 -23.97 -12.43 -54.31
CA LYS F 131 -22.88 -11.47 -54.47
C LYS F 131 -22.63 -10.75 -53.14
N GLU F 132 -21.37 -10.72 -52.72
CA GLU F 132 -20.98 -9.91 -51.56
C GLU F 132 -21.00 -8.44 -51.95
N LEU F 133 -21.79 -7.65 -51.25
CA LEU F 133 -21.88 -6.23 -51.56
C LEU F 133 -20.76 -5.41 -50.93
N GLY F 134 -20.04 -5.97 -49.95
CA GLY F 134 -19.04 -5.21 -49.24
C GLY F 134 -19.58 -4.29 -48.17
N ASN F 135 -20.87 -4.36 -47.87
CA ASN F 135 -21.48 -3.55 -46.82
C ASN F 135 -22.18 -4.39 -45.76
N GLY F 136 -21.98 -5.71 -45.78
CA GLY F 136 -22.67 -6.59 -44.88
C GLY F 136 -23.91 -7.24 -45.46
N CYS F 137 -24.21 -6.98 -46.73
CA CYS F 137 -25.38 -7.52 -47.40
C CYS F 137 -24.95 -8.48 -48.49
N PHE F 138 -25.84 -9.43 -48.81
CA PHE F 138 -25.65 -10.37 -49.90
C PHE F 138 -26.83 -10.27 -50.85
N GLU F 139 -26.55 -10.03 -52.13
CA GLU F 139 -27.59 -10.02 -53.16
C GLU F 139 -27.67 -11.39 -53.80
N PHE F 140 -28.77 -12.09 -53.58
CA PHE F 140 -28.95 -13.42 -54.15
C PHE F 140 -29.06 -13.33 -55.67
N TYR F 141 -28.42 -14.28 -56.34
CA TYR F 141 -28.56 -14.46 -57.78
C TYR F 141 -29.78 -15.29 -58.14
N HIS F 142 -30.48 -15.83 -57.16
CA HIS F 142 -31.68 -16.62 -57.36
C HIS F 142 -32.80 -16.08 -56.46
N LYS F 143 -34.01 -16.58 -56.69
CA LYS F 143 -35.14 -16.20 -55.85
C LYS F 143 -35.04 -16.91 -54.51
N CYS F 144 -35.01 -16.13 -53.43
CA CYS F 144 -34.89 -16.68 -52.08
C CYS F 144 -36.13 -16.24 -51.30
N ASP F 145 -37.06 -17.17 -51.12
CA ASP F 145 -38.33 -16.86 -50.47
C ASP F 145 -38.14 -16.89 -48.95
N ASN F 146 -39.25 -16.72 -48.22
CA ASN F 146 -39.16 -16.63 -46.76
C ASN F 146 -38.61 -17.91 -46.15
N GLU F 147 -38.84 -19.07 -46.78
CA GLU F 147 -38.28 -20.32 -46.27
C GLU F 147 -36.80 -20.45 -46.61
N CYS F 148 -36.41 -19.98 -47.80
CA CYS F 148 -35.00 -19.93 -48.16
C CYS F 148 -34.20 -19.02 -47.22
N MET F 149 -34.79 -17.88 -46.84
CA MET F 149 -34.12 -16.97 -45.93
C MET F 149 -33.86 -17.62 -44.56
N GLU F 150 -34.86 -18.35 -44.05
CA GLU F 150 -34.68 -19.03 -42.77
C GLU F 150 -33.58 -20.09 -42.86
N SER F 151 -33.47 -20.76 -44.00
CA SER F 151 -32.40 -21.74 -44.18
C SER F 151 -31.04 -21.08 -44.06
N VAL F 152 -30.89 -19.88 -44.62
CA VAL F 152 -29.65 -19.13 -44.47
C VAL F 152 -29.44 -18.75 -43.01
N ARG F 153 -30.51 -18.37 -42.31
CA ARG F 153 -30.40 -17.94 -40.93
C ARG F 153 -30.00 -19.07 -40.00
N ASN F 154 -30.50 -20.28 -40.25
CA ASN F 154 -30.26 -21.41 -39.34
C ASN F 154 -29.28 -22.44 -39.89
N GLY F 155 -28.57 -22.12 -40.98
CA GLY F 155 -27.47 -22.93 -41.44
C GLY F 155 -27.80 -23.98 -42.48
N THR F 156 -29.08 -24.24 -42.76
CA THR F 156 -29.48 -25.33 -43.66
C THR F 156 -29.70 -24.87 -45.09
N TYR F 157 -29.00 -23.83 -45.54
CA TYR F 157 -29.17 -23.35 -46.90
C TYR F 157 -28.58 -24.36 -47.89
N ASP F 158 -29.35 -24.69 -48.92
CA ASP F 158 -29.00 -25.75 -49.88
C ASP F 158 -28.41 -25.11 -51.13
N TYR F 159 -27.08 -25.10 -51.21
CA TYR F 159 -26.40 -24.54 -52.39
C TYR F 159 -26.76 -25.25 -53.69
N PRO F 160 -26.72 -26.58 -53.79
CA PRO F 160 -26.97 -27.20 -55.11
C PRO F 160 -28.36 -26.92 -55.66
N GLN F 161 -29.36 -26.77 -54.80
CA GLN F 161 -30.72 -26.57 -55.26
C GLN F 161 -30.84 -25.33 -56.13
N TYR F 162 -30.16 -24.25 -55.75
CA TYR F 162 -30.20 -22.99 -56.48
C TYR F 162 -28.98 -22.76 -57.36
N SER F 163 -28.05 -23.71 -57.42
CA SER F 163 -26.81 -23.48 -58.16
C SER F 163 -27.08 -23.21 -59.63
N GLU F 164 -27.99 -23.98 -60.23
CA GLU F 164 -28.36 -23.75 -61.62
C GLU F 164 -28.96 -22.35 -61.79
N GLU F 165 -30.10 -22.10 -61.13
CA GLU F 165 -30.79 -20.83 -61.28
C GLU F 165 -29.85 -19.65 -61.05
N ALA F 166 -28.96 -19.76 -60.06
CA ALA F 166 -27.97 -18.72 -59.85
C ALA F 166 -27.05 -18.59 -61.06
N ARG F 167 -26.60 -19.71 -61.62
CA ARG F 167 -25.63 -19.67 -62.70
C ARG F 167 -26.17 -18.95 -63.93
N LEU F 168 -27.44 -19.21 -64.29
CA LEU F 168 -28.03 -18.54 -65.44
C LEU F 168 -28.06 -17.03 -65.24
N LYS F 169 -28.37 -16.57 -64.02
CA LYS F 169 -28.42 -15.14 -63.74
C LYS F 169 -27.03 -14.51 -63.85
N ARG F 170 -25.98 -15.24 -63.46
CA ARG F 170 -24.63 -14.69 -63.55
C ARG F 170 -24.27 -14.34 -64.99
N GLU F 171 -24.71 -15.16 -65.95
CA GLU F 171 -24.42 -14.89 -67.35
C GLU F 171 -25.13 -13.63 -67.84
N GLU F 172 -26.38 -13.43 -67.42
CA GLU F 172 -27.17 -12.31 -67.94
C GLU F 172 -26.52 -10.98 -67.60
N ILE F 173 -26.07 -10.81 -66.36
CA ILE F 173 -25.35 -9.60 -65.99
C ILE F 173 -23.98 -9.55 -66.66
N SER F 174 -23.34 -10.71 -66.83
CA SER F 174 -22.02 -10.76 -67.45
C SER F 174 -22.06 -10.28 -68.90
N SER F 175 -23.08 -10.68 -69.65
CA SER F 175 -23.19 -10.37 -71.06
C SER F 175 -23.81 -9.00 -71.32
N GLY F 176 -23.92 -8.16 -70.29
CA GLY F 176 -24.55 -6.86 -70.48
C GLY F 176 -26.01 -6.95 -70.89
N ARG F 177 -26.76 -7.88 -70.29
CA ARG F 177 -28.16 -8.11 -70.64
C ARG F 177 -29.05 -7.97 -69.41
#